data_4ZMU
#
_entry.id   4ZMU
#
_cell.length_a   73.609
_cell.length_b   109.083
_cell.length_c   111.850
_cell.angle_alpha   90.00
_cell.angle_beta   95.88
_cell.angle_gamma   90.00
#
_symmetry.space_group_name_H-M   'P 1 21 1'
#
loop_
_entity.id
_entity.type
_entity.pdbx_description
1 polymer 'diguanylate cyclase'
2 water water
#
_entity_poly.entity_id   1
_entity_poly.type   'polypeptide(L)'
_entity_poly.pdbx_seq_one_letter_code
;GPGSMLACPLPPDEALRQQALDDMALVDTPAEHYLDALVELARETFGVKTVLISLIDHDRQWFKARIGLDAEQTPRDLSF
CGHAILASEPLMVTDASRDPRFHDNPLVTGPPFIRFYAGEPLHASNGQAIGTLCLIDPSPRLLDLREGRQLNRLSILAEG
YLQLRSLTEHTRFLRQEIDREQRKSLLDPLTQLWNRAGFHALHQHELELARASDQRIGIIYSDIDHFKRINDTLGHRAGD
SVLREAASRLRAALRPEDLLARFGGEEFVAMVRVRETTELTMIANRIRELMEATPIDCAGTSVPVTISAGCTLAGSGEEP
ERALARADAALYDAKRAGRNRVVSV
;
_entity_poly.pdbx_strand_id   A,B,C,D
#
# COMPACT_ATOMS: atom_id res chain seq x y z
N MET A 5 20.59 30.28 43.00
CA MET A 5 19.96 30.21 41.68
C MET A 5 18.59 30.91 41.67
N LEU A 6 18.31 31.63 40.57
CA LEU A 6 17.15 32.52 40.46
C LEU A 6 15.80 31.77 40.44
N ALA A 7 14.71 32.52 40.23
CA ALA A 7 13.36 31.95 40.10
C ALA A 7 13.23 31.21 38.77
N CYS A 8 14.04 31.64 37.80
CA CYS A 8 14.33 30.84 36.63
C CYS A 8 15.83 30.57 36.58
N PRO A 9 16.23 29.33 36.87
CA PRO A 9 17.66 29.01 37.00
C PRO A 9 18.41 29.04 35.66
N LEU A 10 19.67 29.46 35.70
CA LEU A 10 20.54 29.48 34.53
C LEU A 10 21.24 28.14 34.34
N PRO A 11 21.47 27.73 33.09
CA PRO A 11 22.32 26.56 32.87
C PRO A 11 23.75 26.88 33.36
N PRO A 12 24.51 25.88 33.81
CA PRO A 12 25.90 26.14 34.22
C PRO A 12 26.79 26.74 33.10
N ASP A 13 26.52 26.41 31.85
CA ASP A 13 27.26 27.01 30.73
C ASP A 13 26.56 28.25 30.13
N GLU A 14 25.92 29.04 30.98
CA GLU A 14 25.24 30.26 30.54
C GLU A 14 26.14 31.12 29.67
N ALA A 15 27.37 31.36 30.12
CA ALA A 15 28.28 32.19 29.33
C ALA A 15 28.31 31.77 27.85
N LEU A 16 28.64 30.49 27.63
CA LEU A 16 28.76 29.93 26.28
C LEU A 16 27.44 29.95 25.54
N ARG A 17 26.36 29.71 26.28
CA ARG A 17 25.02 29.71 25.69
C ARG A 17 24.72 31.10 25.15
N GLN A 18 24.88 32.13 25.97
CA GLN A 18 24.65 33.52 25.57
C GLN A 18 25.54 33.90 24.36
N GLN A 19 26.69 33.25 24.24
CA GLN A 19 27.62 33.57 23.17
C GLN A 19 27.18 32.97 21.82
N ALA A 20 26.63 31.76 21.86
CA ALA A 20 26.11 31.14 20.65
C ALA A 20 24.97 31.99 20.08
N LEU A 21 24.15 32.54 20.98
CA LEU A 21 23.10 33.48 20.57
C LEU A 21 23.62 34.84 20.04
N ASP A 22 24.66 35.40 20.69
CA ASP A 22 25.25 36.65 20.21
C ASP A 22 25.80 36.48 18.79
N ASP A 23 26.44 35.35 18.51
CA ASP A 23 27.04 35.14 17.19
C ASP A 23 26.01 34.92 16.09
N MET A 24 24.73 35.02 16.44
CA MET A 24 23.71 34.85 15.42
C MET A 24 23.06 36.18 15.06
N ALA A 25 23.55 37.27 15.65
CA ALA A 25 23.00 38.59 15.34
C ALA A 25 21.45 38.54 15.22
N LEU A 26 20.82 38.03 16.27
CA LEU A 26 19.41 37.70 16.22
C LEU A 26 18.54 38.55 17.16
N VAL A 27 18.96 38.71 18.41
CA VAL A 27 18.18 39.54 19.33
C VAL A 27 18.14 40.99 18.83
N ASP A 28 17.00 41.63 18.98
CA ASP A 28 16.87 43.00 18.49
C ASP A 28 17.14 43.09 16.95
N THR A 29 16.46 42.25 16.17
CA THR A 29 16.39 42.39 14.73
C THR A 29 14.91 42.34 14.37
N PRO A 30 14.52 42.84 13.19
CA PRO A 30 13.12 42.83 12.76
C PRO A 30 12.53 41.43 12.57
N ALA A 31 11.21 41.35 12.69
CA ALA A 31 10.44 40.17 12.28
C ALA A 31 10.81 39.77 10.87
N GLU A 32 10.62 38.50 10.54
CA GLU A 32 10.86 38.05 9.17
C GLU A 32 9.67 37.28 8.65
N HIS A 33 9.33 37.53 7.39
CA HIS A 33 8.13 36.94 6.83
C HIS A 33 8.05 35.46 7.21
N TYR A 34 9.13 34.73 6.97
CA TYR A 34 9.12 33.27 7.11
C TYR A 34 8.75 32.85 8.52
N LEU A 35 9.40 33.45 9.51
CA LEU A 35 9.10 33.09 10.88
C LEU A 35 7.67 33.51 11.27
N ASP A 36 7.20 34.65 10.79
CA ASP A 36 5.80 35.06 10.96
C ASP A 36 4.86 33.96 10.43
N ALA A 37 5.17 33.42 9.25
CA ALA A 37 4.29 32.43 8.66
C ALA A 37 4.31 31.17 9.51
N LEU A 38 5.50 30.79 9.95
CA LEU A 38 5.66 29.59 10.76
C LEU A 38 4.83 29.64 12.06
N VAL A 39 4.86 30.76 12.78
CA VAL A 39 4.08 30.83 14.02
C VAL A 39 2.59 30.83 13.67
N GLU A 40 2.21 31.56 12.63
CA GLU A 40 0.82 31.50 12.18
C GLU A 40 0.38 30.07 11.82
N LEU A 41 1.20 29.35 11.06
CA LEU A 41 0.93 27.97 10.74
C LEU A 41 0.79 27.12 12.01
N ALA A 42 1.65 27.36 12.99
CA ALA A 42 1.58 26.58 14.21
C ALA A 42 0.26 26.88 14.94
N ARG A 43 -0.10 28.15 15.04
CA ARG A 43 -1.32 28.51 15.73
C ARG A 43 -2.50 27.81 15.10
N GLU A 44 -2.63 27.95 13.80
CA GLU A 44 -3.73 27.32 13.08
C GLU A 44 -3.75 25.79 13.25
N THR A 45 -2.57 25.17 13.25
CA THR A 45 -2.43 23.72 13.34
C THR A 45 -3.04 23.17 14.62
N PHE A 46 -2.79 23.84 15.72
CA PHE A 46 -3.18 23.31 17.01
C PHE A 46 -4.39 24.04 17.59
N GLY A 47 -4.72 25.21 17.06
CA GLY A 47 -5.87 25.93 17.57
C GLY A 47 -5.63 26.77 18.81
N VAL A 48 -4.38 26.85 19.26
CA VAL A 48 -4.07 27.64 20.43
C VAL A 48 -4.17 29.14 20.19
N LYS A 49 -4.12 29.92 21.26
CA LYS A 49 -4.30 31.36 21.16
C LYS A 49 -2.99 32.09 20.80
N THR A 50 -1.87 31.58 21.30
CA THR A 50 -0.59 32.27 21.24
C THR A 50 0.51 31.33 20.71
N VAL A 51 1.46 31.87 19.96
CA VAL A 51 2.60 31.08 19.55
C VAL A 51 3.77 32.01 19.56
N LEU A 52 4.89 31.58 20.11
CA LEU A 52 6.05 32.45 20.18
C LEU A 52 7.31 31.81 19.61
N ILE A 53 8.20 32.63 19.04
CA ILE A 53 9.59 32.24 18.91
C ILE A 53 10.36 33.19 19.83
N SER A 54 10.66 32.64 20.99
CA SER A 54 11.14 33.40 22.09
C SER A 54 12.64 33.09 22.21
N LEU A 55 13.48 34.13 22.31
CA LEU A 55 14.91 33.96 22.52
C LEU A 55 15.35 34.37 23.94
N ILE A 56 16.09 33.51 24.62
CA ILE A 56 16.50 33.77 25.98
C ILE A 56 17.80 34.56 25.99
N ASP A 57 17.68 35.85 26.32
CA ASP A 57 18.76 36.80 26.12
C ASP A 57 19.05 37.50 27.47
N HIS A 58 20.18 37.14 28.08
CA HIS A 58 20.54 37.67 29.40
C HIS A 58 19.33 37.52 30.34
N ASP A 59 18.78 38.63 30.82
CA ASP A 59 17.66 38.54 31.75
C ASP A 59 16.28 38.77 31.18
N ARG A 60 16.14 38.54 29.88
CA ARG A 60 14.84 38.64 29.28
C ARG A 60 14.55 37.48 28.34
N GLN A 61 13.31 37.41 27.92
CA GLN A 61 12.87 36.52 26.90
C GLN A 61 12.44 37.47 25.75
N TRP A 62 13.19 37.53 24.66
CA TRP A 62 12.86 38.47 23.57
C TRP A 62 12.25 37.74 22.37
N PHE A 63 11.12 38.25 21.86
CA PHE A 63 10.39 37.56 20.78
C PHE A 63 10.77 37.94 19.33
N LYS A 64 11.37 37.00 18.60
CA LYS A 64 11.72 37.20 17.19
C LYS A 64 10.48 37.11 16.29
N ALA A 65 9.48 36.35 16.74
CA ALA A 65 8.19 36.30 16.07
C ALA A 65 7.14 36.02 17.10
N ARG A 66 5.94 36.53 16.88
CA ARG A 66 4.86 36.22 17.79
C ARG A 66 3.53 36.32 17.11
N ILE A 67 2.53 35.72 17.74
CA ILE A 67 1.15 35.84 17.32
C ILE A 67 0.29 35.53 18.54
N GLY A 68 -0.73 36.36 18.76
CA GLY A 68 -1.55 36.23 19.95
C GLY A 68 -0.87 36.79 21.19
N LEU A 69 -0.01 37.77 21.01
CA LEU A 69 0.64 38.38 22.15
C LEU A 69 1.24 39.74 21.77
N ASP A 70 0.90 40.75 22.57
CA ASP A 70 1.26 42.12 22.29
C ASP A 70 2.64 42.52 22.87
N ALA A 71 3.05 41.87 23.95
CA ALA A 71 4.33 42.15 24.59
C ALA A 71 5.51 41.91 23.67
N GLU A 72 6.52 42.76 23.73
CA GLU A 72 7.69 42.57 22.89
C GLU A 72 8.75 41.73 23.59
N GLN A 73 8.59 41.57 24.89
CA GLN A 73 9.54 40.81 25.70
C GLN A 73 9.04 40.61 27.12
N THR A 74 9.74 39.79 27.88
CA THR A 74 9.33 39.41 29.24
C THR A 74 10.60 39.14 30.03
N PRO A 75 10.60 39.47 31.34
CA PRO A 75 11.82 39.09 32.07
C PRO A 75 11.99 37.55 32.14
N ARG A 76 13.23 37.09 32.19
CA ARG A 76 13.51 35.66 32.16
C ARG A 76 12.76 34.93 33.28
N ASP A 77 12.80 35.53 34.48
CA ASP A 77 12.14 35.00 35.66
C ASP A 77 10.63 34.79 35.48
N LEU A 78 10.03 35.48 34.52
CA LEU A 78 8.60 35.26 34.24
C LEU A 78 8.37 34.24 33.14
N SER A 79 9.45 33.79 32.50
CA SER A 79 9.33 32.93 31.32
C SER A 79 9.15 31.46 31.63
N PHE A 80 8.49 30.76 30.70
CA PHE A 80 8.45 29.31 30.71
C PHE A 80 9.64 28.87 29.89
N CYS A 81 9.82 29.55 28.76
CA CYS A 81 10.88 29.18 27.83
C CYS A 81 12.26 29.14 28.51
N GLY A 82 12.43 29.93 29.56
CA GLY A 82 13.69 29.98 30.29
C GLY A 82 13.97 28.66 31.01
N HIS A 83 12.90 27.94 31.36
CA HIS A 83 13.04 26.61 31.91
C HIS A 83 13.21 25.59 30.78
N ALA A 84 12.48 25.81 29.68
CA ALA A 84 12.49 24.88 28.56
C ALA A 84 13.87 24.73 27.90
N ILE A 85 14.70 25.79 27.91
CA ILE A 85 16.07 25.69 27.38
C ILE A 85 17.03 24.90 28.27
N LEU A 86 16.53 24.45 29.42
CA LEU A 86 17.36 23.71 30.37
C LEU A 86 17.43 22.21 30.04
N ALA A 87 16.67 21.77 29.05
CA ALA A 87 16.64 20.35 28.72
C ALA A 87 16.46 20.10 27.21
N SER A 88 16.85 18.90 26.78
CA SER A 88 16.72 18.47 25.38
C SER A 88 15.27 18.25 25.01
N GLU A 89 14.49 17.78 25.97
CA GLU A 89 13.12 17.39 25.70
C GLU A 89 12.16 18.55 25.82
N PRO A 90 11.02 18.47 25.11
CA PRO A 90 10.00 19.53 25.16
C PRO A 90 9.49 19.74 26.58
N LEU A 91 9.33 21.00 26.99
CA LEU A 91 8.62 21.33 28.22
C LEU A 91 7.10 21.38 28.00
N MET A 92 6.40 20.37 28.48
CA MET A 92 4.94 20.32 28.39
C MET A 92 4.38 20.66 29.74
N VAL A 93 3.47 21.63 29.77
CA VAL A 93 2.74 21.97 30.99
C VAL A 93 1.27 21.91 30.65
N THR A 94 0.57 20.91 31.21
CA THR A 94 -0.86 20.73 30.93
C THR A 94 -1.72 21.85 31.50
N ASP A 95 -1.35 22.32 32.70
CA ASP A 95 -2.11 23.30 33.48
C ASP A 95 -1.13 24.02 34.40
N ALA A 96 -0.82 25.28 34.10
CA ALA A 96 0.24 25.97 34.80
C ALA A 96 -0.18 26.47 36.20
N SER A 97 -1.49 26.56 36.44
CA SER A 97 -1.98 27.00 37.74
C SER A 97 -1.81 25.89 38.76
N ARG A 98 -1.56 24.68 38.28
CA ARG A 98 -1.27 23.52 39.14
C ARG A 98 0.24 23.16 39.18
N ASP A 99 1.07 23.86 38.41
CA ASP A 99 2.47 23.48 38.28
C ASP A 99 3.34 24.29 39.24
N PRO A 100 4.08 23.60 40.11
CA PRO A 100 4.97 24.21 41.11
C PRO A 100 5.86 25.35 40.58
N ARG A 101 6.21 25.27 39.30
CA ARG A 101 7.07 26.28 38.71
C ARG A 101 6.33 27.54 38.27
N PHE A 102 5.03 27.42 38.04
CA PHE A 102 4.31 28.49 37.36
C PHE A 102 3.00 28.94 38.00
N HIS A 103 2.57 28.26 39.05
CA HIS A 103 1.34 28.69 39.72
C HIS A 103 1.45 30.11 40.35
N ASP A 104 2.67 30.58 40.61
CA ASP A 104 2.86 31.93 41.17
C ASP A 104 3.05 33.00 40.09
N ASN A 105 3.22 32.57 38.86
CA ASN A 105 3.68 33.45 37.80
C ASN A 105 2.55 34.37 37.36
N PRO A 106 2.82 35.70 37.38
CA PRO A 106 1.82 36.75 37.11
C PRO A 106 1.12 36.56 35.76
N LEU A 107 1.78 35.87 34.83
CA LEU A 107 1.16 35.61 33.55
C LEU A 107 0.22 34.43 33.66
N VAL A 108 0.27 33.73 34.80
CA VAL A 108 -0.67 32.65 35.04
C VAL A 108 -1.75 33.18 35.98
N THR A 109 -1.30 33.91 36.99
CA THR A 109 -2.15 34.62 37.95
C THR A 109 -3.00 35.70 37.26
N GLY A 110 -2.33 36.69 36.68
CA GLY A 110 -3.00 37.71 35.90
C GLY A 110 -3.01 37.32 34.44
N PRO A 111 -3.36 38.27 33.55
CA PRO A 111 -3.48 38.01 32.11
C PRO A 111 -2.11 37.66 31.54
N PRO A 112 -2.07 36.81 30.50
CA PRO A 112 -3.24 36.25 29.82
C PRO A 112 -3.71 34.94 30.42
N PHE A 113 -3.40 34.70 31.69
CA PHE A 113 -3.85 33.49 32.41
C PHE A 113 -3.43 32.25 31.67
N ILE A 114 -2.13 32.12 31.44
CA ILE A 114 -1.58 30.94 30.77
C ILE A 114 -1.91 29.66 31.54
N ARG A 115 -2.51 28.69 30.86
CA ARG A 115 -2.73 27.38 31.48
C ARG A 115 -1.87 26.36 30.77
N PHE A 116 -2.06 26.25 29.46
CA PHE A 116 -1.30 25.33 28.60
C PHE A 116 -0.05 26.00 28.06
N TYR A 117 1.08 25.30 28.16
CA TYR A 117 2.33 25.73 27.55
C TYR A 117 3.00 24.52 26.95
N ALA A 118 3.45 24.61 25.71
CA ALA A 118 4.27 23.54 25.15
C ALA A 118 5.46 24.15 24.43
N GLY A 119 6.64 23.91 24.98
CA GLY A 119 7.81 24.58 24.51
C GLY A 119 8.84 23.60 24.03
N GLU A 120 9.38 23.88 22.85
CA GLU A 120 10.30 22.96 22.23
C GLU A 120 11.58 23.75 21.95
N PRO A 121 12.72 23.32 22.53
CA PRO A 121 13.94 24.14 22.42
C PRO A 121 14.50 24.33 20.98
N LEU A 122 14.97 25.55 20.69
CA LEU A 122 15.70 25.89 19.45
C LEU A 122 17.22 26.06 19.72
N HIS A 123 18.04 25.65 18.75
CA HIS A 123 19.48 25.57 18.96
C HIS A 123 20.27 26.37 17.92
N ALA A 124 21.45 26.86 18.34
CA ALA A 124 22.44 27.34 17.40
C ALA A 124 23.03 26.08 16.78
N SER A 125 23.89 26.23 15.79
CA SER A 125 24.48 25.06 15.13
C SER A 125 25.40 24.26 16.06
N ASN A 126 25.99 24.90 17.07
CA ASN A 126 26.86 24.17 17.97
C ASN A 126 26.12 23.41 19.08
N GLY A 127 24.78 23.36 18.99
CA GLY A 127 23.99 22.60 19.96
C GLY A 127 23.47 23.42 21.12
N GLN A 128 23.96 24.65 21.23
CA GLN A 128 23.57 25.54 22.32
C GLN A 128 22.09 25.95 22.17
N ALA A 129 21.32 25.86 23.27
CA ALA A 129 19.89 26.19 23.24
C ALA A 129 19.61 27.69 23.40
N ILE A 130 19.32 28.39 22.30
CA ILE A 130 19.18 29.85 22.30
C ILE A 130 17.76 30.33 22.63
N GLY A 131 16.82 29.41 22.64
CA GLY A 131 15.42 29.81 22.80
C GLY A 131 14.47 28.70 22.46
N THR A 132 13.21 29.07 22.22
CA THR A 132 12.17 28.06 22.04
C THR A 132 11.16 28.42 20.96
N LEU A 133 10.45 27.41 20.46
CA LEU A 133 9.19 27.61 19.74
C LEU A 133 8.09 27.12 20.69
N CYS A 134 7.06 27.91 20.95
CA CYS A 134 6.11 27.48 21.98
C CYS A 134 4.67 27.80 21.71
N LEU A 135 3.79 26.90 22.16
CA LEU A 135 2.35 27.13 22.14
C LEU A 135 1.94 27.54 23.51
N ILE A 136 0.96 28.43 23.60
CA ILE A 136 0.46 28.94 24.86
C ILE A 136 -1.04 29.09 24.76
N ASP A 137 -1.78 28.70 25.79
CA ASP A 137 -3.25 28.81 25.76
C ASP A 137 -3.88 28.93 27.14
N PRO A 138 -5.02 29.64 27.23
CA PRO A 138 -5.73 29.84 28.51
C PRO A 138 -6.55 28.63 29.02
N SER A 139 -6.67 27.57 28.22
CA SER A 139 -7.30 26.32 28.67
C SER A 139 -6.32 25.16 28.78
N PRO A 140 -6.39 24.41 29.90
CA PRO A 140 -5.58 23.19 30.06
C PRO A 140 -5.62 22.32 28.82
N ARG A 141 -4.46 21.74 28.49
CA ARG A 141 -4.37 20.88 27.33
C ARG A 141 -3.18 19.95 27.42
N LEU A 142 -3.34 18.78 26.81
CA LEU A 142 -2.25 17.81 26.71
C LEU A 142 -2.17 17.32 25.27
N LEU A 143 -1.05 17.58 24.62
CA LEU A 143 -0.91 17.21 23.23
C LEU A 143 -0.87 15.68 23.17
N ASP A 144 -1.61 15.06 22.25
CA ASP A 144 -1.36 13.64 21.98
C ASP A 144 0.04 13.51 21.37
N LEU A 145 0.45 12.29 21.00
CA LEU A 145 1.82 12.15 20.51
C LEU A 145 1.99 12.58 19.05
N ARG A 146 0.93 12.46 18.25
CA ARG A 146 0.94 12.98 16.88
C ARG A 146 1.20 14.50 16.85
N GLU A 147 0.42 15.24 17.65
CA GLU A 147 0.66 16.67 17.88
C GLU A 147 2.08 16.96 18.35
N GLY A 148 2.60 16.14 19.26
CA GLY A 148 3.97 16.28 19.70
C GLY A 148 4.94 16.30 18.54
N ARG A 149 4.67 15.49 17.51
CA ARG A 149 5.59 15.34 16.40
C ARG A 149 5.50 16.56 15.49
N GLN A 150 4.26 16.91 15.15
CA GLN A 150 4.00 18.08 14.37
C GLN A 150 4.74 19.25 15.02
N LEU A 151 4.60 19.40 16.33
CA LEU A 151 5.22 20.52 17.04
C LEU A 151 6.73 20.41 16.94
N ASN A 152 7.23 19.20 17.12
CA ASN A 152 8.65 18.96 16.99
C ASN A 152 9.12 19.41 15.63
N ARG A 153 8.45 18.93 14.58
CA ARG A 153 8.78 19.30 13.21
C ARG A 153 8.76 20.81 13.01
N LEU A 154 7.73 21.44 13.56
CA LEU A 154 7.59 22.89 13.44
C LEU A 154 8.84 23.53 14.06
N SER A 155 9.31 22.99 15.18
CA SER A 155 10.47 23.58 15.83
C SER A 155 11.75 23.35 15.03
N ILE A 156 11.91 22.18 14.41
CA ILE A 156 13.02 21.97 13.49
C ILE A 156 13.04 23.02 12.34
N LEU A 157 11.88 23.28 11.74
CA LEU A 157 11.78 24.33 10.74
C LEU A 157 12.22 25.70 11.29
N ALA A 158 12.00 25.96 12.56
CA ALA A 158 12.36 27.28 13.08
C ALA A 158 13.88 27.42 13.21
N GLU A 159 14.47 26.39 13.74
CA GLU A 159 15.90 26.28 13.96
C GLU A 159 16.59 26.37 12.64
N GLY A 160 16.12 25.53 11.73
CA GLY A 160 16.60 25.51 10.36
C GLY A 160 16.81 26.90 9.85
N TYR A 161 15.74 27.69 9.85
CA TYR A 161 15.78 29.02 9.27
C TYR A 161 16.72 29.96 10.02
N LEU A 162 16.70 29.88 11.35
CA LEU A 162 17.61 30.68 12.16
C LEU A 162 19.07 30.35 11.83
N GLN A 163 19.39 29.07 11.66
CA GLN A 163 20.76 28.67 11.37
C GLN A 163 21.22 29.12 10.01
N LEU A 164 20.36 28.98 9.00
CA LEU A 164 20.71 29.43 7.66
C LEU A 164 20.91 30.93 7.67
N ARG A 165 20.02 31.61 8.36
CA ARG A 165 20.08 33.05 8.49
C ARG A 165 21.48 33.54 8.93
N SER A 166 22.15 32.78 9.80
CA SER A 166 23.52 33.12 10.27
C SER A 166 24.64 32.80 9.25
N LEU A 167 24.25 32.24 8.11
CA LEU A 167 25.17 31.94 7.01
C LEU A 167 24.99 32.92 5.84
N THR A 168 24.35 34.05 6.10
CA THR A 168 24.08 35.05 5.06
C THR A 168 24.95 36.30 5.25
N GLU A 169 25.03 37.12 4.21
CA GLU A 169 25.86 38.32 4.28
C GLU A 169 25.23 39.38 5.15
N HIS A 170 23.90 39.39 5.22
CA HIS A 170 23.27 40.35 6.10
C HIS A 170 23.74 40.07 7.51
N THR A 171 23.74 38.81 7.91
CA THR A 171 24.09 38.49 9.28
C THR A 171 25.54 38.81 9.57
N ARG A 172 26.42 38.56 8.61
CA ARG A 172 27.82 38.93 8.82
C ARG A 172 27.98 40.44 8.99
N PHE A 173 27.28 41.21 8.16
CA PHE A 173 27.33 42.66 8.27
C PHE A 173 26.84 43.06 9.66
N LEU A 174 25.75 42.46 10.11
CA LEU A 174 25.15 42.77 11.41
C LEU A 174 26.08 42.60 12.61
N ARG A 175 26.85 41.51 12.62
CA ARG A 175 27.71 41.23 13.76
C ARG A 175 29.04 41.97 13.63
N GLN A 176 29.48 42.13 12.38
CA GLN A 176 30.79 42.72 12.10
C GLN A 176 30.75 44.25 12.07
N GLU A 177 29.57 44.84 11.85
CA GLU A 177 29.48 46.29 11.75
C GLU A 177 28.40 46.95 12.60
N ILE A 178 27.61 46.16 13.32
CA ILE A 178 26.52 46.73 14.10
C ILE A 178 26.34 46.03 15.43
N ASP A 179 27.14 46.45 16.40
CA ASP A 179 27.05 45.99 17.77
C ASP A 179 25.66 45.64 18.25
N ARG A 180 25.50 44.48 18.85
CA ARG A 180 24.22 44.09 19.40
C ARG A 180 23.54 45.16 20.20
N GLU A 181 24.34 46.10 20.70
CA GLU A 181 23.81 47.18 21.52
C GLU A 181 23.35 48.35 20.66
N GLN A 182 24.01 48.58 19.54
CA GLN A 182 23.56 49.63 18.63
C GLN A 182 22.23 49.25 18.04
N ARG A 183 22.04 47.95 17.86
CA ARG A 183 20.88 47.39 17.18
C ARG A 183 19.57 47.87 17.82
N LYS A 184 19.63 48.23 19.10
CA LYS A 184 18.44 48.71 19.80
C LYS A 184 17.97 50.09 19.33
N SER A 185 18.90 50.95 18.95
CA SER A 185 18.54 52.27 18.42
C SER A 185 17.76 52.10 17.13
N LEU A 186 18.13 51.05 16.38
CA LEU A 186 17.77 50.90 14.97
C LEU A 186 16.42 50.23 14.70
N LEU A 187 15.70 49.86 15.76
CA LEU A 187 14.53 49.01 15.57
C LEU A 187 13.26 49.62 16.14
N ASP A 188 12.18 49.69 15.35
CA ASP A 188 10.89 50.12 15.90
C ASP A 188 10.17 48.95 16.52
N PRO A 189 10.20 48.83 17.85
CA PRO A 189 9.66 47.57 18.40
C PRO A 189 8.16 47.38 18.21
N LEU A 190 7.42 48.44 17.88
CA LEU A 190 6.00 48.24 17.64
C LEU A 190 5.75 47.42 16.37
N THR A 191 6.36 47.79 15.26
CA THR A 191 6.11 47.07 14.01
C THR A 191 7.19 46.01 13.78
N GLN A 192 8.24 46.06 14.59
CA GLN A 192 9.35 45.14 14.48
C GLN A 192 10.00 45.22 13.09
N LEU A 193 10.14 46.44 12.61
CA LEU A 193 10.93 46.72 11.43
C LEU A 193 12.10 47.61 11.85
N TRP A 194 13.15 47.64 11.05
CA TRP A 194 14.12 48.69 11.23
C TRP A 194 13.38 50.05 11.19
N ASN A 195 13.89 51.04 11.95
CA ASN A 195 13.41 52.44 11.82
C ASN A 195 14.23 53.27 10.82
N ARG A 196 13.89 54.55 10.73
CA ARG A 196 14.59 55.50 9.86
C ARG A 196 16.13 55.37 9.99
N ALA A 197 16.64 55.34 11.22
CA ALA A 197 18.08 55.19 11.45
C ALA A 197 18.58 53.78 11.10
N GLY A 198 17.71 52.79 11.25
CA GLY A 198 18.04 51.42 10.89
C GLY A 198 18.22 51.34 9.40
N PHE A 199 17.27 51.89 8.66
CA PHE A 199 17.41 51.97 7.22
C PHE A 199 18.73 52.64 6.90
N HIS A 200 19.01 53.75 7.59
CA HIS A 200 20.21 54.50 7.27
C HIS A 200 21.49 53.70 7.45
N ALA A 201 21.59 52.97 8.55
CA ALA A 201 22.74 52.11 8.77
C ALA A 201 22.89 51.00 7.72
N LEU A 202 21.80 50.58 7.07
CA LEU A 202 21.89 49.40 6.20
C LEU A 202 21.83 49.65 4.70
N HIS A 203 21.31 50.81 4.28
CA HIS A 203 21.07 51.06 2.86
C HIS A 203 22.35 50.95 2.04
N GLN A 204 23.47 51.40 2.59
CA GLN A 204 24.71 51.33 1.81
C GLN A 204 25.08 49.88 1.43
N HIS A 205 25.16 49.01 2.43
CA HIS A 205 25.56 47.62 2.23
C HIS A 205 24.63 46.95 1.21
N GLU A 206 23.39 47.40 1.20
CA GLU A 206 22.41 46.92 0.26
C GLU A 206 22.79 47.27 -1.18
N LEU A 207 23.13 48.53 -1.43
CA LEU A 207 23.66 48.95 -2.73
C LEU A 207 24.90 48.17 -3.11
N GLU A 208 25.80 47.97 -2.16
CA GLU A 208 27.02 47.21 -2.39
C GLU A 208 26.70 45.81 -2.88
N LEU A 209 25.66 45.17 -2.32
CA LEU A 209 25.30 43.80 -2.73
C LEU A 209 24.62 43.80 -4.10
N ALA A 210 23.94 44.88 -4.45
CA ALA A 210 23.31 44.91 -5.76
C ALA A 210 24.36 45.01 -6.86
N ARG A 211 25.38 45.83 -6.62
CA ARG A 211 26.41 46.06 -7.61
C ARG A 211 27.20 44.78 -7.91
N ALA A 212 27.47 44.00 -6.85
CA ALA A 212 28.25 42.78 -6.94
C ALA A 212 27.55 41.68 -7.73
N SER A 213 26.24 41.77 -7.88
CA SER A 213 25.53 40.75 -8.60
C SER A 213 24.63 41.33 -9.70
N ASP A 214 25.08 42.49 -10.21
CA ASP A 214 24.47 43.16 -11.37
C ASP A 214 22.95 43.36 -11.26
N GLN A 215 22.51 43.78 -10.08
CA GLN A 215 21.10 44.04 -9.83
C GLN A 215 20.80 45.53 -9.68
N ARG A 216 19.59 45.93 -10.05
CA ARG A 216 19.13 47.30 -9.82
C ARG A 216 18.67 47.43 -8.38
N ILE A 217 18.68 48.65 -7.87
CA ILE A 217 18.12 48.93 -6.57
C ILE A 217 16.85 49.71 -6.82
N GLY A 218 15.74 49.24 -6.28
CA GLY A 218 14.45 49.90 -6.45
C GLY A 218 13.99 50.36 -5.08
N ILE A 219 13.17 51.40 -5.01
CA ILE A 219 12.72 51.98 -3.75
C ILE A 219 11.20 52.00 -3.79
N ILE A 220 10.58 51.48 -2.74
CA ILE A 220 9.12 51.52 -2.64
C ILE A 220 8.82 52.37 -1.42
N TYR A 221 8.07 53.45 -1.66
CA TYR A 221 7.70 54.41 -0.64
C TYR A 221 6.18 54.29 -0.43
N SER A 222 5.78 53.80 0.74
CA SER A 222 4.36 53.55 0.96
C SER A 222 3.82 54.26 2.18
N ASP A 223 2.50 54.33 2.25
CA ASP A 223 1.86 55.06 3.32
C ASP A 223 0.47 54.54 3.53
N ILE A 224 0.15 54.20 4.77
CA ILE A 224 -1.16 53.67 5.09
C ILE A 224 -2.24 54.72 4.85
N ASP A 225 -3.23 54.37 4.05
CA ASP A 225 -4.30 55.28 3.69
C ASP A 225 -5.20 55.60 4.88
N HIS A 226 -5.24 56.89 5.21
CA HIS A 226 -6.20 57.46 6.16
C HIS A 226 -5.94 57.04 7.59
N PHE A 227 -4.66 56.85 7.93
CA PHE A 227 -4.34 56.36 9.28
C PHE A 227 -4.86 57.25 10.39
N LYS A 228 -4.69 58.56 10.28
CA LYS A 228 -5.17 59.46 11.33
C LYS A 228 -6.61 59.11 11.69
N ARG A 229 -7.49 59.02 10.68
CA ARG A 229 -8.89 58.68 10.91
C ARG A 229 -9.14 57.48 11.82
N ILE A 230 -8.78 56.28 11.36
CA ILE A 230 -8.89 55.08 12.18
C ILE A 230 -8.28 55.29 13.58
N ASN A 231 -7.18 56.01 13.66
CA ASN A 231 -6.49 56.18 14.94
C ASN A 231 -7.24 57.07 15.92
N ASP A 232 -7.96 58.06 15.39
CA ASP A 232 -8.74 58.99 16.22
C ASP A 232 -10.13 58.45 16.45
N THR A 233 -10.66 57.79 15.41
CA THR A 233 -12.02 57.26 15.39
C THR A 233 -12.16 56.07 16.31
N LEU A 234 -11.27 55.10 16.13
CA LEU A 234 -11.14 53.96 17.04
C LEU A 234 -10.01 54.28 17.99
N GLY A 235 -9.75 53.40 18.96
CA GLY A 235 -8.72 53.70 19.93
C GLY A 235 -7.39 53.98 19.26
N HIS A 236 -6.42 54.42 20.04
CA HIS A 236 -5.03 54.42 19.61
C HIS A 236 -4.49 52.98 19.73
N ARG A 237 -5.27 52.10 20.37
CA ARG A 237 -4.90 50.70 20.47
C ARG A 237 -5.18 50.06 19.11
N ALA A 238 -6.32 50.42 18.53
CA ALA A 238 -6.69 49.95 17.20
C ALA A 238 -5.65 50.41 16.19
N GLY A 239 -5.15 51.63 16.35
CA GLY A 239 -4.08 52.12 15.51
C GLY A 239 -2.86 51.20 15.53
N ASP A 240 -2.38 50.89 16.72
CA ASP A 240 -1.25 50.00 16.92
C ASP A 240 -1.47 48.60 16.31
N SER A 241 -2.70 48.11 16.34
CA SER A 241 -2.99 46.81 15.73
C SER A 241 -2.88 46.89 14.21
N VAL A 242 -3.41 47.99 13.65
CA VAL A 242 -3.28 48.26 12.23
C VAL A 242 -1.80 48.43 11.80
N LEU A 243 -1.00 49.08 12.64
CA LEU A 243 0.42 49.23 12.34
C LEU A 243 1.10 47.87 12.41
N ARG A 244 0.68 47.03 13.34
CA ARG A 244 1.28 45.70 13.49
C ARG A 244 0.98 44.79 12.31
N GLU A 245 -0.25 44.80 11.81
CA GLU A 245 -0.62 43.93 10.69
C GLU A 245 -0.13 44.48 9.37
N ALA A 246 -0.17 45.81 9.20
CA ALA A 246 0.32 46.39 7.96
C ALA A 246 1.78 46.01 7.83
N ALA A 247 2.52 46.06 8.93
CA ALA A 247 3.93 45.78 8.84
C ALA A 247 4.14 44.31 8.49
N SER A 248 3.23 43.47 8.97
CA SER A 248 3.34 42.04 8.78
C SER A 248 3.00 41.71 7.32
N ARG A 249 1.96 42.35 6.79
CA ARG A 249 1.62 42.17 5.37
C ARG A 249 2.66 42.72 4.40
N LEU A 250 3.41 43.71 4.86
CA LEU A 250 4.47 44.26 4.05
C LEU A 250 5.60 43.24 3.97
N ARG A 251 5.99 42.69 5.12
CA ARG A 251 7.04 41.70 5.16
C ARG A 251 6.70 40.48 4.31
N ALA A 252 5.41 40.21 4.13
CA ALA A 252 4.97 39.04 3.37
C ALA A 252 5.02 39.31 1.89
N ALA A 253 5.01 40.59 1.51
CA ALA A 253 5.09 40.96 0.09
C ALA A 253 6.52 40.97 -0.42
N LEU A 254 7.48 41.13 0.50
CA LEU A 254 8.89 41.26 0.16
C LEU A 254 9.60 39.88 0.11
N ARG A 255 10.88 39.90 -0.26
CA ARG A 255 11.70 38.72 -0.26
C ARG A 255 12.68 38.88 0.92
N PRO A 256 13.29 37.77 1.38
CA PRO A 256 14.20 37.82 2.53
C PRO A 256 15.39 38.77 2.32
N GLU A 257 15.74 39.00 1.06
CA GLU A 257 16.89 39.86 0.79
C GLU A 257 16.54 41.36 0.78
N ASP A 258 15.27 41.70 0.93
CA ASP A 258 14.87 43.10 0.88
C ASP A 258 15.14 43.85 2.18
N LEU A 259 15.17 45.18 2.11
CA LEU A 259 15.31 46.05 3.28
C LEU A 259 14.04 46.85 3.42
N LEU A 260 13.39 46.74 4.57
CA LEU A 260 12.13 47.43 4.82
C LEU A 260 12.30 48.17 6.13
N ALA A 261 11.72 49.35 6.26
CA ALA A 261 11.90 50.15 7.47
C ALA A 261 10.67 51.00 7.71
N ARG A 262 10.36 51.26 8.97
CA ARG A 262 9.31 52.22 9.27
C ARG A 262 9.97 53.59 9.29
N PHE A 263 9.50 54.52 8.46
CA PHE A 263 10.09 55.87 8.44
C PHE A 263 9.58 57.10 9.18
N GLY A 264 8.28 57.33 9.09
CA GLY A 264 7.66 58.45 9.78
C GLY A 264 6.69 57.67 10.63
N GLY A 265 5.47 58.18 10.76
CA GLY A 265 4.51 57.57 11.66
C GLY A 265 3.78 56.39 11.06
N GLU A 266 3.35 56.54 9.81
CA GLU A 266 2.45 55.62 9.18
C GLU A 266 2.98 55.25 7.78
N GLU A 267 4.27 55.51 7.58
CA GLU A 267 4.94 55.26 6.29
C GLU A 267 6.15 54.32 6.35
N PHE A 268 6.32 53.56 5.26
CA PHE A 268 7.23 52.42 5.24
C PHE A 268 8.01 52.43 3.94
N VAL A 269 9.31 52.22 4.01
CA VAL A 269 10.12 52.27 2.81
C VAL A 269 10.86 50.96 2.61
N ALA A 270 10.69 50.39 1.43
CA ALA A 270 11.46 49.20 1.05
C ALA A 270 12.56 49.56 0.04
N MET A 271 13.69 48.90 0.16
CA MET A 271 14.70 49.01 -0.85
C MET A 271 14.94 47.59 -1.32
N VAL A 272 14.57 47.32 -2.56
CA VAL A 272 14.61 45.96 -3.08
C VAL A 272 15.69 45.80 -4.15
N ARG A 273 16.19 44.57 -4.26
CA ARG A 273 17.11 44.21 -5.34
C ARG A 273 16.36 43.48 -6.44
N VAL A 274 16.26 44.11 -7.60
CA VAL A 274 15.47 43.59 -8.71
C VAL A 274 16.30 43.56 -10.01
N ARG A 275 15.85 42.79 -10.99
CA ARG A 275 16.60 42.67 -12.21
C ARG A 275 16.37 43.94 -13.01
N GLU A 276 15.15 44.48 -12.92
CA GLU A 276 14.73 45.52 -13.83
C GLU A 276 13.35 46.08 -13.39
N THR A 277 12.81 47.05 -14.11
CA THR A 277 11.68 47.81 -13.57
C THR A 277 10.36 47.06 -13.35
N THR A 278 10.01 46.06 -14.17
CA THR A 278 8.70 45.43 -13.96
C THR A 278 8.67 44.58 -12.68
N GLU A 279 9.80 43.92 -12.39
CA GLU A 279 9.93 43.23 -11.11
C GLU A 279 9.62 44.15 -9.93
N LEU A 280 10.15 45.37 -9.96
CA LEU A 280 9.89 46.34 -8.89
C LEU A 280 8.40 46.69 -8.74
N THR A 281 7.76 47.04 -9.85
CA THR A 281 6.33 47.33 -9.83
C THR A 281 5.53 46.12 -9.34
N MET A 282 5.98 44.91 -9.69
CA MET A 282 5.27 43.70 -9.26
C MET A 282 5.26 43.62 -7.74
N ILE A 283 6.44 43.71 -7.15
CA ILE A 283 6.56 43.82 -5.71
C ILE A 283 5.66 44.89 -5.07
N ALA A 284 5.65 46.11 -5.63
CA ALA A 284 4.80 47.22 -5.12
C ALA A 284 3.32 46.87 -5.25
N ASN A 285 2.91 46.38 -6.41
CA ASN A 285 1.57 45.86 -6.55
C ASN A 285 1.24 44.81 -5.50
N ARG A 286 2.16 43.88 -5.27
CA ARG A 286 1.93 42.81 -4.32
C ARG A 286 1.70 43.39 -2.90
N ILE A 287 2.49 44.38 -2.52
CA ILE A 287 2.33 45.05 -1.25
C ILE A 287 0.90 45.56 -1.08
N ARG A 288 0.39 46.18 -2.15
CA ARG A 288 -0.93 46.81 -2.13
C ARG A 288 -2.09 45.81 -2.14
N GLU A 289 -1.93 44.68 -2.85
CA GLU A 289 -2.96 43.64 -2.85
C GLU A 289 -3.05 42.92 -1.50
N LEU A 290 -1.92 42.56 -0.91
CA LEU A 290 -1.92 41.95 0.43
C LEU A 290 -2.61 42.83 1.44
N MET A 291 -2.27 44.13 1.45
CA MET A 291 -2.89 45.01 2.43
C MET A 291 -4.42 45.00 2.25
N GLU A 292 -4.86 44.90 1.01
CA GLU A 292 -6.27 45.05 0.65
C GLU A 292 -7.04 43.72 0.66
N ALA A 293 -6.33 42.61 0.80
CA ALA A 293 -6.92 41.27 0.64
C ALA A 293 -7.93 40.94 1.72
N THR A 294 -7.70 41.43 2.93
CA THR A 294 -8.63 41.22 4.03
C THR A 294 -8.67 42.44 4.93
N PRO A 295 -9.72 42.55 5.77
CA PRO A 295 -9.70 43.60 6.79
C PRO A 295 -8.62 43.31 7.81
N ILE A 296 -8.39 44.27 8.70
CA ILE A 296 -7.48 44.09 9.82
C ILE A 296 -8.25 44.09 11.13
N ASP A 297 -8.28 42.95 11.80
CA ASP A 297 -8.96 42.85 13.09
C ASP A 297 -8.34 43.80 14.14
N CYS A 298 -9.19 44.58 14.78
CA CYS A 298 -8.77 45.51 15.86
C CYS A 298 -9.55 45.22 17.12
N ALA A 299 -9.28 44.08 17.75
CA ALA A 299 -10.02 43.69 18.93
C ALA A 299 -11.49 43.43 18.61
N GLY A 300 -11.71 42.48 17.68
CA GLY A 300 -13.05 42.06 17.30
C GLY A 300 -13.64 42.84 16.14
N THR A 301 -13.30 44.13 16.08
CA THR A 301 -13.76 44.99 14.99
C THR A 301 -12.80 44.85 13.79
N SER A 302 -13.35 44.44 12.64
CA SER A 302 -12.54 44.33 11.44
C SER A 302 -12.53 45.67 10.72
N VAL A 303 -11.36 46.08 10.24
CA VAL A 303 -11.18 47.42 9.71
C VAL A 303 -10.53 47.36 8.33
N PRO A 304 -11.25 47.80 7.27
CA PRO A 304 -10.61 47.80 5.94
C PRO A 304 -9.48 48.81 5.92
N VAL A 305 -8.30 48.39 5.50
CA VAL A 305 -7.13 49.26 5.41
C VAL A 305 -6.47 49.09 4.05
N THR A 306 -6.18 50.21 3.37
CA THR A 306 -5.44 50.18 2.11
C THR A 306 -4.16 50.99 2.24
N ILE A 307 -3.27 50.81 1.27
CA ILE A 307 -1.99 51.51 1.25
C ILE A 307 -1.81 52.15 -0.13
N SER A 308 -1.16 53.30 -0.21
CA SER A 308 -0.72 53.88 -1.49
C SER A 308 0.79 53.69 -1.59
N ALA A 309 1.31 53.56 -2.80
CA ALA A 309 2.75 53.41 -2.94
C ALA A 309 3.32 54.10 -4.19
N GLY A 310 4.48 54.73 -4.00
CA GLY A 310 5.23 55.29 -5.09
C GLY A 310 6.49 54.47 -5.19
N CYS A 311 6.97 54.19 -6.40
CA CYS A 311 8.19 53.40 -6.52
C CYS A 311 9.09 53.86 -7.69
N THR A 312 10.39 53.63 -7.54
CA THR A 312 11.29 53.96 -8.62
C THR A 312 12.57 53.17 -8.52
N LEU A 313 13.28 53.08 -9.64
CA LEU A 313 14.58 52.45 -9.68
C LEU A 313 15.65 53.54 -9.48
N ALA A 314 16.70 53.23 -8.73
CA ALA A 314 17.78 54.18 -8.49
C ALA A 314 18.78 54.08 -9.65
N GLY A 315 19.14 55.22 -10.21
CA GLY A 315 20.05 55.25 -11.35
C GLY A 315 21.47 54.83 -10.98
N SER A 316 22.22 54.40 -11.99
CA SER A 316 23.62 54.11 -11.79
C SER A 316 24.31 55.40 -11.37
N GLY A 317 24.84 55.39 -10.15
CA GLY A 317 25.61 56.50 -9.63
C GLY A 317 24.76 57.54 -8.95
N GLU A 318 23.44 57.37 -9.04
CA GLU A 318 22.53 58.30 -8.39
C GLU A 318 22.62 58.17 -6.87
N GLU A 319 22.66 59.33 -6.23
CA GLU A 319 22.58 59.48 -4.78
C GLU A 319 21.27 58.86 -4.28
N PRO A 320 21.38 57.89 -3.35
CA PRO A 320 20.17 57.24 -2.83
C PRO A 320 19.10 58.26 -2.37
N GLU A 321 19.53 59.31 -1.66
CA GLU A 321 18.58 60.36 -1.23
C GLU A 321 17.70 60.88 -2.36
N ARG A 322 18.27 60.94 -3.56
CA ARG A 322 17.54 61.40 -4.74
C ARG A 322 16.51 60.36 -5.22
N ALA A 323 16.93 59.10 -5.25
CA ALA A 323 16.05 58.02 -5.63
C ALA A 323 14.90 58.02 -4.64
N LEU A 324 15.26 58.22 -3.37
CA LEU A 324 14.27 58.24 -2.30
C LEU A 324 13.20 59.33 -2.51
N ALA A 325 13.66 60.56 -2.82
CA ALA A 325 12.73 61.67 -3.01
C ALA A 325 11.87 61.42 -4.24
N ARG A 326 12.46 60.80 -5.26
CA ARG A 326 11.64 60.45 -6.42
C ARG A 326 10.50 59.48 -6.03
N ALA A 327 10.79 58.43 -5.26
CA ALA A 327 9.75 57.48 -4.90
C ALA A 327 8.64 58.16 -4.09
N ASP A 328 9.06 59.02 -3.17
CA ASP A 328 8.16 59.86 -2.35
C ASP A 328 7.24 60.76 -3.17
N ALA A 329 7.77 61.33 -4.25
CA ALA A 329 6.96 62.16 -5.14
C ALA A 329 5.94 61.30 -5.86
N ALA A 330 6.33 60.07 -6.19
CA ALA A 330 5.42 59.10 -6.83
C ALA A 330 4.28 58.70 -5.88
N LEU A 331 4.62 58.50 -4.61
CA LEU A 331 3.64 58.24 -3.56
C LEU A 331 2.69 59.43 -3.34
N TYR A 332 3.24 60.64 -3.30
CA TYR A 332 2.40 61.83 -3.35
C TYR A 332 1.44 61.83 -4.56
N ASP A 333 1.94 61.45 -5.73
CA ASP A 333 1.03 61.30 -6.88
C ASP A 333 -0.06 60.24 -6.61
N ALA A 334 0.33 59.11 -6.01
CA ALA A 334 -0.60 58.01 -5.75
C ALA A 334 -1.75 58.46 -4.84
N LYS A 335 -1.43 59.16 -3.77
CA LYS A 335 -2.43 59.73 -2.89
C LYS A 335 -3.35 60.71 -3.64
N ARG A 336 -2.75 61.66 -4.36
CA ARG A 336 -3.53 62.68 -5.06
C ARG A 336 -4.50 62.04 -6.06
N ALA A 337 -4.09 60.95 -6.67
CA ALA A 337 -4.89 60.33 -7.71
C ALA A 337 -6.02 59.44 -7.17
N GLY A 338 -6.16 59.40 -5.83
CA GLY A 338 -7.23 58.62 -5.21
C GLY A 338 -6.87 57.59 -4.15
N ARG A 339 -5.58 57.41 -3.88
CA ARG A 339 -5.11 56.44 -2.88
C ARG A 339 -5.36 54.97 -3.28
N ASN A 340 -5.01 54.05 -2.38
CA ASN A 340 -5.06 52.61 -2.69
C ASN A 340 -4.60 52.38 -4.14
N ARG A 341 -3.35 52.74 -4.43
CA ARG A 341 -2.79 52.51 -5.76
C ARG A 341 -1.28 52.74 -5.80
N VAL A 342 -0.60 52.18 -6.79
CA VAL A 342 0.85 52.41 -6.94
C VAL A 342 1.27 53.19 -8.20
N VAL A 343 2.04 54.24 -7.99
CA VAL A 343 2.64 54.94 -9.11
C VAL A 343 4.11 54.59 -9.28
N SER A 344 4.46 54.15 -10.50
CA SER A 344 5.82 53.80 -10.87
C SER A 344 6.43 54.91 -11.70
N VAL A 345 7.64 55.31 -11.33
CA VAL A 345 8.31 56.40 -11.98
C VAL A 345 9.75 55.97 -12.30
N CYS B 8 2.89 18.73 -22.56
CA CYS B 8 2.90 19.72 -21.48
C CYS B 8 3.00 21.13 -22.03
N PRO B 9 2.05 21.99 -21.62
CA PRO B 9 1.95 23.40 -22.00
C PRO B 9 2.98 24.24 -21.25
N LEU B 10 3.77 25.04 -21.98
CA LEU B 10 4.79 25.85 -21.31
C LEU B 10 4.66 27.34 -21.58
N PRO B 11 5.03 28.18 -20.59
CA PRO B 11 4.84 29.64 -20.60
C PRO B 11 5.65 30.38 -21.67
N PRO B 12 5.18 31.56 -22.12
CA PRO B 12 5.92 32.38 -23.09
C PRO B 12 7.30 32.71 -22.54
N ASP B 13 7.32 33.01 -21.24
CA ASP B 13 8.52 33.41 -20.51
C ASP B 13 9.31 32.23 -19.92
N GLU B 14 9.32 31.11 -20.64
CA GLU B 14 10.00 29.91 -20.21
C GLU B 14 11.51 30.16 -20.09
N ALA B 15 12.05 30.94 -21.00
CA ALA B 15 13.44 31.32 -20.94
C ALA B 15 13.81 31.93 -19.58
N LEU B 16 12.98 32.86 -19.11
CA LEU B 16 13.25 33.63 -17.89
C LEU B 16 13.00 32.81 -16.63
N ARG B 17 11.91 32.03 -16.67
CA ARG B 17 11.50 31.15 -15.58
C ARG B 17 12.65 30.19 -15.26
N GLN B 18 13.13 29.53 -16.30
CA GLN B 18 14.27 28.63 -16.23
C GLN B 18 15.53 29.34 -15.68
N GLN B 19 15.74 30.56 -16.13
CA GLN B 19 16.91 31.31 -15.73
C GLN B 19 16.85 31.63 -14.24
N ALA B 20 15.69 32.04 -13.75
CA ALA B 20 15.50 32.29 -12.33
C ALA B 20 15.75 31.05 -11.47
N LEU B 21 15.39 29.88 -12.00
CA LEU B 21 15.69 28.61 -11.35
C LEU B 21 17.20 28.34 -11.34
N ASP B 22 17.80 28.45 -12.51
CA ASP B 22 19.24 28.21 -12.63
C ASP B 22 20.03 29.06 -11.65
N ASP B 23 19.63 30.33 -11.47
CA ASP B 23 20.33 31.25 -10.54
C ASP B 23 20.27 30.84 -9.08
N MET B 24 19.36 29.93 -8.73
CA MET B 24 19.27 29.48 -7.33
C MET B 24 20.25 28.34 -7.05
N ALA B 25 20.95 27.87 -8.09
CA ALA B 25 21.91 26.79 -7.93
C ALA B 25 21.29 25.64 -7.13
N LEU B 26 20.22 25.06 -7.66
CA LEU B 26 19.31 24.27 -6.85
C LEU B 26 18.99 22.89 -7.40
N VAL B 27 18.79 22.77 -8.71
CA VAL B 27 18.54 21.48 -9.32
C VAL B 27 19.82 20.66 -9.17
N ASP B 28 19.68 19.36 -8.95
CA ASP B 28 20.83 18.48 -8.76
C ASP B 28 21.71 18.92 -7.59
N THR B 29 21.08 19.13 -6.44
CA THR B 29 21.80 19.34 -5.18
C THR B 29 21.27 18.34 -4.18
N PRO B 30 22.00 18.15 -3.07
CA PRO B 30 21.62 17.16 -2.05
C PRO B 30 20.29 17.51 -1.35
N ALA B 31 19.60 16.51 -0.85
CA ALA B 31 18.47 16.77 0.03
C ALA B 31 18.98 17.60 1.20
N GLU B 32 18.11 18.47 1.72
CA GLU B 32 18.44 19.20 2.93
C GLU B 32 17.51 18.84 4.09
N HIS B 33 18.10 18.58 5.24
CA HIS B 33 17.34 18.26 6.45
C HIS B 33 16.07 19.10 6.62
N TYR B 34 16.19 20.43 6.62
CA TYR B 34 15.04 21.30 6.86
C TYR B 34 13.91 21.09 5.85
N LEU B 35 14.27 20.96 4.58
CA LEU B 35 13.29 20.64 3.57
C LEU B 35 12.71 19.26 3.81
N ASP B 36 13.52 18.35 4.34
CA ASP B 36 13.04 17.00 4.62
C ASP B 36 12.08 17.00 5.79
N ALA B 37 12.25 17.97 6.68
CA ALA B 37 11.41 18.01 7.86
C ALA B 37 10.10 18.55 7.43
N LEU B 38 10.17 19.53 6.53
CA LEU B 38 9.00 20.22 6.00
C LEU B 38 8.07 19.27 5.22
N VAL B 39 8.62 18.38 4.41
CA VAL B 39 7.73 17.51 3.65
C VAL B 39 7.11 16.48 4.57
N GLU B 40 7.88 16.04 5.55
CA GLU B 40 7.38 15.12 6.56
C GLU B 40 6.27 15.76 7.39
N LEU B 41 6.50 16.98 7.88
CA LEU B 41 5.43 17.78 8.47
C LEU B 41 4.19 17.75 7.59
N ALA B 42 4.35 18.06 6.31
CA ALA B 42 3.20 18.03 5.41
C ALA B 42 2.54 16.65 5.39
N ARG B 43 3.32 15.60 5.21
CA ARG B 43 2.74 14.27 5.09
C ARG B 43 1.90 13.94 6.32
N GLU B 44 2.42 14.28 7.48
CA GLU B 44 1.84 13.95 8.76
C GLU B 44 0.61 14.80 9.02
N THR B 45 0.63 16.05 8.53
CA THR B 45 -0.47 16.96 8.74
C THR B 45 -1.73 16.55 7.99
N PHE B 46 -1.55 16.10 6.75
CA PHE B 46 -2.68 15.78 5.89
C PHE B 46 -3.01 14.27 5.81
N GLY B 47 -2.14 13.43 6.36
CA GLY B 47 -2.31 11.99 6.27
C GLY B 47 -2.35 11.53 4.82
N VAL B 48 -1.42 12.04 4.04
CA VAL B 48 -1.39 11.75 2.62
C VAL B 48 -0.21 10.79 2.43
N LYS B 49 -0.17 10.06 1.33
CA LYS B 49 0.93 9.11 1.12
C LYS B 49 2.23 9.71 0.59
N THR B 50 2.13 10.80 -0.18
CA THR B 50 3.26 11.35 -0.90
C THR B 50 3.29 12.88 -0.88
N VAL B 51 4.46 13.43 -0.58
CA VAL B 51 4.70 14.86 -0.66
C VAL B 51 6.01 15.13 -1.40
N LEU B 52 5.98 16.10 -2.30
CA LEU B 52 7.14 16.44 -3.15
C LEU B 52 7.46 17.93 -3.14
N ILE B 53 8.74 18.25 -3.07
CA ILE B 53 9.14 19.56 -3.54
C ILE B 53 9.71 19.36 -4.94
N SER B 54 8.97 19.83 -5.92
CA SER B 54 9.22 19.51 -7.31
C SER B 54 9.72 20.74 -8.07
N LEU B 55 10.84 20.59 -8.79
CA LEU B 55 11.39 21.68 -9.57
C LEU B 55 11.29 21.38 -11.06
N ILE B 56 10.66 22.28 -11.80
CA ILE B 56 10.52 22.09 -13.23
C ILE B 56 11.73 22.63 -13.97
N ASP B 57 12.51 21.70 -14.52
CA ASP B 57 13.82 21.97 -15.07
C ASP B 57 13.94 21.40 -16.49
N HIS B 58 13.86 22.26 -17.50
CA HIS B 58 13.87 21.80 -18.91
C HIS B 58 12.74 20.81 -19.20
N ASP B 59 13.09 19.58 -19.56
CA ASP B 59 12.06 18.60 -19.90
C ASP B 59 11.77 17.54 -18.83
N ARG B 60 12.31 17.74 -17.64
CA ARG B 60 12.02 16.84 -16.54
C ARG B 60 11.40 17.57 -15.35
N GLN B 61 11.19 16.80 -14.30
CA GLN B 61 10.61 17.31 -13.10
C GLN B 61 11.55 16.67 -12.06
N TRP B 62 12.31 17.48 -11.34
CA TRP B 62 13.30 16.92 -10.45
C TRP B 62 12.92 17.25 -9.01
N PHE B 63 13.13 16.33 -8.07
CA PHE B 63 12.67 16.55 -6.69
C PHE B 63 13.78 16.96 -5.74
N LYS B 64 13.65 18.12 -5.12
CA LYS B 64 14.64 18.58 -4.16
C LYS B 64 14.43 17.84 -2.85
N ALA B 65 13.15 17.59 -2.54
CA ALA B 65 12.75 16.77 -1.38
C ALA B 65 11.57 15.89 -1.78
N ARG B 66 11.48 14.71 -1.18
CA ARG B 66 10.38 13.79 -1.47
C ARG B 66 10.17 12.79 -0.34
N ILE B 67 8.90 12.51 -0.05
CA ILE B 67 8.54 11.44 0.85
C ILE B 67 7.44 10.64 0.16
N GLY B 68 7.48 9.30 0.28
CA GLY B 68 6.48 8.44 -0.33
C GLY B 68 6.65 8.21 -1.83
N LEU B 69 7.85 8.46 -2.36
CA LEU B 69 8.07 8.28 -3.80
C LEU B 69 9.56 8.11 -4.03
N ASP B 70 9.93 7.16 -4.90
CA ASP B 70 11.30 6.70 -5.01
C ASP B 70 12.06 7.24 -6.21
N ALA B 71 11.33 7.53 -7.29
CA ALA B 71 11.93 8.15 -8.47
C ALA B 71 12.55 9.49 -8.09
N GLU B 72 13.68 9.79 -8.70
CA GLU B 72 14.42 11.01 -8.43
C GLU B 72 13.90 12.15 -9.30
N GLN B 73 13.19 11.79 -10.36
CA GLN B 73 12.66 12.76 -11.29
C GLN B 73 11.67 12.04 -12.16
N THR B 74 10.88 12.80 -12.90
CA THR B 74 9.97 12.21 -13.87
C THR B 74 9.91 13.14 -15.08
N PRO B 75 9.25 12.70 -16.16
CA PRO B 75 9.20 13.60 -17.31
C PRO B 75 8.20 14.73 -17.08
N ARG B 76 8.51 15.88 -17.65
CA ARG B 76 7.73 17.09 -17.42
C ARG B 76 6.38 17.02 -18.08
N ASP B 77 6.34 16.43 -19.26
CA ASP B 77 5.12 16.46 -20.04
C ASP B 77 4.04 15.57 -19.44
N LEU B 78 2.80 16.06 -19.54
CA LEU B 78 1.60 15.43 -18.97
C LEU B 78 1.63 15.42 -17.43
N SER B 79 2.77 15.82 -16.83
CA SER B 79 2.95 15.88 -15.37
C SER B 79 2.19 17.07 -14.79
N PHE B 80 1.58 16.87 -13.62
CA PHE B 80 0.67 17.85 -13.04
C PHE B 80 1.32 19.22 -12.85
N CYS B 81 2.57 19.20 -12.35
CA CYS B 81 3.30 20.41 -11.94
C CYS B 81 3.60 21.38 -13.10
N GLY B 82 3.86 20.85 -14.30
CA GLY B 82 4.08 21.69 -15.48
C GLY B 82 2.82 22.46 -15.84
N HIS B 83 1.69 21.87 -15.45
CA HIS B 83 0.37 22.50 -15.58
C HIS B 83 0.10 23.50 -14.44
N ALA B 84 0.55 23.14 -13.23
CA ALA B 84 0.24 23.91 -12.03
C ALA B 84 0.89 25.31 -12.00
N ILE B 85 2.17 25.39 -12.33
CA ILE B 85 2.91 26.65 -12.26
C ILE B 85 2.20 27.72 -13.11
N LEU B 86 1.59 27.28 -14.20
CA LEU B 86 0.92 28.18 -15.17
C LEU B 86 -0.08 29.18 -14.57
N ALA B 87 -0.58 28.91 -13.37
CA ALA B 87 -1.50 29.83 -12.69
C ALA B 87 -0.99 30.20 -11.30
N SER B 88 -1.50 31.31 -10.78
CA SER B 88 -1.03 31.80 -9.49
C SER B 88 -1.65 30.99 -8.34
N GLU B 89 -2.69 30.24 -8.68
CA GLU B 89 -3.53 29.56 -7.68
C GLU B 89 -3.13 28.11 -7.44
N PRO B 90 -3.54 27.52 -6.32
CA PRO B 90 -3.21 26.10 -6.26
C PRO B 90 -3.89 25.31 -7.40
N LEU B 91 -3.22 24.24 -7.84
CA LEU B 91 -3.86 23.25 -8.69
C LEU B 91 -4.43 22.12 -7.83
N MET B 92 -5.75 22.04 -7.72
CA MET B 92 -6.42 21.01 -6.92
C MET B 92 -7.15 19.99 -7.80
N VAL B 93 -6.63 18.77 -7.86
CA VAL B 93 -7.25 17.70 -8.62
C VAL B 93 -7.81 16.67 -7.65
N THR B 94 -9.13 16.49 -7.66
CA THR B 94 -9.77 15.57 -6.74
C THR B 94 -9.59 14.11 -7.15
N ASP B 95 -9.49 13.89 -8.46
CA ASP B 95 -9.38 12.55 -8.97
C ASP B 95 -8.78 12.55 -10.38
N ALA B 96 -7.46 12.41 -10.44
CA ALA B 96 -6.75 12.54 -11.70
C ALA B 96 -7.30 11.61 -12.78
N SER B 97 -7.86 10.46 -12.36
CA SER B 97 -8.41 9.47 -13.29
C SER B 97 -9.67 9.96 -14.01
N ARG B 98 -10.47 10.80 -13.35
CA ARG B 98 -11.64 11.39 -13.97
C ARG B 98 -11.40 12.85 -14.35
N ASP B 99 -10.13 13.19 -14.63
CA ASP B 99 -9.79 14.54 -15.01
C ASP B 99 -9.14 14.55 -16.39
N PRO B 100 -9.78 15.25 -17.33
CA PRO B 100 -9.44 15.30 -18.76
C PRO B 100 -7.96 15.53 -19.03
N ARG B 101 -7.29 16.26 -18.14
CA ARG B 101 -5.88 16.63 -18.33
C ARG B 101 -4.89 15.52 -17.99
N PHE B 102 -5.30 14.63 -17.09
CA PHE B 102 -4.33 13.77 -16.41
C PHE B 102 -4.58 12.26 -16.47
N HIS B 103 -5.80 11.83 -16.79
CA HIS B 103 -6.15 10.40 -16.77
C HIS B 103 -5.23 9.56 -17.67
N ASP B 104 -4.55 10.23 -18.59
CA ASP B 104 -3.66 9.58 -19.53
C ASP B 104 -2.31 9.38 -18.89
N ASN B 105 -2.01 10.21 -17.90
CA ASN B 105 -0.70 10.22 -17.27
C ASN B 105 -0.34 8.84 -16.72
N PRO B 106 0.80 8.31 -17.16
CA PRO B 106 1.42 7.05 -16.71
C PRO B 106 1.59 6.91 -15.19
N LEU B 107 1.64 8.01 -14.46
CA LEU B 107 1.69 7.91 -13.00
C LEU B 107 0.29 7.87 -12.43
N VAL B 108 -0.71 7.97 -13.31
CA VAL B 108 -2.12 7.88 -12.96
C VAL B 108 -2.70 6.51 -13.36
N THR B 109 -2.36 6.07 -14.57
CA THR B 109 -2.78 4.77 -15.10
C THR B 109 -1.80 3.66 -14.74
N GLY B 110 -0.54 4.01 -14.53
CA GLY B 110 0.45 3.12 -13.95
C GLY B 110 0.85 3.66 -12.58
N PRO B 111 1.69 2.90 -11.85
CA PRO B 111 2.11 3.24 -10.47
C PRO B 111 2.72 4.65 -10.40
N PRO B 112 2.41 5.39 -9.32
CA PRO B 112 1.63 4.92 -8.16
C PRO B 112 0.13 5.23 -8.21
N PHE B 113 -0.47 5.32 -9.38
CA PHE B 113 -1.92 5.40 -9.47
C PHE B 113 -2.46 6.62 -8.75
N ILE B 114 -1.89 7.76 -9.10
CA ILE B 114 -2.24 9.05 -8.50
C ILE B 114 -3.71 9.36 -8.69
N ARG B 115 -4.35 9.88 -7.65
CA ARG B 115 -5.71 10.31 -7.85
C ARG B 115 -5.90 11.68 -7.27
N PHE B 116 -5.68 11.79 -5.97
CA PHE B 116 -5.66 13.10 -5.35
C PHE B 116 -4.35 13.84 -5.69
N TYR B 117 -4.46 15.13 -6.00
CA TYR B 117 -3.27 15.95 -6.20
C TYR B 117 -3.60 17.38 -5.80
N ALA B 118 -2.69 18.01 -5.07
CA ALA B 118 -2.86 19.40 -4.67
C ALA B 118 -1.47 20.01 -4.72
N GLY B 119 -1.29 21.01 -5.57
CA GLY B 119 0.01 21.64 -5.74
C GLY B 119 -0.04 23.14 -5.62
N GLU B 120 0.80 23.67 -4.74
CA GLU B 120 1.01 25.10 -4.65
C GLU B 120 2.33 25.45 -5.33
N PRO B 121 2.30 26.40 -6.28
CA PRO B 121 3.49 26.91 -6.98
C PRO B 121 4.53 27.47 -6.02
N LEU B 122 5.81 27.20 -6.27
CA LEU B 122 6.90 27.81 -5.51
C LEU B 122 7.60 28.84 -6.40
N HIS B 123 8.05 29.95 -5.81
CA HIS B 123 8.60 31.06 -6.61
C HIS B 123 10.03 31.41 -6.29
N ALA B 124 10.72 31.85 -7.32
CA ALA B 124 12.03 32.48 -7.20
C ALA B 124 11.81 33.91 -6.67
N SER B 125 12.88 34.58 -6.24
CA SER B 125 12.71 35.96 -5.76
C SER B 125 11.91 36.87 -6.69
N ASN B 126 12.15 36.75 -8.00
CA ASN B 126 11.46 37.58 -8.99
C ASN B 126 10.02 37.16 -9.35
N GLY B 127 9.49 36.14 -8.68
CA GLY B 127 8.12 35.72 -8.96
C GLY B 127 7.97 34.59 -9.97
N GLN B 128 9.04 34.28 -10.70
CA GLN B 128 8.99 33.16 -11.64
C GLN B 128 8.68 31.87 -10.85
N ALA B 129 7.77 31.06 -11.38
CA ALA B 129 7.37 29.82 -10.71
C ALA B 129 8.33 28.68 -11.11
N ILE B 130 9.17 28.26 -10.16
CA ILE B 130 10.27 27.32 -10.43
C ILE B 130 9.84 25.90 -10.16
N GLY B 131 8.66 25.77 -9.57
CA GLY B 131 8.16 24.46 -9.25
C GLY B 131 7.03 24.49 -8.25
N THR B 132 6.98 23.46 -7.43
CA THR B 132 5.75 23.20 -6.72
C THR B 132 5.99 22.43 -5.42
N LEU B 133 5.17 22.70 -4.41
CA LEU B 133 5.03 21.80 -3.26
C LEU B 133 3.70 21.08 -3.43
N CYS B 134 3.72 19.74 -3.45
CA CYS B 134 2.49 19.00 -3.73
C CYS B 134 2.22 17.81 -2.84
N LEU B 135 0.92 17.59 -2.59
CA LEU B 135 0.41 16.41 -1.90
C LEU B 135 -0.11 15.49 -2.95
N ILE B 136 0.18 14.20 -2.81
CA ILE B 136 -0.28 13.21 -3.77
C ILE B 136 -0.74 11.97 -3.04
N ASP B 137 -1.88 11.41 -3.46
CA ASP B 137 -2.45 10.22 -2.79
C ASP B 137 -3.23 9.35 -3.76
N PRO B 138 -3.09 8.01 -3.66
CA PRO B 138 -3.79 7.03 -4.51
C PRO B 138 -5.31 6.96 -4.29
N SER B 139 -5.84 7.73 -3.33
CA SER B 139 -7.27 7.83 -3.10
C SER B 139 -7.80 9.26 -3.35
N PRO B 140 -8.92 9.37 -4.09
CA PRO B 140 -9.55 10.65 -4.36
C PRO B 140 -9.71 11.44 -3.07
N ARG B 141 -9.60 12.76 -3.15
CA ARG B 141 -9.75 13.56 -1.96
C ARG B 141 -9.95 15.00 -2.37
N LEU B 142 -10.60 15.78 -1.51
CA LEU B 142 -10.70 17.22 -1.76
C LEU B 142 -10.49 18.01 -0.48
N LEU B 143 -9.63 19.01 -0.55
CA LEU B 143 -9.24 19.77 0.63
C LEU B 143 -10.27 20.81 1.11
N ASP B 144 -10.43 20.86 2.41
CA ASP B 144 -10.96 22.01 3.12
C ASP B 144 -10.33 23.34 2.66
N LEU B 145 -11.02 24.44 2.91
CA LEU B 145 -10.38 25.73 2.83
C LEU B 145 -9.30 25.90 3.91
N ARG B 146 -9.58 25.38 5.11
CA ARG B 146 -8.61 25.36 6.20
C ARG B 146 -7.35 24.61 5.78
N GLU B 147 -7.55 23.39 5.30
CA GLU B 147 -6.44 22.55 4.87
C GLU B 147 -5.71 23.19 3.69
N GLY B 148 -6.47 23.69 2.71
CA GLY B 148 -5.87 24.39 1.58
C GLY B 148 -4.98 25.53 2.07
N ARG B 149 -5.46 26.23 3.09
CA ARG B 149 -4.74 27.36 3.63
C ARG B 149 -3.50 26.92 4.41
N GLN B 150 -3.55 25.74 5.03
CA GLN B 150 -2.36 25.18 5.67
C GLN B 150 -1.31 24.77 4.64
N LEU B 151 -1.78 24.26 3.50
CA LEU B 151 -0.90 23.80 2.44
C LEU B 151 -0.22 25.04 1.92
N ASN B 152 -1.03 26.08 1.79
CA ASN B 152 -0.52 27.36 1.35
C ASN B 152 0.63 27.87 2.25
N ARG B 153 0.41 27.93 3.56
CA ARG B 153 1.45 28.39 4.48
C ARG B 153 2.70 27.51 4.39
N LEU B 154 2.50 26.19 4.24
CA LEU B 154 3.64 25.28 4.04
C LEU B 154 4.39 25.67 2.75
N SER B 155 3.66 25.92 1.65
CA SER B 155 4.32 26.31 0.41
C SER B 155 5.06 27.64 0.57
N ILE B 156 4.50 28.56 1.37
CA ILE B 156 5.17 29.82 1.74
C ILE B 156 6.50 29.57 2.46
N LEU B 157 6.48 28.67 3.43
CA LEU B 157 7.70 28.22 4.12
C LEU B 157 8.77 27.59 3.19
N ALA B 158 8.36 26.67 2.32
CA ALA B 158 9.30 26.06 1.37
C ALA B 158 9.95 27.12 0.48
N GLU B 159 9.15 28.07 0.05
CA GLU B 159 9.57 29.15 -0.83
C GLU B 159 10.50 30.13 -0.11
N GLY B 160 10.16 30.47 1.13
CA GLY B 160 11.03 31.28 1.96
C GLY B 160 12.39 30.63 2.21
N TYR B 161 12.37 29.33 2.50
CA TYR B 161 13.60 28.61 2.76
C TYR B 161 14.51 28.61 1.54
N LEU B 162 13.94 28.31 0.36
CA LEU B 162 14.69 28.26 -0.89
C LEU B 162 15.29 29.60 -1.30
N GLN B 163 14.61 30.68 -0.95
CA GLN B 163 15.12 32.03 -1.21
C GLN B 163 16.20 32.41 -0.21
N LEU B 164 16.01 32.07 1.06
CA LEU B 164 17.07 32.33 2.04
C LEU B 164 18.31 31.51 1.72
N ARG B 165 18.12 30.24 1.39
CA ARG B 165 19.21 29.34 1.03
C ARG B 165 20.08 29.91 -0.08
N SER B 166 19.43 30.58 -1.01
CA SER B 166 20.07 31.26 -2.12
C SER B 166 21.05 32.38 -1.70
N LEU B 167 20.93 32.88 -0.47
CA LEU B 167 21.80 33.95 0.04
C LEU B 167 22.93 33.45 0.94
N THR B 168 23.09 32.14 1.05
CA THR B 168 24.10 31.59 1.96
C THR B 168 25.43 31.44 1.27
N GLU B 169 26.47 31.38 2.09
CA GLU B 169 27.84 31.31 1.61
C GLU B 169 28.01 30.14 0.65
N HIS B 170 27.59 28.96 1.07
CA HIS B 170 27.74 27.77 0.25
C HIS B 170 27.01 27.86 -1.08
N THR B 171 25.77 28.36 -1.07
CA THR B 171 24.99 28.42 -2.31
C THR B 171 25.59 29.43 -3.24
N ARG B 172 26.09 30.52 -2.67
CA ARG B 172 26.75 31.55 -3.45
C ARG B 172 27.99 30.96 -4.14
N PHE B 173 28.67 30.05 -3.45
CA PHE B 173 29.84 29.37 -3.97
C PHE B 173 29.46 28.47 -5.13
N LEU B 174 28.36 27.74 -4.98
CA LEU B 174 27.86 26.85 -6.02
C LEU B 174 27.47 27.60 -7.29
N ARG B 175 26.94 28.80 -7.13
CA ARG B 175 26.57 29.62 -8.28
C ARG B 175 27.80 30.05 -9.07
N GLN B 176 28.87 30.44 -8.35
CA GLN B 176 30.14 30.78 -8.97
C GLN B 176 30.87 29.58 -9.59
N GLU B 177 31.08 28.53 -8.80
CA GLU B 177 32.04 27.48 -9.17
C GLU B 177 31.49 26.26 -9.88
N ILE B 178 30.48 25.61 -9.33
CA ILE B 178 29.99 24.37 -9.91
C ILE B 178 28.67 24.57 -10.69
N ASP B 179 28.81 24.70 -12.00
CA ASP B 179 27.67 24.91 -12.91
C ASP B 179 26.61 23.79 -12.83
N ARG B 180 25.40 24.04 -13.35
CA ARG B 180 24.33 23.04 -13.33
C ARG B 180 24.68 21.77 -14.14
N GLU B 181 25.62 21.92 -15.08
CA GLU B 181 26.08 20.81 -15.91
C GLU B 181 26.98 19.87 -15.11
N GLN B 182 27.92 20.46 -14.36
CA GLN B 182 28.86 19.68 -13.57
C GLN B 182 28.12 18.87 -12.51
N ARG B 183 27.14 19.50 -11.87
CA ARG B 183 26.43 18.90 -10.74
C ARG B 183 25.73 17.59 -11.02
N LYS B 184 25.34 17.33 -12.27
CA LYS B 184 24.63 16.08 -12.58
C LYS B 184 25.43 14.84 -12.15
N SER B 185 26.75 14.94 -12.25
CA SER B 185 27.63 13.80 -11.98
C SER B 185 28.26 13.81 -10.58
N LEU B 186 27.78 14.72 -9.72
CA LEU B 186 28.37 14.92 -8.41
C LEU B 186 27.43 14.44 -7.34
N LEU B 187 26.33 13.83 -7.75
CA LEU B 187 25.25 13.56 -6.83
C LEU B 187 24.81 12.10 -6.90
N ASP B 188 24.70 11.43 -5.75
CA ASP B 188 24.15 10.08 -5.71
C ASP B 188 22.65 10.12 -5.53
N PRO B 189 21.92 9.71 -6.58
CA PRO B 189 20.45 9.77 -6.73
C PRO B 189 19.69 9.05 -5.62
N LEU B 190 20.20 7.92 -5.16
CA LEU B 190 19.44 7.11 -4.22
C LEU B 190 19.41 7.74 -2.84
N THR B 191 20.57 8.10 -2.31
CA THR B 191 20.62 8.72 -1.00
C THR B 191 20.42 10.23 -1.09
N GLN B 192 20.38 10.75 -2.32
CA GLN B 192 20.34 12.20 -2.52
C GLN B 192 21.44 12.94 -1.75
N LEU B 193 22.68 12.45 -1.85
CA LEU B 193 23.84 13.13 -1.25
C LEU B 193 24.89 13.32 -2.32
N TRP B 194 25.90 14.12 -2.04
CA TRP B 194 27.08 14.12 -2.90
C TRP B 194 27.73 12.73 -2.94
N ASN B 195 28.23 12.34 -4.10
CA ASN B 195 29.03 11.12 -4.19
C ASN B 195 30.48 11.55 -3.99
N ARG B 196 31.43 10.66 -4.26
CA ARG B 196 32.84 10.98 -4.08
C ARG B 196 33.25 12.14 -4.96
N ALA B 197 32.67 12.23 -6.15
CA ALA B 197 33.07 13.30 -7.06
C ALA B 197 32.61 14.65 -6.51
N GLY B 198 31.42 14.66 -5.89
CA GLY B 198 30.90 15.85 -5.25
C GLY B 198 31.84 16.26 -4.13
N PHE B 199 32.14 15.32 -3.25
CA PHE B 199 32.99 15.58 -2.10
C PHE B 199 34.32 16.18 -2.56
N HIS B 200 34.92 15.57 -3.58
CA HIS B 200 36.17 16.07 -4.13
C HIS B 200 36.02 17.51 -4.65
N ALA B 201 34.97 17.77 -5.41
CA ALA B 201 34.73 19.12 -5.91
C ALA B 201 34.56 20.19 -4.81
N LEU B 202 34.12 19.77 -3.62
CA LEU B 202 33.78 20.73 -2.58
C LEU B 202 34.67 20.80 -1.34
N HIS B 203 35.51 19.79 -1.11
CA HIS B 203 36.22 19.70 0.14
C HIS B 203 37.24 20.83 0.27
N GLN B 204 37.89 21.14 -0.84
CA GLN B 204 38.84 22.23 -0.87
C GLN B 204 38.23 23.52 -0.31
N HIS B 205 37.05 23.89 -0.79
CA HIS B 205 36.36 25.12 -0.36
C HIS B 205 36.06 25.13 1.14
N GLU B 206 36.01 23.94 1.71
CA GLU B 206 35.73 23.77 3.13
C GLU B 206 36.98 23.94 3.98
N LEU B 207 38.15 23.79 3.37
CA LEU B 207 39.39 24.04 4.05
C LEU B 207 39.59 25.54 4.12
N GLU B 208 39.20 26.24 3.05
CA GLU B 208 39.32 27.69 3.00
C GLU B 208 38.46 28.34 4.08
N LEU B 209 37.25 27.83 4.28
CA LEU B 209 36.37 28.39 5.31
C LEU B 209 36.97 28.17 6.69
N ALA B 210 37.43 26.96 6.94
CA ALA B 210 38.05 26.62 8.21
C ALA B 210 39.29 27.46 8.52
N ARG B 211 40.11 27.74 7.51
CA ARG B 211 41.30 28.58 7.66
C ARG B 211 40.90 30.00 8.04
N ALA B 212 40.07 30.59 7.18
CA ALA B 212 39.64 31.98 7.30
C ALA B 212 38.91 32.27 8.60
N SER B 213 38.44 31.23 9.29
CA SER B 213 37.68 31.43 10.52
C SER B 213 38.31 30.74 11.72
N ASP B 214 39.62 30.53 11.69
CA ASP B 214 40.32 29.84 12.77
C ASP B 214 39.49 28.65 13.31
N GLN B 215 39.36 27.62 12.48
CA GLN B 215 38.58 26.44 12.84
C GLN B 215 39.33 25.16 12.55
N ARG B 216 38.99 24.10 13.27
CA ARG B 216 39.52 22.78 12.95
C ARG B 216 38.65 22.08 11.91
N ILE B 217 39.25 21.17 11.15
CA ILE B 217 38.53 20.32 10.21
C ILE B 217 38.41 18.91 10.80
N GLY B 218 37.23 18.35 10.77
CA GLY B 218 37.02 17.02 11.30
C GLY B 218 36.41 16.12 10.25
N ILE B 219 36.75 14.82 10.34
CA ILE B 219 36.26 13.81 9.43
C ILE B 219 35.57 12.75 10.25
N ILE B 220 34.40 12.33 9.80
CA ILE B 220 33.65 11.25 10.41
C ILE B 220 33.49 10.26 9.25
N TYR B 221 33.91 9.03 9.46
CA TYR B 221 33.85 8.04 8.40
C TYR B 221 33.04 6.92 9.00
N SER B 222 31.89 6.67 8.41
CA SER B 222 30.89 5.86 9.06
C SER B 222 30.41 4.76 8.11
N ASP B 223 29.86 3.70 8.67
CA ASP B 223 29.44 2.54 7.90
C ASP B 223 28.20 1.92 8.56
N ILE B 224 27.13 1.71 7.80
CA ILE B 224 25.96 1.02 8.33
C ILE B 224 26.28 -0.41 8.71
N ASP B 225 25.83 -0.85 9.87
CA ASP B 225 26.20 -2.15 10.39
C ASP B 225 25.34 -3.27 9.88
N HIS B 226 26.00 -4.36 9.49
CA HIS B 226 25.33 -5.58 9.06
C HIS B 226 24.53 -5.32 7.79
N PHE B 227 25.05 -4.45 6.95
CA PHE B 227 24.32 -4.13 5.74
C PHE B 227 24.12 -5.36 4.89
N LYS B 228 25.20 -6.07 4.60
CA LYS B 228 25.11 -7.25 3.74
C LYS B 228 24.00 -8.14 4.28
N ARG B 229 24.07 -8.43 5.57
CA ARG B 229 23.05 -9.23 6.22
C ARG B 229 21.62 -8.77 5.94
N ILE B 230 21.42 -7.46 5.92
CA ILE B 230 20.09 -6.92 5.66
C ILE B 230 19.60 -7.23 4.25
N ASN B 231 20.40 -6.93 3.24
CA ASN B 231 20.01 -7.27 1.88
C ASN B 231 19.72 -8.76 1.75
N ASP B 232 20.57 -9.57 2.37
CA ASP B 232 20.46 -11.03 2.28
C ASP B 232 19.23 -11.59 3.00
N THR B 233 18.88 -10.99 4.14
CA THR B 233 17.69 -11.35 4.90
C THR B 233 16.41 -10.83 4.22
N LEU B 234 16.37 -9.53 3.93
CA LEU B 234 15.14 -8.86 3.51
C LEU B 234 15.10 -8.37 2.05
N GLY B 235 16.14 -8.69 1.27
CA GLY B 235 16.17 -8.30 -0.13
C GLY B 235 16.74 -6.92 -0.39
N HIS B 236 16.95 -6.60 -1.68
CA HIS B 236 17.57 -5.33 -2.08
C HIS B 236 16.72 -4.10 -1.72
N ARG B 237 15.42 -4.19 -1.95
CA ARG B 237 14.53 -3.07 -1.69
C ARG B 237 14.54 -2.64 -0.23
N ALA B 238 14.81 -3.58 0.66
CA ALA B 238 14.93 -3.28 2.08
C ALA B 238 16.33 -2.74 2.39
N GLY B 239 17.28 -3.04 1.52
CA GLY B 239 18.61 -2.46 1.61
C GLY B 239 18.53 -1.01 1.17
N ASP B 240 17.84 -0.79 0.07
CA ASP B 240 17.61 0.56 -0.43
C ASP B 240 16.85 1.42 0.60
N SER B 241 15.80 0.87 1.21
CA SER B 241 15.09 1.58 2.28
C SER B 241 16.07 2.05 3.33
N VAL B 242 16.94 1.15 3.77
CA VAL B 242 17.90 1.48 4.82
C VAL B 242 18.86 2.59 4.41
N LEU B 243 19.27 2.60 3.14
CA LEU B 243 20.16 3.66 2.67
C LEU B 243 19.46 5.02 2.74
N ARG B 244 18.37 5.17 1.98
CA ARG B 244 17.62 6.43 1.95
C ARG B 244 17.43 6.97 3.36
N GLU B 245 16.90 6.14 4.24
CA GLU B 245 16.58 6.59 5.58
C GLU B 245 17.87 6.90 6.35
N ALA B 246 18.89 6.06 6.20
CA ALA B 246 20.14 6.35 6.92
C ALA B 246 20.72 7.71 6.51
N ALA B 247 20.66 8.01 5.22
CA ALA B 247 21.12 9.30 4.73
C ALA B 247 20.31 10.46 5.34
N SER B 248 19.02 10.23 5.54
CA SER B 248 18.09 11.24 6.06
C SER B 248 18.48 11.56 7.48
N ARG B 249 18.92 10.53 8.20
CA ARG B 249 19.37 10.71 9.58
C ARG B 249 20.77 11.31 9.64
N LEU B 250 21.62 10.95 8.69
CA LEU B 250 22.92 11.58 8.61
C LEU B 250 22.75 13.08 8.54
N ARG B 251 21.81 13.51 7.71
CA ARG B 251 21.57 14.91 7.44
C ARG B 251 20.91 15.62 8.62
N ALA B 252 20.06 14.89 9.34
CA ALA B 252 19.39 15.41 10.53
C ALA B 252 20.32 15.58 11.73
N ALA B 253 21.41 14.80 11.78
CA ALA B 253 22.35 14.90 12.90
C ALA B 253 23.48 15.88 12.63
N LEU B 254 23.68 16.26 11.38
CA LEU B 254 24.71 17.22 11.10
C LEU B 254 24.04 18.58 10.97
N ARG B 255 24.81 19.58 10.56
CA ARG B 255 24.33 20.94 10.47
C ARG B 255 24.42 21.41 9.03
N PRO B 256 23.51 22.32 8.65
CA PRO B 256 23.38 22.80 7.26
C PRO B 256 24.72 23.08 6.55
N GLU B 257 25.75 23.49 7.29
CA GLU B 257 27.01 23.92 6.67
C GLU B 257 28.07 22.80 6.53
N ASP B 258 27.70 21.59 6.91
CA ASP B 258 28.60 20.44 6.83
C ASP B 258 28.56 19.69 5.49
N LEU B 259 29.72 19.22 5.06
CA LEU B 259 29.86 18.49 3.82
C LEU B 259 29.67 16.99 4.04
N LEU B 260 28.57 16.44 3.53
CA LEU B 260 28.21 15.03 3.66
C LEU B 260 28.21 14.32 2.30
N ALA B 261 28.71 13.08 2.25
CA ALA B 261 28.73 12.33 0.99
C ALA B 261 28.69 10.84 1.18
N ARG B 262 28.11 10.16 0.21
CA ARG B 262 28.15 8.72 0.12
C ARG B 262 29.52 8.32 -0.44
N PHE B 263 30.25 7.47 0.27
CA PHE B 263 31.60 7.10 -0.17
C PHE B 263 31.72 5.69 -0.70
N GLY B 264 30.65 4.91 -0.56
CA GLY B 264 30.59 3.58 -1.14
C GLY B 264 29.19 3.01 -1.08
N GLY B 265 29.07 1.73 -1.39
CA GLY B 265 27.78 1.06 -1.29
C GLY B 265 27.08 1.23 0.05
N GLU B 266 27.83 1.48 1.11
CA GLU B 266 27.25 1.49 2.45
C GLU B 266 27.97 2.41 3.41
N GLU B 267 28.78 3.32 2.87
CA GLU B 267 29.61 4.21 3.68
C GLU B 267 29.34 5.68 3.41
N PHE B 268 29.39 6.47 4.48
CA PHE B 268 29.17 7.90 4.38
C PHE B 268 30.30 8.64 5.04
N VAL B 269 30.67 9.78 4.45
CA VAL B 269 31.75 10.62 4.98
C VAL B 269 31.28 12.04 5.21
N ALA B 270 31.67 12.57 6.35
CA ALA B 270 31.31 13.91 6.73
C ALA B 270 32.54 14.73 7.05
N MET B 271 32.62 15.93 6.49
CA MET B 271 33.70 16.83 6.84
C MET B 271 33.04 18.00 7.59
N VAL B 272 33.57 18.33 8.76
CA VAL B 272 32.94 19.32 9.62
C VAL B 272 33.95 20.30 10.16
N ARG B 273 33.58 21.59 10.22
CA ARG B 273 34.41 22.59 10.91
C ARG B 273 34.01 22.68 12.40
N VAL B 274 34.99 22.58 13.30
CA VAL B 274 34.75 22.51 14.74
C VAL B 274 35.90 23.10 15.56
N ARG B 275 35.67 23.26 16.85
CA ARG B 275 36.59 23.96 17.76
C ARG B 275 37.78 23.08 18.14
N GLU B 276 37.47 21.87 18.61
CA GLU B 276 38.48 20.86 18.94
C GLU B 276 37.86 19.45 18.95
N THR B 277 38.61 18.46 19.43
CA THR B 277 38.15 17.07 19.32
C THR B 277 36.79 16.77 19.95
N THR B 278 36.57 17.24 21.17
CA THR B 278 35.33 16.95 21.90
C THR B 278 34.09 17.15 21.06
N GLU B 279 34.08 18.25 20.32
CA GLU B 279 32.93 18.67 19.53
C GLU B 279 32.68 17.67 18.40
N LEU B 280 33.76 17.22 17.79
CA LEU B 280 33.70 16.23 16.70
C LEU B 280 33.10 14.91 17.16
N THR B 281 33.64 14.36 18.24
CA THR B 281 33.14 13.09 18.78
C THR B 281 31.67 13.22 19.15
N MET B 282 31.32 14.40 19.63
CA MET B 282 29.94 14.74 19.97
C MET B 282 29.01 14.60 18.75
N ILE B 283 29.42 15.18 17.62
CA ILE B 283 28.64 15.08 16.38
C ILE B 283 28.57 13.65 15.84
N ALA B 284 29.70 12.94 15.89
CA ALA B 284 29.73 11.54 15.49
C ALA B 284 28.75 10.75 16.34
N ASN B 285 28.72 11.05 17.65
CA ASN B 285 27.80 10.35 18.54
C ASN B 285 26.34 10.74 18.36
N ARG B 286 26.10 11.97 17.90
CA ARG B 286 24.73 12.41 17.64
C ARG B 286 24.13 11.64 16.47
N ILE B 287 24.95 11.40 15.45
CA ILE B 287 24.57 10.54 14.33
C ILE B 287 24.28 9.12 14.77
N ARG B 288 25.20 8.52 15.52
CA ARG B 288 25.02 7.13 15.89
C ARG B 288 23.78 6.94 16.74
N GLU B 289 23.59 7.83 17.71
CA GLU B 289 22.39 7.85 18.54
C GLU B 289 21.16 7.95 17.64
N LEU B 290 21.13 8.99 16.81
CA LEU B 290 19.96 9.25 15.99
C LEU B 290 19.55 8.07 15.12
N MET B 291 20.50 7.20 14.77
CA MET B 291 20.25 6.06 13.89
C MET B 291 19.75 4.89 14.74
N GLU B 292 20.25 4.83 15.96
CA GLU B 292 19.91 3.80 16.92
C GLU B 292 18.59 4.09 17.63
N ALA B 293 18.10 5.33 17.50
CA ALA B 293 16.93 5.77 18.26
C ALA B 293 15.63 5.11 17.81
N THR B 294 15.55 4.64 16.56
CA THR B 294 14.32 3.99 16.09
C THR B 294 14.51 3.03 14.91
N PRO B 295 13.67 1.97 14.86
CA PRO B 295 13.66 1.02 13.74
C PRO B 295 13.40 1.72 12.41
N ILE B 296 14.10 1.32 11.37
CA ILE B 296 13.87 1.88 10.05
C ILE B 296 12.79 1.06 9.34
N ASP B 297 11.75 1.71 8.85
CA ASP B 297 10.62 0.97 8.29
C ASP B 297 10.91 0.46 6.90
N CYS B 298 10.71 -0.84 6.70
CA CYS B 298 10.87 -1.47 5.38
C CYS B 298 9.68 -2.34 5.02
N ALA B 299 8.85 -1.87 4.10
CA ALA B 299 7.70 -2.63 3.66
C ALA B 299 6.86 -3.10 4.85
N GLY B 300 6.67 -2.21 5.83
CA GLY B 300 5.88 -2.52 7.00
C GLY B 300 6.69 -3.13 8.12
N THR B 301 7.53 -4.11 7.76
CA THR B 301 8.42 -4.73 8.74
C THR B 301 9.46 -3.69 9.18
N SER B 302 9.63 -3.54 10.48
CA SER B 302 10.57 -2.54 10.98
C SER B 302 11.93 -3.19 11.17
N VAL B 303 12.99 -2.50 10.77
CA VAL B 303 14.33 -3.07 10.86
C VAL B 303 15.24 -2.21 11.74
N PRO B 304 15.76 -2.80 12.82
CA PRO B 304 16.73 -2.10 13.68
C PRO B 304 18.04 -1.85 12.93
N VAL B 305 18.41 -0.58 12.76
CA VAL B 305 19.63 -0.25 12.06
C VAL B 305 20.56 0.58 12.92
N THR B 306 21.81 0.14 12.97
CA THR B 306 22.82 0.73 13.81
C THR B 306 23.98 1.20 12.93
N ILE B 307 24.92 1.96 13.47
CA ILE B 307 25.96 2.56 12.64
C ILE B 307 27.30 2.59 13.37
N SER B 308 28.37 2.18 12.70
CA SER B 308 29.73 2.30 13.26
C SER B 308 30.40 3.49 12.62
N ALA B 309 31.33 4.13 13.32
CA ALA B 309 31.95 5.33 12.80
C ALA B 309 33.32 5.58 13.43
N GLY B 310 34.27 6.08 12.64
CA GLY B 310 35.55 6.53 13.15
C GLY B 310 35.66 8.02 12.90
N CYS B 311 36.47 8.74 13.68
CA CYS B 311 36.66 10.18 13.42
C CYS B 311 38.03 10.72 13.87
N THR B 312 38.46 11.82 13.28
CA THR B 312 39.73 12.41 13.66
C THR B 312 39.78 13.84 13.14
N LEU B 313 40.62 14.67 13.74
CA LEU B 313 40.83 16.03 13.23
C LEU B 313 41.98 16.04 12.27
N ALA B 314 41.91 16.90 11.26
CA ALA B 314 43.01 17.05 10.32
C ALA B 314 43.98 18.10 10.83
N GLY B 315 45.20 17.67 11.15
CA GLY B 315 46.23 18.60 11.54
C GLY B 315 46.35 19.70 10.50
N SER B 316 46.92 20.84 10.89
CA SER B 316 47.07 21.95 9.97
C SER B 316 48.05 21.62 8.83
N GLY B 317 47.58 21.80 7.59
CA GLY B 317 48.38 21.48 6.43
C GLY B 317 48.38 20.01 6.07
N GLU B 318 47.83 19.16 6.94
CA GLU B 318 47.78 17.73 6.64
C GLU B 318 47.03 17.56 5.34
N GLU B 319 47.57 16.73 4.45
CA GLU B 319 46.87 16.40 3.23
C GLU B 319 45.51 15.80 3.61
N PRO B 320 44.43 16.25 2.95
CA PRO B 320 43.08 15.74 3.26
C PRO B 320 42.98 14.20 3.23
N GLU B 321 43.69 13.56 2.31
CA GLU B 321 43.57 12.13 2.14
C GLU B 321 44.10 11.36 3.34
N ARG B 322 45.13 11.92 3.97
CA ARG B 322 45.74 11.31 5.16
C ARG B 322 44.71 11.24 6.29
N ALA B 323 44.00 12.35 6.53
CA ALA B 323 42.97 12.42 7.57
C ALA B 323 41.83 11.46 7.31
N LEU B 324 41.33 11.47 6.07
CA LEU B 324 40.40 10.44 5.61
C LEU B 324 40.87 9.04 5.99
N ALA B 325 42.11 8.71 5.63
CA ALA B 325 42.63 7.36 5.86
C ALA B 325 42.62 7.03 7.34
N ARG B 326 42.95 8.01 8.17
CA ARG B 326 42.99 7.79 9.61
C ARG B 326 41.58 7.54 10.17
N ALA B 327 40.61 8.33 9.75
CA ALA B 327 39.25 8.10 10.19
C ALA B 327 38.74 6.77 9.69
N ASP B 328 39.12 6.39 8.47
CA ASP B 328 38.75 5.06 7.95
C ASP B 328 39.34 3.92 8.80
N ALA B 329 40.59 4.08 9.23
CA ALA B 329 41.19 3.12 10.16
C ALA B 329 40.40 3.06 11.47
N ALA B 330 40.02 4.25 11.98
CA ALA B 330 39.26 4.35 13.22
C ALA B 330 37.87 3.72 13.09
N LEU B 331 37.29 3.74 11.90
CA LEU B 331 36.00 3.09 11.71
C LEU B 331 36.15 1.59 11.86
N TYR B 332 37.26 1.06 11.36
CA TYR B 332 37.51 -0.38 11.46
C TYR B 332 37.82 -0.81 12.90
N ASP B 333 38.43 0.04 13.71
CA ASP B 333 38.54 -0.24 15.15
C ASP B 333 37.15 -0.37 15.79
N ALA B 334 36.26 0.59 15.47
CA ALA B 334 34.89 0.59 15.95
C ALA B 334 34.17 -0.69 15.58
N LYS B 335 34.40 -1.19 14.37
CA LYS B 335 33.71 -2.41 13.94
C LYS B 335 34.16 -3.61 14.77
N ARG B 336 35.46 -3.70 15.03
CA ARG B 336 36.02 -4.85 15.74
C ARG B 336 35.60 -4.81 17.21
N ALA B 337 35.54 -3.61 17.76
CA ALA B 337 35.16 -3.44 19.14
C ALA B 337 33.66 -3.65 19.35
N GLY B 338 32.95 -4.17 18.36
CA GLY B 338 31.56 -4.54 18.58
C GLY B 338 30.50 -3.71 17.86
N ARG B 339 30.93 -2.85 16.93
CA ARG B 339 30.01 -2.05 16.13
C ARG B 339 29.15 -1.12 16.98
N ASN B 340 28.11 -0.55 16.36
CA ASN B 340 27.30 0.51 16.98
C ASN B 340 28.09 1.45 17.90
N ARG B 341 29.16 2.06 17.41
CA ARG B 341 29.90 3.00 18.24
C ARG B 341 30.83 3.90 17.44
N VAL B 342 31.34 4.94 18.09
CA VAL B 342 32.26 5.87 17.49
C VAL B 342 33.64 5.76 18.15
N VAL B 343 34.68 5.61 17.35
CA VAL B 343 36.05 5.65 17.86
C VAL B 343 36.73 6.91 17.41
N SER B 344 37.31 7.64 18.36
CA SER B 344 38.00 8.87 18.03
C SER B 344 39.51 8.69 18.06
N VAL B 345 40.19 9.38 17.16
CA VAL B 345 41.63 9.25 17.02
C VAL B 345 42.18 10.66 16.70
N CYS C 8 6.45 -24.64 18.52
CA CYS C 8 5.84 -25.40 17.43
C CYS C 8 6.91 -26.03 16.52
N PRO C 9 7.03 -27.37 16.58
CA PRO C 9 8.04 -28.17 15.87
C PRO C 9 7.83 -28.23 14.35
N LEU C 10 8.93 -28.35 13.61
CA LEU C 10 8.90 -28.38 12.15
C LEU C 10 9.14 -29.81 11.63
N PRO C 11 8.72 -30.10 10.38
CA PRO C 11 8.99 -31.41 9.77
C PRO C 11 10.47 -31.55 9.31
N PRO C 12 10.99 -32.79 9.29
CA PRO C 12 12.39 -32.98 8.88
C PRO C 12 12.70 -32.41 7.49
N ASP C 13 11.67 -32.35 6.65
CA ASP C 13 11.79 -31.91 5.25
C ASP C 13 11.05 -30.60 5.01
N GLU C 14 10.95 -29.79 6.07
CA GLU C 14 10.21 -28.52 6.07
C GLU C 14 10.59 -27.57 4.94
N ALA C 15 11.79 -27.73 4.39
CA ALA C 15 12.18 -26.90 3.26
C ALA C 15 11.54 -27.41 1.97
N LEU C 16 11.44 -28.74 1.85
CA LEU C 16 10.68 -29.35 0.76
C LEU C 16 9.20 -28.98 0.91
N ARG C 17 8.71 -29.01 2.14
CA ARG C 17 7.32 -28.72 2.42
C ARG C 17 7.01 -27.30 1.96
N GLN C 18 7.82 -26.37 2.45
CA GLN C 18 7.72 -24.98 2.06
C GLN C 18 7.83 -24.86 0.54
N GLN C 19 8.68 -25.69 -0.05
CA GLN C 19 8.88 -25.67 -1.49
C GLN C 19 7.59 -25.99 -2.24
N ALA C 20 6.85 -26.99 -1.76
CA ALA C 20 5.57 -27.36 -2.37
C ALA C 20 4.61 -26.16 -2.38
N LEU C 21 4.35 -25.59 -1.21
CA LEU C 21 3.42 -24.45 -1.11
C LEU C 21 3.82 -23.26 -1.99
N ASP C 22 5.13 -23.05 -2.14
CA ASP C 22 5.63 -21.94 -2.95
C ASP C 22 5.42 -22.17 -4.44
N ASP C 23 5.52 -23.43 -4.89
CA ASP C 23 5.25 -23.75 -6.30
C ASP C 23 3.78 -23.54 -6.66
N MET C 24 2.91 -23.60 -5.64
CA MET C 24 1.46 -23.45 -5.81
C MET C 24 1.02 -22.01 -5.99
N ALA C 25 1.97 -21.08 -5.82
CA ALA C 25 1.72 -19.65 -5.88
C ALA C 25 0.42 -19.28 -5.20
N LEU C 26 0.23 -19.84 -4.00
CA LEU C 26 -1.04 -19.80 -3.30
C LEU C 26 -1.09 -18.78 -2.16
N VAL C 27 0.04 -18.58 -1.47
CA VAL C 27 0.10 -17.62 -0.37
C VAL C 27 0.03 -16.18 -0.88
N ASP C 28 -0.72 -15.34 -0.16
CA ASP C 28 -0.87 -13.92 -0.51
C ASP C 28 -1.69 -13.71 -1.80
N THR C 29 -2.80 -14.45 -1.92
CA THR C 29 -3.73 -14.30 -3.04
C THR C 29 -5.15 -14.04 -2.54
N PRO C 30 -6.02 -13.55 -3.42
CA PRO C 30 -7.39 -13.19 -3.08
C PRO C 30 -8.28 -14.35 -2.67
N ALA C 31 -9.26 -14.06 -1.83
CA ALA C 31 -10.26 -15.07 -1.51
C ALA C 31 -10.88 -15.53 -2.83
N GLU C 32 -11.32 -16.78 -2.87
CA GLU C 32 -11.96 -17.31 -4.07
C GLU C 32 -13.36 -17.82 -3.77
N HIS C 33 -14.32 -17.40 -4.58
CA HIS C 33 -15.72 -17.76 -4.35
C HIS C 33 -15.89 -19.20 -3.82
N TYR C 34 -15.36 -20.16 -4.56
CA TYR C 34 -15.44 -21.59 -4.22
C TYR C 34 -15.01 -21.90 -2.79
N LEU C 35 -13.84 -21.41 -2.40
CA LEU C 35 -13.35 -21.59 -1.03
C LEU C 35 -14.24 -20.90 0.01
N ASP C 36 -14.67 -19.67 -0.24
CA ASP C 36 -15.63 -19.01 0.65
C ASP C 36 -16.88 -19.85 0.85
N ALA C 37 -17.29 -20.55 -0.20
CA ALA C 37 -18.51 -21.35 -0.16
C ALA C 37 -18.31 -22.67 0.60
N LEU C 38 -17.20 -23.35 0.34
CA LEU C 38 -16.87 -24.58 1.07
C LEU C 38 -16.73 -24.26 2.54
N VAL C 39 -16.11 -23.14 2.84
CA VAL C 39 -15.88 -22.75 4.21
C VAL C 39 -17.21 -22.37 4.89
N GLU C 40 -18.10 -21.69 4.16
CA GLU C 40 -19.42 -21.36 4.68
C GLU C 40 -20.32 -22.59 4.80
N LEU C 41 -20.10 -23.57 3.92
CA LEU C 41 -20.89 -24.79 3.94
C LEU C 41 -20.53 -25.65 5.17
N ALA C 42 -19.24 -25.72 5.47
CA ALA C 42 -18.73 -26.48 6.61
C ALA C 42 -19.20 -25.85 7.91
N ARG C 43 -19.28 -24.52 7.93
CA ARG C 43 -19.76 -23.81 9.11
C ARG C 43 -21.23 -24.15 9.35
N GLU C 44 -21.98 -24.27 8.26
CA GLU C 44 -23.40 -24.57 8.34
C GLU C 44 -23.64 -26.01 8.80
N THR C 45 -23.07 -26.94 8.05
CA THR C 45 -23.17 -28.36 8.34
C THR C 45 -22.98 -28.63 9.82
N PHE C 46 -21.80 -28.29 10.30
CA PHE C 46 -21.36 -28.65 11.64
C PHE C 46 -21.88 -27.71 12.72
N GLY C 47 -22.00 -26.43 12.38
CA GLY C 47 -22.58 -25.46 13.30
C GLY C 47 -21.57 -24.76 14.19
N VAL C 48 -20.28 -24.94 13.93
CA VAL C 48 -19.25 -24.20 14.67
C VAL C 48 -19.31 -22.68 14.35
N LYS C 49 -18.37 -21.91 14.90
CA LYS C 49 -18.35 -20.46 14.68
C LYS C 49 -17.33 -20.08 13.63
N THR C 50 -16.43 -21.02 13.34
CA THR C 50 -15.23 -20.68 12.59
C THR C 50 -14.70 -21.81 11.75
N VAL C 51 -14.46 -21.54 10.48
CA VAL C 51 -13.77 -22.48 9.62
C VAL C 51 -12.69 -21.73 8.87
N LEU C 52 -11.56 -22.38 8.66
CA LEU C 52 -10.43 -21.71 8.04
C LEU C 52 -9.79 -22.62 7.01
N ILE C 53 -9.09 -22.03 6.06
CA ILE C 53 -8.17 -22.78 5.24
C ILE C 53 -6.82 -22.10 5.37
N SER C 54 -6.04 -22.57 6.33
CA SER C 54 -4.79 -21.93 6.71
C SER C 54 -3.60 -22.61 6.05
N LEU C 55 -2.80 -21.80 5.39
CA LEU C 55 -1.55 -22.25 4.81
C LEU C 55 -0.43 -21.92 5.78
N ILE C 56 0.36 -22.93 6.12
CA ILE C 56 1.52 -22.77 6.96
C ILE C 56 2.72 -22.32 6.13
N ASP C 57 3.06 -21.04 6.31
CA ASP C 57 4.06 -20.35 5.51
C ASP C 57 5.16 -19.80 6.44
N HIS C 58 6.34 -20.41 6.39
CA HIS C 58 7.46 -19.99 7.23
C HIS C 58 6.97 -19.82 8.68
N ASP C 59 7.08 -18.60 9.20
CA ASP C 59 6.74 -18.29 10.60
C ASP C 59 5.25 -17.99 10.90
N ARG C 60 4.38 -18.21 9.92
CA ARG C 60 2.98 -17.82 10.07
C ARG C 60 1.96 -18.83 9.54
N GLN C 61 0.74 -18.61 9.99
CA GLN C 61 -0.42 -19.33 9.52
C GLN C 61 -1.28 -18.36 8.69
N TRP C 62 -1.06 -18.29 7.38
CA TRP C 62 -1.83 -17.38 6.54
C TRP C 62 -3.09 -18.06 5.98
N PHE C 63 -4.25 -17.38 6.07
CA PHE C 63 -5.51 -17.94 5.59
C PHE C 63 -5.91 -17.55 4.16
N LYS C 64 -6.28 -18.54 3.36
CA LYS C 64 -6.78 -18.33 1.99
C LYS C 64 -8.29 -18.14 1.98
N ALA C 65 -8.98 -18.80 2.92
CA ALA C 65 -10.39 -18.58 3.19
C ALA C 65 -10.65 -18.65 4.68
N ARG C 66 -11.72 -18.00 5.13
CA ARG C 66 -12.10 -18.01 6.55
C ARG C 66 -13.52 -17.52 6.75
N ILE C 67 -14.16 -17.97 7.82
CA ILE C 67 -15.43 -17.40 8.25
C ILE C 67 -15.51 -17.45 9.77
N GLY C 68 -15.96 -16.36 10.38
CA GLY C 68 -15.99 -16.24 11.83
C GLY C 68 -14.61 -16.03 12.46
N LEU C 69 -13.80 -15.20 11.82
CA LEU C 69 -12.44 -14.99 12.25
C LEU C 69 -11.99 -13.80 11.42
N ASP C 70 -11.55 -12.75 12.10
CA ASP C 70 -11.34 -11.46 11.49
C ASP C 70 -9.85 -11.32 11.08
N ALA C 71 -8.96 -11.88 11.90
CA ALA C 71 -7.53 -11.79 11.61
C ALA C 71 -7.20 -12.35 10.21
N GLU C 72 -6.16 -11.81 9.59
CA GLU C 72 -5.70 -12.28 8.30
C GLU C 72 -4.72 -13.42 8.48
N GLN C 73 -4.02 -13.40 9.61
CA GLN C 73 -3.01 -14.42 9.95
C GLN C 73 -2.73 -14.52 11.47
N THR C 74 -1.96 -15.54 11.83
CA THR C 74 -1.43 -15.73 13.19
C THR C 74 -0.10 -16.52 13.13
N PRO C 75 0.81 -16.27 14.07
CA PRO C 75 2.16 -16.87 14.01
C PRO C 75 2.15 -18.39 14.11
N ARG C 76 3.19 -19.03 13.56
CA ARG C 76 3.24 -20.49 13.45
C ARG C 76 3.44 -21.21 14.80
N ASP C 77 3.93 -20.50 15.81
CA ASP C 77 4.12 -21.10 17.14
C ASP C 77 2.82 -21.24 17.94
N LEU C 78 1.90 -20.29 17.73
CA LEU C 78 0.57 -20.31 18.36
C LEU C 78 -0.54 -20.96 17.49
N SER C 79 -0.16 -21.89 16.61
CA SER C 79 -1.15 -22.60 15.80
C SER C 79 -1.18 -24.13 16.03
N PHE C 80 -2.41 -24.65 16.08
CA PHE C 80 -2.67 -26.08 16.10
C PHE C 80 -2.16 -26.68 14.80
N CYS C 81 -2.51 -26.00 13.70
CA CYS C 81 -2.14 -26.37 12.33
C CYS C 81 -0.67 -26.75 12.14
N GLY C 82 0.22 -26.14 12.92
CA GLY C 82 1.64 -26.44 12.86
C GLY C 82 1.88 -27.90 13.20
N HIS C 83 1.06 -28.42 14.10
CA HIS C 83 1.12 -29.82 14.50
C HIS C 83 0.34 -30.72 13.54
N ALA C 84 -0.90 -30.33 13.25
CA ALA C 84 -1.74 -31.05 12.30
C ALA C 84 -0.97 -31.53 11.07
N ILE C 85 -0.22 -30.63 10.43
CA ILE C 85 0.55 -30.96 9.22
C ILE C 85 1.77 -31.87 9.45
N LEU C 86 1.97 -32.31 10.69
CA LEU C 86 3.09 -33.20 11.00
C LEU C 86 2.65 -34.67 10.93
N ALA C 87 1.34 -34.87 10.88
CA ALA C 87 0.75 -36.22 10.87
C ALA C 87 -0.28 -36.41 9.75
N SER C 88 -0.38 -37.64 9.26
CA SER C 88 -1.31 -37.98 8.17
C SER C 88 -2.78 -37.92 8.59
N GLU C 89 -3.03 -38.03 9.88
CA GLU C 89 -4.39 -38.11 10.39
C GLU C 89 -4.86 -36.74 10.87
N PRO C 90 -6.18 -36.59 11.05
CA PRO C 90 -6.69 -35.31 11.50
C PRO C 90 -6.29 -35.04 12.95
N LEU C 91 -5.83 -33.82 13.23
CA LEU C 91 -5.61 -33.39 14.58
C LEU C 91 -6.95 -32.95 15.19
N MET C 92 -7.65 -33.89 15.83
CA MET C 92 -8.91 -33.57 16.46
C MET C 92 -8.73 -33.31 17.97
N VAL C 93 -9.12 -32.12 18.42
CA VAL C 93 -8.91 -31.69 19.81
C VAL C 93 -10.21 -31.29 20.53
N THR C 94 -10.72 -32.18 21.36
CA THR C 94 -11.95 -31.95 22.14
C THR C 94 -11.93 -30.61 22.92
N ASP C 95 -10.81 -30.36 23.60
CA ASP C 95 -10.67 -29.21 24.50
C ASP C 95 -9.17 -28.82 24.63
N ALA C 96 -8.82 -27.63 24.12
CA ALA C 96 -7.43 -27.16 24.00
C ALA C 96 -6.85 -26.59 25.30
N SER C 97 -7.74 -26.30 26.24
CA SER C 97 -7.34 -25.81 27.57
C SER C 97 -6.76 -26.97 28.38
N ARG C 98 -7.35 -28.14 28.23
CA ARG C 98 -6.84 -29.36 28.86
C ARG C 98 -5.66 -29.99 28.07
N ASP C 99 -5.23 -29.35 27.00
CA ASP C 99 -4.24 -29.95 26.11
C ASP C 99 -2.84 -29.34 26.30
N PRO C 100 -1.83 -30.20 26.55
CA PRO C 100 -0.41 -29.86 26.80
C PRO C 100 0.21 -28.92 25.79
N ARG C 101 -0.06 -29.16 24.51
CA ARG C 101 0.50 -28.37 23.42
C ARG C 101 -0.17 -27.00 23.26
N PHE C 102 -1.46 -26.90 23.61
CA PHE C 102 -2.23 -25.71 23.26
C PHE C 102 -2.83 -24.90 24.42
N HIS C 103 -2.88 -25.49 25.61
CA HIS C 103 -3.54 -24.87 26.77
C HIS C 103 -3.14 -23.41 27.09
N ASP C 104 -1.91 -23.02 26.79
CA ASP C 104 -1.53 -21.64 27.06
C ASP C 104 -1.33 -20.80 25.78
N ASN C 105 -1.79 -21.36 24.66
CA ASN C 105 -1.93 -20.62 23.40
C ASN C 105 -2.80 -19.37 23.61
N PRO C 106 -2.29 -18.19 23.20
CA PRO C 106 -2.96 -16.91 23.40
C PRO C 106 -4.43 -16.90 22.98
N LEU C 107 -4.75 -17.68 21.94
CA LEU C 107 -6.09 -17.72 21.35
C LEU C 107 -7.01 -18.71 22.08
N VAL C 108 -6.41 -19.50 22.96
CA VAL C 108 -7.15 -20.39 23.86
C VAL C 108 -7.42 -19.69 25.20
N THR C 109 -6.33 -19.23 25.84
CA THR C 109 -6.43 -18.50 27.12
C THR C 109 -7.14 -17.15 26.94
N GLY C 110 -6.86 -16.50 25.80
CA GLY C 110 -7.51 -15.25 25.42
C GLY C 110 -8.51 -15.46 24.30
N PRO C 111 -9.06 -14.36 23.75
CA PRO C 111 -10.03 -14.46 22.65
C PRO C 111 -9.47 -15.17 21.40
N PRO C 112 -10.30 -15.95 20.71
CA PRO C 112 -11.73 -16.11 21.00
C PRO C 112 -11.97 -17.27 21.95
N PHE C 113 -10.90 -17.74 22.61
CA PHE C 113 -11.01 -18.77 23.62
C PHE C 113 -11.41 -20.08 22.95
N ILE C 114 -10.52 -20.53 22.07
CA ILE C 114 -10.69 -21.80 21.36
C ILE C 114 -10.65 -22.98 22.32
N ARG C 115 -11.72 -23.76 22.32
CA ARG C 115 -11.70 -25.03 23.02
C ARG C 115 -11.65 -26.15 21.99
N PHE C 116 -12.65 -26.21 21.12
CA PHE C 116 -12.70 -27.24 20.09
C PHE C 116 -11.92 -26.91 18.82
N TYR C 117 -11.16 -27.90 18.33
CA TYR C 117 -10.48 -27.78 17.04
C TYR C 117 -10.35 -29.14 16.34
N ALA C 118 -10.64 -29.14 15.04
CA ALA C 118 -10.54 -30.35 14.25
C ALA C 118 -10.06 -29.96 12.86
N GLY C 119 -8.81 -30.33 12.55
CA GLY C 119 -8.21 -29.98 11.28
C GLY C 119 -7.75 -31.17 10.49
N GLU C 120 -8.03 -31.12 9.20
CA GLU C 120 -7.50 -32.10 8.27
C GLU C 120 -6.39 -31.43 7.48
N PRO C 121 -5.22 -32.07 7.41
CA PRO C 121 -4.13 -31.69 6.50
C PRO C 121 -4.59 -31.60 5.03
N LEU C 122 -4.17 -30.55 4.34
CA LEU C 122 -4.42 -30.36 2.92
C LEU C 122 -3.09 -30.47 2.20
N HIS C 123 -3.03 -31.18 1.08
CA HIS C 123 -1.74 -31.53 0.50
C HIS C 123 -1.50 -30.94 -0.87
N ALA C 124 -0.24 -30.81 -1.24
CA ALA C 124 0.09 -30.49 -2.62
C ALA C 124 0.09 -31.80 -3.43
N SER C 125 0.03 -31.70 -4.75
CA SER C 125 -0.09 -32.89 -5.57
C SER C 125 1.01 -33.91 -5.25
N ASN C 126 2.07 -33.46 -4.57
CA ASN C 126 3.22 -34.31 -4.26
C ASN C 126 3.22 -34.95 -2.88
N GLY C 127 2.13 -34.79 -2.13
CA GLY C 127 2.03 -35.41 -0.82
C GLY C 127 2.30 -34.42 0.30
N GLN C 128 3.08 -33.40 -0.02
CA GLN C 128 3.63 -32.49 0.98
C GLN C 128 2.56 -31.63 1.66
N ALA C 129 2.23 -31.95 2.91
CA ALA C 129 1.17 -31.26 3.63
C ALA C 129 1.44 -29.77 3.75
N ILE C 130 0.66 -28.97 3.02
CA ILE C 130 0.85 -27.52 2.91
C ILE C 130 -0.03 -26.68 3.85
N GLY C 131 -0.92 -27.30 4.59
CA GLY C 131 -1.87 -26.54 5.36
C GLY C 131 -3.00 -27.42 5.85
N THR C 132 -4.07 -26.81 6.34
CA THR C 132 -5.20 -27.59 6.85
C THR C 132 -6.53 -26.89 6.60
N LEU C 133 -7.60 -27.66 6.62
CA LEU C 133 -8.95 -27.13 6.72
C LEU C 133 -9.37 -27.46 8.13
N CYS C 134 -9.90 -26.49 8.87
CA CYS C 134 -10.17 -26.72 10.29
C CYS C 134 -11.42 -26.05 10.84
N LEU C 135 -11.96 -26.63 11.92
CA LEU C 135 -13.11 -26.08 12.63
C LEU C 135 -12.67 -25.55 13.98
N ILE C 136 -13.34 -24.50 14.45
CA ILE C 136 -13.01 -23.89 15.73
C ILE C 136 -14.28 -23.39 16.45
N ASP C 137 -14.46 -23.84 17.70
CA ASP C 137 -15.57 -23.38 18.53
C ASP C 137 -15.13 -23.16 19.98
N PRO C 138 -15.56 -22.04 20.59
CA PRO C 138 -15.35 -21.75 22.00
C PRO C 138 -15.65 -22.91 22.96
N SER C 139 -16.61 -23.78 22.62
CA SER C 139 -16.98 -24.91 23.49
C SER C 139 -16.19 -26.16 23.11
N PRO C 140 -16.10 -27.13 24.04
CA PRO C 140 -15.50 -28.43 23.73
C PRO C 140 -16.43 -29.32 22.88
N ARG C 141 -15.83 -30.21 22.08
CA ARG C 141 -16.62 -31.04 21.19
C ARG C 141 -15.89 -32.30 20.72
N LEU C 142 -16.67 -33.33 20.46
CA LEU C 142 -16.20 -34.52 19.76
C LEU C 142 -17.18 -34.87 18.63
N LEU C 143 -16.64 -35.40 17.54
CA LEU C 143 -17.45 -35.72 16.38
C LEU C 143 -17.71 -37.22 16.29
N ASP C 144 -18.97 -37.59 16.04
CA ASP C 144 -19.26 -39.00 15.76
C ASP C 144 -18.61 -39.32 14.42
N LEU C 145 -18.37 -40.61 14.18
CA LEU C 145 -17.66 -41.06 12.96
C LEU C 145 -18.25 -40.48 11.66
N ARG C 146 -19.55 -40.22 11.67
CA ARG C 146 -20.21 -39.59 10.53
C ARG C 146 -19.73 -38.15 10.34
N GLU C 147 -19.90 -37.32 11.37
CA GLU C 147 -19.43 -35.95 11.31
C GLU C 147 -17.96 -35.92 10.90
N GLY C 148 -17.17 -36.81 11.48
CA GLY C 148 -15.74 -36.87 11.16
C GLY C 148 -15.47 -37.06 9.69
N ARG C 149 -16.12 -38.07 9.12
CA ARG C 149 -16.04 -38.35 7.69
C ARG C 149 -16.51 -37.13 6.87
N GLN C 150 -17.54 -36.42 7.34
CA GLN C 150 -18.03 -35.26 6.63
C GLN C 150 -16.89 -34.27 6.48
N LEU C 151 -16.35 -33.81 7.61
CA LEU C 151 -15.16 -32.97 7.61
C LEU C 151 -14.10 -33.55 6.67
N ASN C 152 -13.92 -34.87 6.70
CA ASN C 152 -12.89 -35.46 5.87
C ASN C 152 -13.09 -35.22 4.37
N ARG C 153 -14.33 -35.24 3.91
CA ARG C 153 -14.59 -35.07 2.48
C ARG C 153 -14.50 -33.60 2.11
N LEU C 154 -14.98 -32.75 3.00
CA LEU C 154 -14.76 -31.32 2.86
C LEU C 154 -13.27 -31.03 2.73
N SER C 155 -12.46 -31.74 3.50
CA SER C 155 -11.02 -31.60 3.42
C SER C 155 -10.56 -31.90 2.00
N ILE C 156 -11.07 -32.97 1.42
CA ILE C 156 -10.70 -33.37 0.06
C ILE C 156 -11.15 -32.35 -1.01
N LEU C 157 -12.36 -31.82 -0.87
CA LEU C 157 -12.86 -30.79 -1.79
C LEU C 157 -11.95 -29.56 -1.82
N ALA C 158 -11.57 -29.08 -0.63
CA ALA C 158 -10.67 -27.94 -0.51
C ALA C 158 -9.33 -28.27 -1.13
N GLU C 159 -8.81 -29.44 -0.78
CA GLU C 159 -7.55 -29.91 -1.34
C GLU C 159 -7.61 -29.98 -2.86
N GLY C 160 -8.70 -30.51 -3.39
CA GLY C 160 -8.88 -30.65 -4.82
C GLY C 160 -8.98 -29.32 -5.53
N TYR C 161 -9.75 -28.41 -4.97
CA TYR C 161 -9.72 -27.07 -5.54
C TYR C 161 -8.29 -26.52 -5.61
N LEU C 162 -7.50 -26.72 -4.55
CA LEU C 162 -6.17 -26.11 -4.48
C LEU C 162 -5.24 -26.70 -5.53
N GLN C 163 -5.27 -28.02 -5.66
CA GLN C 163 -4.39 -28.67 -6.62
C GLN C 163 -4.81 -28.39 -8.05
N LEU C 164 -6.12 -28.26 -8.27
CA LEU C 164 -6.61 -27.85 -9.58
C LEU C 164 -6.14 -26.43 -9.90
N ARG C 165 -6.25 -25.55 -8.92
CA ARG C 165 -5.83 -24.15 -9.09
C ARG C 165 -4.40 -24.07 -9.63
N SER C 166 -3.58 -25.05 -9.25
CA SER C 166 -2.17 -25.13 -9.67
C SER C 166 -1.94 -25.47 -11.15
N LEU C 167 -3.02 -25.83 -11.86
CA LEU C 167 -2.93 -26.21 -13.26
C LEU C 167 -3.56 -25.20 -14.22
N THR C 168 -3.91 -24.02 -13.72
CA THR C 168 -4.47 -22.95 -14.55
C THR C 168 -3.39 -22.02 -15.11
N GLU C 169 -3.71 -21.29 -16.16
CA GLU C 169 -2.73 -20.35 -16.74
C GLU C 169 -2.48 -19.25 -15.74
N HIS C 170 -3.46 -18.97 -14.90
CA HIS C 170 -3.32 -17.91 -13.95
C HIS C 170 -2.16 -18.22 -12.99
N THR C 171 -2.19 -19.40 -12.36
CA THR C 171 -1.13 -19.71 -11.42
C THR C 171 0.21 -19.94 -12.12
N ARG C 172 0.20 -20.44 -13.34
CA ARG C 172 1.44 -20.44 -14.12
C ARG C 172 1.97 -19.00 -14.17
N PHE C 173 1.07 -18.05 -14.41
CA PHE C 173 1.42 -16.63 -14.49
C PHE C 173 1.90 -16.02 -13.16
N LEU C 174 1.22 -16.29 -12.06
CA LEU C 174 1.76 -15.91 -10.76
C LEU C 174 3.16 -16.49 -10.56
N ARG C 175 3.27 -17.80 -10.68
CA ARG C 175 4.53 -18.51 -10.51
C ARG C 175 5.65 -17.82 -11.30
N GLN C 176 5.41 -17.50 -12.56
CA GLN C 176 6.47 -17.02 -13.44
C GLN C 176 6.71 -15.51 -13.45
N GLU C 177 5.66 -14.71 -13.25
CA GLU C 177 5.78 -13.28 -13.48
C GLU C 177 5.55 -12.42 -12.23
N ILE C 178 5.22 -13.05 -11.11
CA ILE C 178 4.96 -12.31 -9.88
C ILE C 178 5.34 -13.08 -8.62
N ASP C 179 6.48 -12.74 -8.04
CA ASP C 179 7.06 -13.46 -6.91
C ASP C 179 6.34 -13.25 -5.60
N ARG C 180 6.54 -14.18 -4.68
CA ARG C 180 5.86 -14.21 -3.38
C ARG C 180 6.05 -12.92 -2.59
N GLU C 181 7.12 -12.19 -2.88
CA GLU C 181 7.36 -10.92 -2.24
C GLU C 181 6.45 -9.86 -2.83
N GLN C 182 6.40 -9.80 -4.16
CA GLN C 182 5.57 -8.83 -4.85
C GLN C 182 4.11 -8.95 -4.42
N ARG C 183 3.62 -10.19 -4.34
CA ARG C 183 2.21 -10.44 -4.06
C ARG C 183 1.75 -9.81 -2.76
N LYS C 184 2.61 -9.84 -1.75
CA LYS C 184 2.23 -9.27 -0.48
C LYS C 184 1.87 -7.80 -0.70
N SER C 185 2.43 -7.24 -1.78
CA SER C 185 2.19 -5.84 -2.14
C SER C 185 0.79 -5.65 -2.73
N LEU C 186 0.47 -6.48 -3.73
CA LEU C 186 -0.70 -6.31 -4.62
C LEU C 186 -2.06 -6.69 -4.02
N LEU C 187 -2.04 -7.14 -2.77
CA LEU C 187 -3.22 -7.69 -2.11
C LEU C 187 -3.79 -6.75 -1.06
N ASP C 188 -5.10 -6.50 -1.10
CA ASP C 188 -5.77 -5.78 -0.02
C ASP C 188 -6.32 -6.74 1.04
N PRO C 189 -5.66 -6.80 2.22
CA PRO C 189 -6.02 -7.83 3.21
C PRO C 189 -7.39 -7.64 3.86
N LEU C 190 -7.94 -6.43 3.84
CA LEU C 190 -9.29 -6.22 4.39
C LEU C 190 -10.36 -6.95 3.57
N THR C 191 -10.47 -6.63 2.29
CA THR C 191 -11.45 -7.28 1.40
C THR C 191 -10.94 -8.61 0.87
N GLN C 192 -9.63 -8.76 0.87
CA GLN C 192 -8.94 -9.94 0.36
C GLN C 192 -9.07 -10.06 -1.16
N LEU C 193 -9.31 -8.93 -1.81
CA LEU C 193 -9.21 -8.81 -3.26
C LEU C 193 -7.83 -8.29 -3.62
N TRP C 194 -7.45 -8.47 -4.88
CA TRP C 194 -6.31 -7.73 -5.42
C TRP C 194 -6.60 -6.23 -5.23
N ASN C 195 -5.57 -5.43 -5.01
CA ASN C 195 -5.72 -3.96 -4.96
C ASN C 195 -5.44 -3.32 -6.32
N ARG C 196 -5.49 -1.99 -6.39
CA ARG C 196 -5.24 -1.31 -7.65
C ARG C 196 -3.96 -1.77 -8.35
N ALA C 197 -2.93 -2.06 -7.57
CA ALA C 197 -1.61 -2.40 -8.14
C ALA C 197 -1.59 -3.82 -8.67
N GLY C 198 -2.40 -4.67 -8.03
CA GLY C 198 -2.56 -6.05 -8.44
C GLY C 198 -3.34 -6.09 -9.73
N PHE C 199 -4.47 -5.38 -9.77
CA PHE C 199 -5.20 -5.21 -11.01
C PHE C 199 -4.31 -4.82 -12.18
N HIS C 200 -3.34 -3.94 -11.93
CA HIS C 200 -2.49 -3.44 -13.00
C HIS C 200 -1.52 -4.49 -13.50
N ALA C 201 -0.98 -5.27 -12.56
CA ALA C 201 0.00 -6.31 -12.86
C ALA C 201 -0.59 -7.46 -13.66
N LEU C 202 -1.89 -7.67 -13.49
CA LEU C 202 -2.59 -8.82 -14.08
C LEU C 202 -3.41 -8.45 -15.32
N HIS C 203 -3.82 -7.19 -15.41
CA HIS C 203 -4.81 -6.78 -16.42
C HIS C 203 -4.35 -7.09 -17.84
N GLN C 204 -3.05 -7.06 -18.09
CA GLN C 204 -2.51 -7.31 -19.41
C GLN C 204 -2.59 -8.80 -19.77
N HIS C 205 -2.29 -9.68 -18.81
CA HIS C 205 -2.39 -11.10 -19.06
C HIS C 205 -3.83 -11.47 -19.40
N GLU C 206 -4.75 -10.88 -18.65
CA GLU C 206 -6.16 -11.04 -18.87
C GLU C 206 -6.57 -10.69 -20.32
N LEU C 207 -5.98 -9.65 -20.90
CA LEU C 207 -6.26 -9.30 -22.30
C LEU C 207 -5.75 -10.35 -23.27
N GLU C 208 -4.55 -10.87 -23.02
CA GLU C 208 -3.96 -11.90 -23.89
C GLU C 208 -4.79 -13.18 -23.87
N LEU C 209 -5.33 -13.54 -22.70
CA LEU C 209 -6.17 -14.74 -22.58
C LEU C 209 -7.48 -14.58 -23.37
N ALA C 210 -8.15 -13.44 -23.20
CA ALA C 210 -9.36 -13.16 -23.96
C ALA C 210 -9.07 -13.32 -25.43
N ARG C 211 -8.01 -12.68 -25.88
CA ARG C 211 -7.68 -12.74 -27.30
C ARG C 211 -7.52 -14.17 -27.82
N ALA C 212 -6.64 -14.95 -27.18
CA ALA C 212 -6.37 -16.33 -27.63
C ALA C 212 -7.61 -17.24 -27.63
N SER C 213 -8.74 -16.73 -27.14
CA SER C 213 -9.98 -17.51 -27.04
C SER C 213 -11.12 -16.78 -27.77
N ASP C 214 -10.76 -15.74 -28.52
CA ASP C 214 -11.75 -14.95 -29.26
C ASP C 214 -12.86 -14.44 -28.35
N GLN C 215 -12.50 -14.08 -27.13
CA GLN C 215 -13.46 -13.50 -26.18
C GLN C 215 -13.31 -11.99 -26.08
N ARG C 216 -14.39 -11.31 -25.73
CA ARG C 216 -14.33 -9.89 -25.49
C ARG C 216 -13.91 -9.69 -24.04
N ILE C 217 -13.33 -8.52 -23.74
CA ILE C 217 -13.04 -8.15 -22.36
C ILE C 217 -14.10 -7.15 -21.94
N GLY C 218 -14.82 -7.45 -20.87
CA GLY C 218 -15.83 -6.54 -20.36
C GLY C 218 -15.28 -5.82 -19.15
N ILE C 219 -15.71 -4.58 -18.92
CA ILE C 219 -15.33 -3.85 -17.72
C ILE C 219 -16.56 -3.56 -16.88
N ILE C 220 -16.48 -3.87 -15.59
CA ILE C 220 -17.53 -3.51 -14.64
C ILE C 220 -16.91 -2.62 -13.56
N TYR C 221 -17.45 -1.41 -13.42
CA TYR C 221 -16.96 -0.44 -12.46
C TYR C 221 -18.07 -0.19 -11.47
N SER C 222 -17.85 -0.62 -10.23
CA SER C 222 -18.92 -0.56 -9.24
C SER C 222 -18.50 0.20 -7.99
N ASP C 223 -19.49 0.74 -7.29
CA ASP C 223 -19.27 1.64 -6.16
C ASP C 223 -20.39 1.37 -5.17
N ILE C 224 -20.04 1.20 -3.90
CA ILE C 224 -21.06 0.93 -2.90
C ILE C 224 -21.88 2.18 -2.57
N ASP C 225 -23.20 1.99 -2.48
CA ASP C 225 -24.12 3.12 -2.32
C ASP C 225 -24.20 3.65 -0.90
N HIS C 226 -23.83 4.92 -0.77
CA HIS C 226 -23.86 5.62 0.50
C HIS C 226 -22.91 4.95 1.48
N PHE C 227 -21.66 4.76 1.09
CA PHE C 227 -20.74 4.14 2.02
C PHE C 227 -20.42 5.10 3.18
N LYS C 228 -20.05 6.33 2.86
CA LYS C 228 -19.68 7.31 3.91
C LYS C 228 -20.79 7.49 4.96
N ARG C 229 -22.05 7.49 4.53
CA ARG C 229 -23.13 7.52 5.51
C ARG C 229 -23.01 6.37 6.51
N ILE C 230 -22.95 5.13 6.02
CA ILE C 230 -22.78 3.95 6.89
C ILE C 230 -21.59 4.03 7.85
N ASN C 231 -20.41 4.36 7.32
CA ASN C 231 -19.21 4.49 8.13
C ASN C 231 -19.36 5.52 9.25
N ASP C 232 -19.72 6.75 8.87
CA ASP C 232 -19.92 7.84 9.84
C ASP C 232 -21.06 7.58 10.83
N THR C 233 -22.11 6.92 10.38
CA THR C 233 -23.26 6.68 11.23
C THR C 233 -23.13 5.39 12.03
N LEU C 234 -22.01 4.69 11.89
CA LEU C 234 -21.85 3.40 12.56
C LEU C 234 -20.42 3.00 12.88
N GLY C 235 -19.48 3.85 12.51
CA GLY C 235 -18.07 3.67 12.85
C GLY C 235 -17.34 2.73 11.92
N HIS C 236 -16.03 2.64 12.08
CA HIS C 236 -15.20 1.76 11.25
C HIS C 236 -15.69 0.31 11.25
N ARG C 237 -15.63 -0.34 12.40
CA ARG C 237 -16.03 -1.75 12.52
C ARG C 237 -17.22 -2.14 11.63
N ALA C 238 -18.14 -1.19 11.44
CA ALA C 238 -19.33 -1.45 10.63
C ALA C 238 -19.04 -1.39 9.12
N GLY C 239 -18.56 -0.24 8.65
CA GLY C 239 -18.12 -0.10 7.27
C GLY C 239 -17.01 -1.08 6.95
N ASP C 240 -16.16 -1.33 7.94
CA ASP C 240 -15.12 -2.33 7.83
C ASP C 240 -15.67 -3.71 7.47
N SER C 241 -16.67 -4.16 8.21
CA SER C 241 -17.26 -5.47 7.99
C SER C 241 -18.13 -5.51 6.73
N VAL C 242 -18.82 -4.40 6.43
CA VAL C 242 -19.61 -4.33 5.21
C VAL C 242 -18.71 -4.48 3.99
N LEU C 243 -17.52 -3.88 4.06
CA LEU C 243 -16.56 -3.98 2.98
C LEU C 243 -16.11 -5.44 2.78
N ARG C 244 -16.09 -6.22 3.85
CA ARG C 244 -15.68 -7.61 3.72
C ARG C 244 -16.80 -8.45 3.09
N GLU C 245 -18.04 -8.20 3.51
CA GLU C 245 -19.19 -8.96 3.02
C GLU C 245 -19.62 -8.49 1.63
N ALA C 246 -19.17 -7.31 1.25
CA ALA C 246 -19.43 -6.83 -0.10
C ALA C 246 -18.46 -7.51 -1.04
N ALA C 247 -17.17 -7.46 -0.71
CA ALA C 247 -16.15 -8.08 -1.55
C ALA C 247 -16.40 -9.57 -1.75
N SER C 248 -17.13 -10.19 -0.82
CA SER C 248 -17.42 -11.63 -0.88
C SER C 248 -18.58 -11.91 -1.83
N ARG C 249 -19.59 -11.04 -1.79
CA ARG C 249 -20.70 -11.14 -2.73
C ARG C 249 -20.31 -10.77 -4.16
N LEU C 250 -19.29 -9.93 -4.31
CA LEU C 250 -18.73 -9.67 -5.63
C LEU C 250 -18.13 -10.95 -6.19
N ARG C 251 -17.31 -11.61 -5.38
CA ARG C 251 -16.64 -12.83 -5.79
C ARG C 251 -17.66 -13.88 -6.22
N ALA C 252 -18.82 -13.83 -5.58
CA ALA C 252 -19.81 -14.89 -5.74
C ALA C 252 -20.68 -14.66 -6.97
N ALA C 253 -20.63 -13.44 -7.50
CA ALA C 253 -21.33 -13.12 -8.74
C ALA C 253 -20.42 -13.34 -9.95
N LEU C 254 -19.13 -13.51 -9.69
CA LEU C 254 -18.15 -13.68 -10.76
C LEU C 254 -17.76 -15.14 -10.98
N ARG C 255 -17.02 -15.36 -12.05
CA ARG C 255 -16.52 -16.68 -12.40
C ARG C 255 -15.04 -16.73 -12.04
N PRO C 256 -14.49 -17.95 -11.83
CA PRO C 256 -13.07 -18.07 -11.51
C PRO C 256 -12.12 -17.42 -12.55
N GLU C 257 -12.54 -17.28 -13.80
CA GLU C 257 -11.63 -16.73 -14.83
C GLU C 257 -11.47 -15.22 -14.73
N ASP C 258 -12.22 -14.60 -13.84
CA ASP C 258 -12.31 -13.15 -13.81
C ASP C 258 -11.26 -12.49 -12.91
N LEU C 259 -11.01 -11.22 -13.23
CA LEU C 259 -10.09 -10.38 -12.48
C LEU C 259 -10.92 -9.40 -11.68
N LEU C 260 -10.85 -9.51 -10.36
CA LEU C 260 -11.57 -8.60 -9.48
C LEU C 260 -10.59 -7.86 -8.57
N ALA C 261 -10.87 -6.59 -8.30
CA ALA C 261 -9.93 -5.76 -7.55
C ALA C 261 -10.63 -4.66 -6.82
N ARG C 262 -9.97 -4.18 -5.76
CA ARG C 262 -10.40 -3.01 -5.04
C ARG C 262 -9.55 -1.80 -5.45
N PHE C 263 -10.22 -0.76 -5.96
CA PHE C 263 -9.58 0.50 -6.35
C PHE C 263 -9.57 1.53 -5.22
N GLY C 264 -8.89 2.65 -5.45
CA GLY C 264 -8.80 3.74 -4.49
C GLY C 264 -10.16 4.14 -3.94
N GLY C 265 -10.35 3.97 -2.65
CA GLY C 265 -11.64 4.20 -2.04
C GLY C 265 -12.43 2.90 -1.94
N GLU C 266 -13.75 3.02 -1.94
CA GLU C 266 -14.63 1.87 -1.87
C GLU C 266 -15.05 1.41 -3.27
N GLU C 267 -14.14 1.55 -4.23
CA GLU C 267 -14.47 1.22 -5.61
C GLU C 267 -13.99 -0.19 -5.98
N PHE C 268 -14.88 -0.97 -6.60
CA PHE C 268 -14.58 -2.35 -6.96
C PHE C 268 -14.63 -2.56 -8.46
N VAL C 269 -13.53 -2.98 -9.06
CA VAL C 269 -13.47 -3.06 -10.50
C VAL C 269 -13.17 -4.47 -10.97
N ALA C 270 -13.93 -4.95 -11.96
CA ALA C 270 -13.78 -6.29 -12.50
C ALA C 270 -13.49 -6.31 -14.00
N MET C 271 -12.51 -7.10 -14.39
CA MET C 271 -12.21 -7.32 -15.79
C MET C 271 -12.64 -8.74 -16.14
N VAL C 272 -13.71 -8.88 -16.90
CA VAL C 272 -14.31 -10.19 -17.15
C VAL C 272 -14.13 -10.62 -18.60
N ARG C 273 -13.99 -11.94 -18.81
CA ARG C 273 -13.94 -12.50 -20.17
C ARG C 273 -15.31 -13.03 -20.63
N VAL C 274 -15.83 -12.44 -21.70
CA VAL C 274 -17.18 -12.74 -22.19
C VAL C 274 -17.26 -12.90 -23.70
N ARG C 275 -18.36 -13.49 -24.14
CA ARG C 275 -18.61 -13.73 -25.56
C ARG C 275 -19.14 -12.46 -26.22
N GLU C 276 -19.98 -11.73 -25.49
CA GLU C 276 -20.71 -10.63 -26.07
C GLU C 276 -21.37 -9.78 -24.97
N THR C 277 -22.00 -8.65 -25.31
CA THR C 277 -22.56 -7.75 -24.28
C THR C 277 -23.50 -8.33 -23.25
N THR C 278 -24.47 -9.13 -23.67
CA THR C 278 -25.53 -9.52 -22.75
C THR C 278 -24.97 -10.35 -21.60
N GLU C 279 -24.00 -11.21 -21.90
CA GLU C 279 -23.34 -11.95 -20.84
C GLU C 279 -22.71 -10.98 -19.84
N LEU C 280 -22.11 -9.90 -20.34
CA LEU C 280 -21.51 -8.87 -19.48
C LEU C 280 -22.50 -8.11 -18.62
N THR C 281 -23.69 -7.85 -19.17
CA THR C 281 -24.73 -7.14 -18.44
C THR C 281 -25.32 -8.08 -17.39
N MET C 282 -25.31 -9.36 -17.72
CA MET C 282 -25.80 -10.39 -16.81
C MET C 282 -24.95 -10.46 -15.54
N ILE C 283 -23.63 -10.49 -15.73
CA ILE C 283 -22.71 -10.51 -14.59
C ILE C 283 -22.89 -9.28 -13.68
N ALA C 284 -22.91 -8.09 -14.27
CA ALA C 284 -23.03 -6.85 -13.50
C ALA C 284 -24.36 -6.78 -12.78
N ASN C 285 -25.40 -7.39 -13.36
CA ASN C 285 -26.70 -7.50 -12.73
C ASN C 285 -26.65 -8.43 -11.50
N ARG C 286 -25.90 -9.53 -11.62
CA ARG C 286 -25.80 -10.52 -10.54
C ARG C 286 -25.11 -9.91 -9.32
N ILE C 287 -24.22 -8.97 -9.59
CA ILE C 287 -23.52 -8.27 -8.53
C ILE C 287 -24.47 -7.40 -7.74
N ARG C 288 -25.21 -6.55 -8.45
CA ARG C 288 -26.17 -5.67 -7.81
C ARG C 288 -27.19 -6.50 -7.04
N GLU C 289 -27.71 -7.54 -7.69
CA GLU C 289 -28.70 -8.45 -7.08
C GLU C 289 -28.21 -9.11 -5.79
N LEU C 290 -27.04 -9.73 -5.83
CA LEU C 290 -26.51 -10.36 -4.63
C LEU C 290 -26.34 -9.36 -3.49
N MET C 291 -25.79 -8.19 -3.79
CA MET C 291 -25.59 -7.15 -2.78
C MET C 291 -26.87 -6.77 -2.02
N GLU C 292 -28.01 -6.74 -2.71
CA GLU C 292 -29.28 -6.35 -2.10
C GLU C 292 -30.05 -7.56 -1.58
N ALA C 293 -29.75 -8.74 -2.12
CA ALA C 293 -30.45 -9.98 -1.76
C ALA C 293 -30.77 -10.03 -0.28
N THR C 294 -29.72 -9.92 0.54
CA THR C 294 -29.87 -9.90 1.98
C THR C 294 -29.06 -8.75 2.58
N PRO C 295 -29.54 -8.17 3.69
CA PRO C 295 -28.79 -7.09 4.33
C PRO C 295 -27.47 -7.60 4.91
N ILE C 296 -26.44 -6.77 4.91
CA ILE C 296 -25.15 -7.15 5.44
C ILE C 296 -25.18 -7.07 6.97
N ASP C 297 -24.78 -8.16 7.63
CA ASP C 297 -24.71 -8.17 9.09
C ASP C 297 -23.31 -7.80 9.59
N CYS C 298 -23.18 -6.58 10.12
CA CYS C 298 -21.92 -6.15 10.68
C CYS C 298 -22.03 -6.04 12.19
N ALA C 299 -22.32 -7.16 12.83
CA ALA C 299 -22.55 -7.21 14.28
C ALA C 299 -23.79 -6.43 14.72
N GLY C 300 -23.77 -5.12 14.43
CA GLY C 300 -24.86 -4.24 14.74
C GLY C 300 -26.02 -4.57 13.83
N THR C 301 -26.81 -5.57 14.25
CA THR C 301 -28.00 -5.97 13.52
C THR C 301 -27.78 -6.07 12.00
N SER C 302 -28.73 -5.50 11.26
CA SER C 302 -28.75 -5.66 9.83
C SER C 302 -28.60 -4.31 9.17
N VAL C 303 -27.62 -4.19 8.27
CA VAL C 303 -27.44 -3.00 7.45
C VAL C 303 -27.81 -3.32 5.99
N PRO C 304 -29.01 -2.90 5.55
CA PRO C 304 -29.37 -3.18 4.16
C PRO C 304 -28.47 -2.40 3.21
N VAL C 305 -27.56 -3.10 2.52
CA VAL C 305 -26.61 -2.44 1.63
C VAL C 305 -26.96 -2.65 0.15
N THR C 306 -26.49 -1.74 -0.69
CA THR C 306 -26.83 -1.76 -2.09
C THR C 306 -25.72 -1.13 -2.92
N ILE C 307 -25.58 -1.57 -4.17
CA ILE C 307 -24.44 -1.17 -5.00
C ILE C 307 -24.83 -0.73 -6.42
N SER C 308 -24.20 0.35 -6.89
CA SER C 308 -24.40 0.87 -8.25
C SER C 308 -23.25 0.42 -9.13
N ALA C 309 -23.49 0.28 -10.44
CA ALA C 309 -22.41 -0.13 -11.34
C ALA C 309 -22.60 0.37 -12.77
N GLY C 310 -21.48 0.58 -13.45
CA GLY C 310 -21.50 0.89 -14.87
C GLY C 310 -20.66 -0.14 -15.61
N CYS C 311 -21.06 -0.52 -16.82
CA CYS C 311 -20.31 -1.54 -17.51
C CYS C 311 -20.25 -1.33 -19.03
N THR C 312 -19.16 -1.78 -19.64
CA THR C 312 -18.96 -1.68 -21.08
C THR C 312 -17.94 -2.71 -21.54
N LEU C 313 -17.96 -3.05 -22.83
CA LEU C 313 -16.92 -3.88 -23.41
C LEU C 313 -15.79 -3.03 -23.92
N ALA C 314 -14.57 -3.56 -23.86
CA ALA C 314 -13.41 -2.90 -24.44
C ALA C 314 -13.33 -3.29 -25.90
N GLY C 315 -13.18 -2.29 -26.77
CA GLY C 315 -13.10 -2.49 -28.21
C GLY C 315 -11.79 -3.08 -28.68
N SER C 316 -11.80 -3.76 -29.81
CA SER C 316 -10.58 -4.32 -30.37
C SER C 316 -9.52 -3.24 -30.48
N GLY C 317 -8.38 -3.45 -29.82
CA GLY C 317 -7.25 -2.53 -29.92
C GLY C 317 -7.42 -1.26 -29.11
N GLU C 318 -8.57 -1.10 -28.46
CA GLU C 318 -8.82 0.06 -27.60
C GLU C 318 -7.86 0.06 -26.40
N GLU C 319 -7.48 1.24 -25.94
CA GLU C 319 -6.64 1.33 -24.76
C GLU C 319 -7.47 1.00 -23.52
N PRO C 320 -6.99 0.05 -22.70
CA PRO C 320 -7.74 -0.36 -21.51
C PRO C 320 -8.19 0.84 -20.68
N GLU C 321 -7.32 1.83 -20.55
CA GLU C 321 -7.65 3.04 -19.79
C GLU C 321 -8.95 3.70 -20.32
N ARG C 322 -9.12 3.67 -21.63
CA ARG C 322 -10.32 4.20 -22.27
C ARG C 322 -11.58 3.39 -21.86
N ALA C 323 -11.48 2.05 -21.85
CA ALA C 323 -12.62 1.23 -21.46
C ALA C 323 -13.04 1.49 -20.01
N LEU C 324 -12.05 1.56 -19.12
CA LEU C 324 -12.28 1.86 -17.69
C LEU C 324 -12.95 3.22 -17.47
N ALA C 325 -12.45 4.24 -18.14
CA ALA C 325 -13.05 5.56 -18.07
C ALA C 325 -14.52 5.50 -18.47
N ARG C 326 -14.81 4.76 -19.53
CA ARG C 326 -16.18 4.72 -20.05
C ARG C 326 -17.10 3.95 -19.12
N ALA C 327 -16.56 2.92 -18.47
CA ALA C 327 -17.34 2.17 -17.48
C ALA C 327 -17.59 3.05 -16.26
N ASP C 328 -16.54 3.72 -15.79
CA ASP C 328 -16.63 4.72 -14.71
C ASP C 328 -17.62 5.85 -15.02
N ALA C 329 -17.75 6.18 -16.30
CA ALA C 329 -18.77 7.11 -16.78
C ALA C 329 -20.17 6.52 -16.62
N ALA C 330 -20.33 5.26 -16.99
CA ALA C 330 -21.60 4.57 -16.84
C ALA C 330 -21.97 4.48 -15.37
N LEU C 331 -20.98 4.19 -14.52
CA LEU C 331 -21.20 4.13 -13.07
C LEU C 331 -21.76 5.45 -12.58
N TYR C 332 -21.08 6.53 -12.95
CA TYR C 332 -21.55 7.87 -12.69
C TYR C 332 -23.02 8.12 -13.07
N ASP C 333 -23.43 7.69 -14.26
CA ASP C 333 -24.85 7.80 -14.67
C ASP C 333 -25.81 7.08 -13.72
N ALA C 334 -25.47 5.84 -13.38
CA ALA C 334 -26.32 5.00 -12.53
C ALA C 334 -26.47 5.57 -11.12
N LYS C 335 -25.46 6.28 -10.63
CA LYS C 335 -25.57 6.97 -9.34
C LYS C 335 -26.59 8.12 -9.40
N ARG C 336 -26.66 8.78 -10.56
CA ARG C 336 -27.56 9.92 -10.75
C ARG C 336 -28.99 9.52 -11.09
N ALA C 337 -29.15 8.46 -11.87
CA ALA C 337 -30.49 8.00 -12.24
C ALA C 337 -31.18 7.33 -11.07
N GLY C 338 -30.45 7.18 -9.98
CA GLY C 338 -30.96 6.48 -8.81
C GLY C 338 -30.11 5.28 -8.52
N ARG C 339 -29.29 5.38 -7.48
CA ARG C 339 -28.37 4.31 -7.14
C ARG C 339 -29.07 2.95 -7.08
N ASN C 340 -28.29 1.91 -6.89
CA ASN C 340 -28.82 0.55 -6.84
C ASN C 340 -29.29 0.05 -8.19
N ARG C 341 -28.52 0.35 -9.22
CA ARG C 341 -28.84 -0.12 -10.57
C ARG C 341 -27.58 -0.22 -11.41
N VAL C 342 -27.73 -0.76 -12.61
CA VAL C 342 -26.59 -0.98 -13.48
C VAL C 342 -26.82 -0.38 -14.87
N VAL C 343 -25.89 0.48 -15.27
CA VAL C 343 -25.90 1.07 -16.62
C VAL C 343 -24.96 0.35 -17.60
N SER C 344 -25.54 -0.16 -18.68
CA SER C 344 -24.74 -0.76 -19.74
C SER C 344 -24.54 0.22 -20.89
N VAL C 345 -23.27 0.53 -21.15
CA VAL C 345 -22.88 1.49 -22.17
C VAL C 345 -22.01 0.84 -23.25
N CYS D 8 -40.02 -34.13 -23.90
CA CYS D 8 -39.34 -33.31 -22.91
C CYS D 8 -39.04 -31.91 -23.49
N PRO D 9 -39.43 -30.86 -22.76
CA PRO D 9 -39.42 -29.45 -23.19
C PRO D 9 -38.03 -28.78 -23.23
N LEU D 10 -37.67 -28.32 -24.43
CA LEU D 10 -36.39 -27.67 -24.67
C LEU D 10 -36.49 -26.16 -24.41
N PRO D 11 -35.40 -25.55 -23.90
CA PRO D 11 -35.44 -24.09 -23.77
C PRO D 11 -35.40 -23.44 -25.16
N PRO D 12 -35.75 -22.15 -25.26
CA PRO D 12 -35.72 -21.41 -26.53
C PRO D 12 -34.31 -21.38 -27.17
N ASP D 13 -33.28 -21.17 -26.35
CA ASP D 13 -31.90 -21.12 -26.80
C ASP D 13 -31.14 -22.43 -26.59
N GLU D 14 -31.76 -23.56 -26.94
CA GLU D 14 -31.15 -24.86 -26.69
C GLU D 14 -29.82 -25.09 -27.40
N ALA D 15 -29.59 -24.38 -28.50
CA ALA D 15 -28.36 -24.57 -29.26
C ALA D 15 -27.19 -23.88 -28.58
N LEU D 16 -27.42 -22.67 -28.10
CA LEU D 16 -26.44 -21.97 -27.32
C LEU D 16 -26.07 -22.76 -26.06
N ARG D 17 -27.10 -23.21 -25.33
CA ARG D 17 -26.90 -24.03 -24.15
C ARG D 17 -25.98 -25.23 -24.45
N GLN D 18 -26.30 -25.94 -25.52
CA GLN D 18 -25.52 -27.11 -25.91
C GLN D 18 -24.07 -26.73 -26.16
N GLN D 19 -23.84 -25.55 -26.73
CA GLN D 19 -22.48 -25.16 -27.05
C GLN D 19 -21.68 -24.61 -25.84
N ALA D 20 -22.36 -23.99 -24.88
CA ALA D 20 -21.69 -23.62 -23.65
C ALA D 20 -21.12 -24.89 -23.00
N LEU D 21 -21.88 -25.98 -23.07
CA LEU D 21 -21.47 -27.26 -22.53
C LEU D 21 -20.37 -27.93 -23.37
N ASP D 22 -20.49 -27.88 -24.68
CA ASP D 22 -19.43 -28.43 -25.53
C ASP D 22 -18.08 -27.78 -25.24
N ASP D 23 -18.09 -26.47 -25.00
CA ASP D 23 -16.84 -25.75 -24.81
C ASP D 23 -16.17 -26.03 -23.47
N MET D 24 -16.87 -26.76 -22.61
CA MET D 24 -16.28 -27.23 -21.35
C MET D 24 -15.57 -28.56 -21.53
N ALA D 25 -15.62 -29.09 -22.75
CA ALA D 25 -15.04 -30.39 -23.07
C ALA D 25 -15.25 -31.30 -21.87
N LEU D 26 -16.51 -31.54 -21.51
CA LEU D 26 -16.88 -32.17 -20.25
C LEU D 26 -17.61 -33.52 -20.44
N VAL D 27 -18.58 -33.56 -21.35
CA VAL D 27 -19.33 -34.78 -21.64
C VAL D 27 -18.42 -35.83 -22.25
N ASP D 28 -18.60 -37.08 -21.82
CA ASP D 28 -17.72 -38.17 -22.23
C ASP D 28 -16.28 -37.97 -21.76
N THR D 29 -16.10 -37.77 -20.44
CA THR D 29 -14.76 -37.70 -19.84
C THR D 29 -14.74 -38.51 -18.54
N PRO D 30 -13.57 -39.03 -18.14
CA PRO D 30 -13.51 -39.89 -16.94
C PRO D 30 -14.06 -39.20 -15.69
N ALA D 31 -14.60 -40.01 -14.78
CA ALA D 31 -14.99 -39.50 -13.47
C ALA D 31 -13.76 -38.84 -12.88
N GLU D 32 -13.95 -37.89 -11.98
CA GLU D 32 -12.84 -37.18 -11.33
C GLU D 32 -12.95 -37.29 -9.82
N HIS D 33 -11.81 -37.56 -9.18
CA HIS D 33 -11.81 -37.86 -7.75
C HIS D 33 -12.60 -36.85 -6.92
N TYR D 34 -12.46 -35.57 -7.24
CA TYR D 34 -13.10 -34.54 -6.42
C TYR D 34 -14.61 -34.50 -6.58
N LEU D 35 -15.09 -34.67 -7.81
CA LEU D 35 -16.53 -34.82 -8.01
C LEU D 35 -17.07 -36.06 -7.32
N ASP D 36 -16.33 -37.17 -7.38
CA ASP D 36 -16.73 -38.35 -6.62
C ASP D 36 -16.87 -38.05 -5.12
N ALA D 37 -15.92 -37.30 -4.55
CA ALA D 37 -16.05 -36.89 -3.15
C ALA D 37 -17.27 -36.00 -2.97
N LEU D 38 -17.58 -35.19 -3.98
CA LEU D 38 -18.67 -34.22 -3.90
C LEU D 38 -20.02 -34.91 -3.77
N VAL D 39 -20.34 -35.80 -4.71
CA VAL D 39 -21.58 -36.57 -4.62
C VAL D 39 -21.59 -37.45 -3.37
N GLU D 40 -20.48 -38.10 -3.07
CA GLU D 40 -20.44 -38.87 -1.82
C GLU D 40 -20.73 -38.01 -0.60
N LEU D 41 -20.01 -36.89 -0.47
CA LEU D 41 -20.26 -35.98 0.64
C LEU D 41 -21.77 -35.69 0.73
N ALA D 42 -22.41 -35.59 -0.43
CA ALA D 42 -23.83 -35.22 -0.48
C ALA D 42 -24.74 -36.34 -0.01
N ARG D 43 -24.49 -37.56 -0.49
CA ARG D 43 -25.31 -38.70 -0.08
C ARG D 43 -25.28 -38.81 1.44
N GLU D 44 -24.09 -38.63 2.02
CA GLU D 44 -23.91 -38.69 3.46
C GLU D 44 -24.64 -37.59 4.23
N THR D 45 -24.61 -36.37 3.69
CA THR D 45 -25.24 -35.23 4.33
C THR D 45 -26.75 -35.39 4.46
N PHE D 46 -27.37 -35.95 3.42
CA PHE D 46 -28.83 -36.00 3.36
C PHE D 46 -29.37 -37.42 3.63
N GLY D 47 -28.59 -38.42 3.24
CA GLY D 47 -28.93 -39.80 3.55
C GLY D 47 -29.72 -40.47 2.44
N VAL D 48 -29.91 -39.76 1.32
CA VAL D 48 -30.65 -40.29 0.19
C VAL D 48 -29.87 -41.38 -0.51
N LYS D 49 -30.56 -42.17 -1.32
CA LYS D 49 -29.93 -43.31 -1.96
C LYS D 49 -28.92 -42.91 -3.04
N THR D 50 -29.24 -41.89 -3.84
CA THR D 50 -28.43 -41.59 -5.02
C THR D 50 -28.17 -40.09 -5.26
N VAL D 51 -26.98 -39.77 -5.74
CA VAL D 51 -26.64 -38.39 -6.06
C VAL D 51 -25.97 -38.34 -7.42
N LEU D 52 -26.33 -37.32 -8.21
CA LEU D 52 -25.82 -37.21 -9.58
C LEU D 52 -25.35 -35.79 -9.92
N ILE D 53 -24.22 -35.71 -10.63
CA ILE D 53 -23.92 -34.57 -11.49
C ILE D 53 -24.41 -34.96 -12.89
N SER D 54 -25.50 -34.33 -13.28
CA SER D 54 -26.24 -34.78 -14.44
C SER D 54 -26.10 -33.73 -15.51
N LEU D 55 -25.37 -34.07 -16.58
CA LEU D 55 -25.19 -33.16 -17.71
C LEU D 55 -26.15 -33.44 -18.86
N ILE D 56 -27.02 -32.48 -19.17
CA ILE D 56 -27.92 -32.62 -20.31
C ILE D 56 -27.24 -32.31 -21.66
N ASP D 57 -27.11 -33.33 -22.48
CA ASP D 57 -26.30 -33.32 -23.69
C ASP D 57 -27.16 -33.87 -24.83
N HIS D 58 -27.57 -33.02 -25.78
CA HIS D 58 -28.48 -33.41 -26.87
C HIS D 58 -29.76 -34.14 -26.39
N ASP D 59 -29.86 -35.40 -26.79
CA ASP D 59 -31.05 -36.23 -26.51
C ASP D 59 -30.99 -36.90 -25.14
N ARG D 60 -29.88 -36.75 -24.44
CA ARG D 60 -29.67 -37.55 -23.24
C ARG D 60 -29.23 -36.81 -21.99
N GLN D 61 -29.24 -37.55 -20.90
CA GLN D 61 -28.80 -37.11 -19.59
C GLN D 61 -27.58 -37.95 -19.34
N TRP D 62 -26.39 -37.35 -19.37
CA TRP D 62 -25.14 -38.08 -19.13
C TRP D 62 -24.53 -37.70 -17.77
N PHE D 63 -23.97 -38.67 -17.07
CA PHE D 63 -23.51 -38.45 -15.69
C PHE D 63 -21.99 -38.34 -15.56
N LYS D 64 -21.54 -37.18 -15.07
CA LYS D 64 -20.12 -36.90 -14.85
C LYS D 64 -19.67 -37.53 -13.54
N ALA D 65 -20.62 -37.69 -12.62
CA ALA D 65 -20.40 -38.33 -11.34
C ALA D 65 -21.71 -38.97 -10.89
N ARG D 66 -21.64 -40.06 -10.14
CA ARG D 66 -22.85 -40.71 -9.64
C ARG D 66 -22.58 -41.66 -8.48
N ILE D 67 -23.45 -41.61 -7.48
CA ILE D 67 -23.43 -42.61 -6.42
C ILE D 67 -24.85 -43.14 -6.26
N GLY D 68 -24.99 -44.46 -6.13
CA GLY D 68 -26.29 -45.11 -5.97
C GLY D 68 -27.10 -45.22 -7.27
N LEU D 69 -26.41 -45.43 -8.38
CA LEU D 69 -27.06 -45.53 -9.67
C LEU D 69 -26.12 -46.13 -10.69
N ASP D 70 -26.55 -47.21 -11.33
CA ASP D 70 -25.70 -47.95 -12.25
C ASP D 70 -25.63 -47.38 -13.68
N ALA D 71 -26.76 -46.87 -14.16
CA ALA D 71 -26.83 -46.37 -15.52
C ALA D 71 -25.81 -45.26 -15.78
N GLU D 72 -25.16 -45.32 -16.94
CA GLU D 72 -24.13 -44.36 -17.27
C GLU D 72 -24.77 -43.10 -17.82
N GLN D 73 -25.93 -43.28 -18.43
CA GLN D 73 -26.68 -42.19 -19.02
C GLN D 73 -28.15 -42.60 -19.09
N THR D 74 -28.97 -41.66 -19.56
CA THR D 74 -30.42 -41.79 -19.58
C THR D 74 -30.95 -40.96 -20.72
N PRO D 75 -32.13 -41.31 -21.24
CA PRO D 75 -32.73 -40.40 -22.23
C PRO D 75 -33.26 -39.09 -21.60
N ARG D 76 -33.28 -38.03 -22.39
CA ARG D 76 -33.70 -36.72 -21.91
C ARG D 76 -35.22 -36.57 -21.74
N ASP D 77 -36.01 -37.26 -22.59
CA ASP D 77 -37.47 -37.35 -22.40
C ASP D 77 -37.74 -37.87 -20.98
N LEU D 78 -36.82 -38.71 -20.55
CA LEU D 78 -36.83 -39.39 -19.26
C LEU D 78 -36.01 -38.64 -18.18
N SER D 79 -36.23 -37.32 -18.04
CA SER D 79 -35.38 -36.45 -17.22
C SER D 79 -36.15 -35.46 -16.33
N PHE D 80 -35.91 -35.53 -15.02
CA PHE D 80 -36.26 -34.43 -14.12
C PHE D 80 -35.33 -33.26 -14.45
N CYS D 81 -34.11 -33.58 -14.88
CA CYS D 81 -33.06 -32.59 -15.13
C CYS D 81 -33.30 -31.78 -16.40
N GLY D 82 -33.94 -32.41 -17.38
CA GLY D 82 -34.34 -31.71 -18.59
C GLY D 82 -35.35 -30.62 -18.29
N HIS D 83 -36.11 -30.80 -17.21
CA HIS D 83 -37.06 -29.81 -16.72
C HIS D 83 -36.40 -28.78 -15.81
N ALA D 84 -35.43 -29.24 -15.02
CA ALA D 84 -34.84 -28.45 -13.95
C ALA D 84 -33.97 -27.32 -14.48
N ILE D 85 -33.29 -27.56 -15.61
CA ILE D 85 -32.47 -26.54 -16.24
C ILE D 85 -33.31 -25.37 -16.78
N LEU D 86 -34.62 -25.60 -16.96
CA LEU D 86 -35.50 -24.61 -17.57
C LEU D 86 -35.88 -23.48 -16.59
N ALA D 87 -35.24 -23.48 -15.44
CA ALA D 87 -35.45 -22.45 -14.43
C ALA D 87 -34.24 -22.34 -13.49
N SER D 88 -34.20 -21.24 -12.75
CA SER D 88 -33.11 -20.91 -11.83
C SER D 88 -33.28 -21.54 -10.43
N GLU D 89 -34.49 -21.46 -9.89
CA GLU D 89 -34.86 -22.07 -8.62
C GLU D 89 -34.64 -23.59 -8.64
N PRO D 90 -34.35 -24.18 -7.46
CA PRO D 90 -34.10 -25.63 -7.41
C PRO D 90 -35.39 -26.36 -7.76
N LEU D 91 -35.29 -27.48 -8.47
CA LEU D 91 -36.48 -28.28 -8.79
C LEU D 91 -36.76 -29.32 -7.70
N MET D 92 -37.84 -29.10 -6.93
CA MET D 92 -38.25 -29.99 -5.84
C MET D 92 -39.47 -30.83 -6.21
N VAL D 93 -39.30 -32.14 -6.24
CA VAL D 93 -40.44 -33.05 -6.42
C VAL D 93 -40.57 -33.90 -5.16
N THR D 94 -41.56 -33.60 -4.32
CA THR D 94 -41.75 -34.35 -3.07
C THR D 94 -42.07 -35.83 -3.33
N ASP D 95 -42.83 -36.10 -4.38
CA ASP D 95 -43.17 -37.47 -4.78
C ASP D 95 -43.43 -37.47 -6.28
N ALA D 96 -42.54 -38.13 -7.04
CA ALA D 96 -42.64 -38.21 -8.49
C ALA D 96 -43.93 -38.91 -8.96
N SER D 97 -44.44 -39.85 -8.17
CA SER D 97 -45.60 -40.65 -8.59
C SER D 97 -46.89 -39.83 -8.48
N ARG D 98 -46.83 -38.70 -7.79
CA ARG D 98 -47.97 -37.79 -7.73
C ARG D 98 -47.74 -36.52 -8.58
N ASP D 99 -46.82 -36.58 -9.53
CA ASP D 99 -46.49 -35.39 -10.32
C ASP D 99 -46.78 -35.68 -11.80
N PRO D 100 -47.62 -34.84 -12.43
CA PRO D 100 -48.03 -35.03 -13.83
C PRO D 100 -46.83 -35.11 -14.80
N ARG D 101 -45.76 -34.41 -14.46
CA ARG D 101 -44.57 -34.38 -15.30
C ARG D 101 -43.81 -35.71 -15.34
N PHE D 102 -43.77 -36.40 -14.20
CA PHE D 102 -42.84 -37.51 -14.05
C PHE D 102 -43.50 -38.86 -13.76
N HIS D 103 -44.76 -38.85 -13.37
CA HIS D 103 -45.46 -40.04 -12.87
C HIS D 103 -45.43 -41.26 -13.83
N ASP D 104 -45.21 -41.03 -15.12
CA ASP D 104 -45.19 -42.13 -16.08
C ASP D 104 -43.81 -42.40 -16.66
N ASN D 105 -42.81 -41.72 -16.09
CA ASN D 105 -41.39 -41.94 -16.34
C ASN D 105 -40.96 -43.34 -15.83
N PRO D 106 -40.33 -44.15 -16.71
CA PRO D 106 -39.91 -45.52 -16.42
C PRO D 106 -38.99 -45.70 -15.22
N LEU D 107 -38.28 -44.63 -14.84
CA LEU D 107 -37.47 -44.65 -13.64
C LEU D 107 -38.31 -44.43 -12.38
N VAL D 108 -39.52 -43.91 -12.57
CA VAL D 108 -40.48 -43.69 -11.49
C VAL D 108 -41.42 -44.89 -11.31
N THR D 109 -41.90 -45.45 -12.42
CA THR D 109 -42.80 -46.61 -12.40
C THR D 109 -42.02 -47.91 -12.40
N GLY D 110 -40.84 -47.88 -13.01
CA GLY D 110 -39.94 -49.03 -12.98
C GLY D 110 -38.89 -48.83 -11.90
N PRO D 111 -37.98 -49.80 -11.76
CA PRO D 111 -36.82 -49.50 -10.91
C PRO D 111 -36.04 -48.36 -11.56
N PRO D 112 -35.36 -47.53 -10.75
CA PRO D 112 -35.20 -47.50 -9.29
C PRO D 112 -36.39 -46.98 -8.46
N PHE D 113 -37.56 -46.78 -9.06
CA PHE D 113 -38.74 -46.34 -8.32
C PHE D 113 -38.51 -45.02 -7.61
N ILE D 114 -37.93 -44.08 -8.34
CA ILE D 114 -37.59 -42.81 -7.75
C ILE D 114 -38.84 -42.01 -7.39
N ARG D 115 -38.78 -41.37 -6.22
CA ARG D 115 -39.92 -40.69 -5.63
C ARG D 115 -39.55 -39.28 -5.19
N PHE D 116 -38.41 -39.15 -4.52
CA PHE D 116 -37.90 -37.83 -4.13
C PHE D 116 -36.84 -37.38 -5.12
N TYR D 117 -36.97 -36.14 -5.57
CA TYR D 117 -35.94 -35.55 -6.42
C TYR D 117 -35.74 -34.09 -6.07
N ALA D 118 -34.50 -33.73 -5.78
CA ALA D 118 -34.12 -32.34 -5.56
C ALA D 118 -32.92 -32.02 -6.43
N GLY D 119 -33.09 -31.12 -7.39
CA GLY D 119 -32.01 -30.82 -8.32
C GLY D 119 -31.77 -29.33 -8.50
N GLU D 120 -30.55 -28.90 -8.20
CA GLU D 120 -30.10 -27.55 -8.49
C GLU D 120 -29.43 -27.56 -9.85
N PRO D 121 -29.78 -26.58 -10.70
CA PRO D 121 -29.15 -26.34 -12.00
C PRO D 121 -27.66 -26.00 -11.89
N LEU D 122 -26.83 -26.59 -12.74
CA LEU D 122 -25.40 -26.21 -12.84
C LEU D 122 -25.15 -25.39 -14.09
N HIS D 123 -24.36 -24.34 -13.96
CA HIS D 123 -24.16 -23.36 -15.03
C HIS D 123 -22.75 -23.33 -15.60
N ALA D 124 -22.67 -23.09 -16.90
CA ALA D 124 -21.39 -22.76 -17.51
C ALA D 124 -21.09 -21.30 -17.14
N SER D 125 -19.92 -20.81 -17.55
CA SER D 125 -19.51 -19.46 -17.16
C SER D 125 -20.54 -18.38 -17.56
N ASN D 126 -21.18 -18.57 -18.70
CA ASN D 126 -22.15 -17.61 -19.21
C ASN D 126 -23.57 -17.78 -18.66
N GLY D 127 -23.73 -18.58 -17.62
CA GLY D 127 -25.02 -18.74 -16.97
C GLY D 127 -25.96 -19.71 -17.69
N GLN D 128 -25.50 -20.18 -18.85
CA GLN D 128 -26.19 -21.21 -19.60
C GLN D 128 -26.25 -22.47 -18.75
N ALA D 129 -27.44 -23.01 -18.54
CA ALA D 129 -27.60 -24.18 -17.66
C ALA D 129 -27.22 -25.49 -18.35
N ILE D 130 -26.22 -26.18 -17.83
CA ILE D 130 -25.66 -27.33 -18.53
C ILE D 130 -26.11 -28.63 -17.91
N GLY D 131 -26.79 -28.54 -16.77
CA GLY D 131 -27.17 -29.75 -16.07
C GLY D 131 -27.54 -29.50 -14.63
N THR D 132 -27.47 -30.54 -13.80
CA THR D 132 -27.90 -30.44 -12.40
C THR D 132 -26.99 -31.18 -11.44
N LEU D 133 -27.03 -30.76 -10.18
CA LEU D 133 -26.60 -31.58 -9.06
C LEU D 133 -27.90 -32.05 -8.45
N CYS D 134 -28.11 -33.36 -8.34
CA CYS D 134 -29.41 -33.85 -7.87
C CYS D 134 -29.41 -34.97 -6.84
N LEU D 135 -30.40 -34.91 -5.95
CA LEU D 135 -30.69 -35.95 -4.98
C LEU D 135 -31.83 -36.84 -5.47
N ILE D 136 -31.75 -38.14 -5.23
CA ILE D 136 -32.77 -39.07 -5.69
C ILE D 136 -32.97 -40.22 -4.71
N ASP D 137 -34.21 -40.36 -4.23
CA ASP D 137 -34.50 -41.35 -3.19
C ASP D 137 -35.85 -42.02 -3.44
N PRO D 138 -35.97 -43.31 -3.08
CA PRO D 138 -37.21 -44.02 -3.41
C PRO D 138 -38.38 -43.77 -2.43
N SER D 139 -38.17 -42.91 -1.43
CA SER D 139 -39.24 -42.50 -0.50
C SER D 139 -39.43 -41.00 -0.61
N PRO D 140 -40.68 -40.53 -0.54
CA PRO D 140 -41.01 -39.12 -0.74
C PRO D 140 -40.47 -38.28 0.39
N ARG D 141 -40.07 -37.05 0.09
CA ARG D 141 -39.38 -36.22 1.06
C ARG D 141 -39.45 -34.74 0.71
N LEU D 142 -39.40 -33.89 1.74
CA LEU D 142 -39.34 -32.44 1.57
C LEU D 142 -38.14 -31.94 2.37
N LEU D 143 -37.29 -31.11 1.76
CA LEU D 143 -36.13 -30.56 2.46
C LEU D 143 -36.53 -29.33 3.27
N ASP D 144 -36.01 -29.22 4.50
CA ASP D 144 -36.25 -28.00 5.28
C ASP D 144 -35.26 -26.88 4.90
N LEU D 145 -35.53 -25.67 5.37
CA LEU D 145 -34.73 -24.51 5.01
C LEU D 145 -33.25 -24.88 5.01
N ARG D 146 -32.78 -25.46 6.10
CA ARG D 146 -31.36 -25.72 6.28
C ARG D 146 -30.80 -26.69 5.24
N GLU D 147 -31.59 -27.69 4.90
CA GLU D 147 -31.17 -28.67 3.89
C GLU D 147 -31.15 -28.05 2.50
N GLY D 148 -32.23 -27.40 2.11
CA GLY D 148 -32.28 -26.67 0.86
C GLY D 148 -31.06 -25.77 0.74
N ARG D 149 -30.73 -25.06 1.81
CA ARG D 149 -29.57 -24.20 1.85
C ARG D 149 -28.26 -24.96 1.64
N GLN D 150 -28.17 -26.19 2.14
CA GLN D 150 -26.92 -26.93 2.04
C GLN D 150 -26.71 -27.46 0.62
N LEU D 151 -27.78 -28.01 0.05
CA LEU D 151 -27.76 -28.49 -1.32
C LEU D 151 -27.32 -27.36 -2.25
N ASN D 152 -27.84 -26.17 -2.00
CA ASN D 152 -27.46 -25.01 -2.78
C ASN D 152 -25.95 -24.82 -2.75
N ARG D 153 -25.36 -24.86 -1.57
CA ARG D 153 -23.93 -24.65 -1.47
C ARG D 153 -23.18 -25.81 -2.12
N LEU D 154 -23.77 -27.00 -2.09
CA LEU D 154 -23.14 -28.15 -2.75
C LEU D 154 -23.11 -27.90 -4.26
N SER D 155 -24.22 -27.40 -4.81
CA SER D 155 -24.28 -27.13 -6.24
C SER D 155 -23.33 -26.00 -6.62
N ILE D 156 -23.09 -25.08 -5.71
CA ILE D 156 -22.14 -24.01 -5.96
C ILE D 156 -20.70 -24.53 -6.02
N LEU D 157 -20.39 -25.48 -5.17
CA LEU D 157 -19.08 -26.14 -5.24
C LEU D 157 -18.89 -26.97 -6.52
N ALA D 158 -19.94 -27.65 -6.97
CA ALA D 158 -19.81 -28.42 -8.20
C ALA D 158 -19.72 -27.49 -9.42
N GLU D 159 -20.56 -26.47 -9.43
CA GLU D 159 -20.53 -25.47 -10.48
C GLU D 159 -19.13 -24.87 -10.58
N GLY D 160 -18.63 -24.41 -9.42
CA GLY D 160 -17.35 -23.71 -9.36
C GLY D 160 -16.19 -24.60 -9.74
N TYR D 161 -16.25 -25.84 -9.27
CA TYR D 161 -15.25 -26.83 -9.63
C TYR D 161 -15.20 -27.03 -11.14
N LEU D 162 -16.36 -27.26 -11.75
CA LEU D 162 -16.44 -27.51 -13.18
C LEU D 162 -15.96 -26.32 -13.99
N GLN D 163 -16.23 -25.11 -13.51
CA GLN D 163 -15.76 -23.92 -14.21
C GLN D 163 -14.26 -23.73 -14.10
N LEU D 164 -13.70 -24.02 -12.91
CA LEU D 164 -12.25 -24.06 -12.73
C LEU D 164 -11.58 -25.11 -13.64
N ARG D 165 -12.12 -26.33 -13.65
CA ARG D 165 -11.69 -27.39 -14.55
C ARG D 165 -11.44 -26.89 -15.99
N SER D 166 -12.34 -26.08 -16.53
CA SER D 166 -12.20 -25.51 -17.88
C SER D 166 -10.92 -24.68 -18.11
N LEU D 167 -10.20 -24.38 -17.04
CA LEU D 167 -9.02 -23.51 -17.10
C LEU D 167 -7.71 -24.31 -16.97
N THR D 168 -7.84 -25.57 -16.57
CA THR D 168 -6.66 -26.40 -16.38
C THR D 168 -6.05 -26.73 -17.73
N GLU D 169 -4.78 -27.10 -17.68
CA GLU D 169 -3.98 -27.35 -18.88
C GLU D 169 -4.51 -28.57 -19.63
N HIS D 170 -4.95 -29.57 -18.90
CA HIS D 170 -5.43 -30.76 -19.56
C HIS D 170 -6.75 -30.54 -20.30
N THR D 171 -7.68 -29.80 -19.68
CA THR D 171 -8.95 -29.48 -20.34
C THR D 171 -8.75 -28.62 -21.58
N ARG D 172 -7.87 -27.64 -21.51
CA ARG D 172 -7.51 -26.83 -22.67
C ARG D 172 -7.04 -27.73 -23.80
N PHE D 173 -6.29 -28.79 -23.46
CA PHE D 173 -5.84 -29.77 -24.44
C PHE D 173 -6.98 -30.60 -25.05
N LEU D 174 -7.94 -31.06 -24.24
CA LEU D 174 -9.05 -31.86 -24.78
C LEU D 174 -9.84 -31.03 -25.78
N ARG D 175 -10.24 -29.85 -25.32
CA ARG D 175 -11.00 -28.91 -26.14
C ARG D 175 -10.32 -28.63 -27.46
N GLN D 176 -9.00 -28.71 -27.49
CA GLN D 176 -8.27 -28.38 -28.72
C GLN D 176 -7.90 -29.59 -29.60
N GLU D 177 -7.74 -30.76 -29.01
CA GLU D 177 -7.19 -31.91 -29.74
C GLU D 177 -8.11 -33.15 -29.82
N ILE D 178 -9.11 -33.23 -28.93
CA ILE D 178 -10.02 -34.38 -28.93
C ILE D 178 -11.50 -33.97 -28.79
N ASP D 179 -12.19 -33.78 -29.94
CA ASP D 179 -13.57 -33.30 -30.00
C ASP D 179 -14.57 -34.20 -29.27
N ARG D 180 -15.78 -33.70 -29.04
CA ARG D 180 -16.74 -34.44 -28.22
C ARG D 180 -17.27 -35.69 -28.88
N GLU D 181 -17.15 -35.77 -30.21
CA GLU D 181 -17.59 -36.95 -30.93
C GLU D 181 -16.55 -38.05 -30.77
N GLN D 182 -15.27 -37.69 -30.85
CA GLN D 182 -14.22 -38.68 -30.77
C GLN D 182 -14.01 -39.25 -29.35
N ARG D 183 -14.40 -38.49 -28.32
CA ARG D 183 -14.25 -38.97 -26.96
C ARG D 183 -15.15 -40.15 -26.68
N LYS D 184 -16.28 -40.20 -27.36
CA LYS D 184 -17.24 -41.30 -27.17
C LYS D 184 -16.58 -42.70 -27.21
N SER D 185 -15.58 -42.87 -28.06
CA SER D 185 -14.96 -44.17 -28.22
C SER D 185 -13.75 -44.40 -27.30
N LEU D 186 -13.27 -43.34 -26.64
CA LEU D 186 -12.08 -43.45 -25.81
C LEU D 186 -12.42 -43.65 -24.31
N LEU D 187 -13.69 -43.74 -23.97
CA LEU D 187 -14.10 -43.81 -22.57
C LEU D 187 -14.73 -45.18 -22.19
N ASP D 188 -14.39 -45.75 -21.03
CA ASP D 188 -14.98 -47.03 -20.63
C ASP D 188 -16.11 -46.84 -19.66
N PRO D 189 -17.35 -47.09 -20.10
CA PRO D 189 -18.58 -46.74 -19.37
C PRO D 189 -18.71 -47.36 -17.97
N LEU D 190 -18.40 -48.63 -17.81
CA LEU D 190 -18.55 -49.27 -16.51
C LEU D 190 -17.75 -48.55 -15.41
N THR D 191 -16.46 -48.33 -15.65
CA THR D 191 -15.59 -47.79 -14.60
C THR D 191 -15.43 -46.30 -14.67
N GLN D 192 -15.55 -45.75 -15.89
CA GLN D 192 -15.43 -44.31 -16.12
C GLN D 192 -13.99 -43.86 -16.27
N LEU D 193 -13.10 -44.79 -16.54
CA LEU D 193 -11.75 -44.42 -16.94
C LEU D 193 -11.66 -44.30 -18.46
N TRP D 194 -10.54 -43.75 -18.94
CA TRP D 194 -10.20 -43.90 -20.34
C TRP D 194 -9.95 -45.38 -20.57
N ASN D 195 -10.14 -45.84 -21.80
CA ASN D 195 -9.83 -47.20 -22.16
C ASN D 195 -8.49 -47.18 -22.90
N ARG D 196 -8.04 -48.35 -23.36
CA ARG D 196 -6.78 -48.43 -24.08
C ARG D 196 -6.63 -47.41 -25.21
N ALA D 197 -7.73 -47.09 -25.88
CA ALA D 197 -7.64 -46.16 -27.00
C ALA D 197 -7.60 -44.73 -26.48
N GLY D 198 -8.23 -44.52 -25.33
CA GLY D 198 -8.12 -43.25 -24.63
C GLY D 198 -6.66 -43.03 -24.32
N PHE D 199 -6.12 -43.91 -23.47
CA PHE D 199 -4.72 -43.92 -23.11
C PHE D 199 -3.85 -43.66 -24.33
N HIS D 200 -4.09 -44.37 -25.42
CA HIS D 200 -3.23 -44.25 -26.59
C HIS D 200 -3.22 -42.82 -27.14
N ALA D 201 -4.36 -42.13 -27.04
CA ALA D 201 -4.52 -40.80 -27.61
C ALA D 201 -3.94 -39.71 -26.73
N LEU D 202 -3.79 -40.00 -25.43
CA LEU D 202 -3.43 -38.99 -24.45
C LEU D 202 -2.04 -39.13 -23.86
N HIS D 203 -1.33 -40.21 -24.16
CA HIS D 203 -0.05 -40.46 -23.50
C HIS D 203 1.08 -39.65 -24.13
N GLN D 204 1.06 -39.54 -25.45
CA GLN D 204 2.03 -38.70 -26.15
C GLN D 204 2.08 -37.29 -25.52
N HIS D 205 0.93 -36.79 -25.10
CA HIS D 205 0.85 -35.47 -24.50
C HIS D 205 1.33 -35.44 -23.05
N GLU D 206 1.25 -36.59 -22.38
CA GLU D 206 1.74 -36.71 -21.02
C GLU D 206 3.28 -36.70 -21.05
N LEU D 207 3.85 -37.24 -22.11
CA LEU D 207 5.30 -37.24 -22.31
C LEU D 207 5.83 -35.82 -22.41
N GLU D 208 5.33 -35.07 -23.39
CA GLU D 208 5.75 -33.68 -23.62
C GLU D 208 5.73 -32.81 -22.36
N LEU D 209 4.67 -32.90 -21.57
CA LEU D 209 4.63 -32.16 -20.31
C LEU D 209 5.81 -32.58 -19.45
N ALA D 210 6.10 -33.87 -19.39
CA ALA D 210 7.21 -34.39 -18.59
C ALA D 210 8.57 -33.98 -19.17
N ARG D 211 8.55 -33.54 -20.42
CA ARG D 211 9.72 -32.96 -21.05
C ARG D 211 9.90 -31.55 -20.49
N ALA D 212 8.90 -30.69 -20.71
CA ALA D 212 8.89 -29.30 -20.24
C ALA D 212 9.19 -29.13 -18.75
N SER D 213 8.52 -29.91 -17.89
CA SER D 213 8.78 -29.82 -16.46
C SER D 213 9.98 -30.69 -16.06
N ASP D 214 10.68 -31.19 -17.08
CA ASP D 214 11.81 -32.12 -16.90
C ASP D 214 11.56 -33.22 -15.87
N GLN D 215 10.44 -33.94 -16.03
CA GLN D 215 10.06 -34.98 -15.09
C GLN D 215 10.25 -36.37 -15.66
N ARG D 216 10.35 -37.34 -14.76
CA ARG D 216 10.38 -38.75 -15.13
C ARG D 216 8.95 -39.24 -15.31
N ILE D 217 8.75 -40.07 -16.33
CA ILE D 217 7.44 -40.68 -16.52
C ILE D 217 7.45 -42.07 -15.90
N GLY D 218 6.44 -42.36 -15.10
CA GLY D 218 6.33 -43.67 -14.49
C GLY D 218 5.08 -44.41 -14.95
N ILE D 219 5.15 -45.74 -14.98
CA ILE D 219 4.04 -46.59 -15.38
C ILE D 219 3.68 -47.51 -14.23
N ILE D 220 2.43 -47.49 -13.79
CA ILE D 220 1.93 -48.49 -12.82
C ILE D 220 0.91 -49.41 -13.51
N TYR D 221 1.18 -50.71 -13.49
CA TYR D 221 0.31 -51.68 -14.14
C TYR D 221 -0.30 -52.60 -13.09
N SER D 222 -1.56 -52.38 -12.75
CA SER D 222 -2.20 -53.17 -11.70
C SER D 222 -3.31 -54.11 -12.19
N ASP D 223 -3.63 -55.07 -11.34
CA ASP D 223 -4.61 -56.10 -11.66
C ASP D 223 -5.33 -56.47 -10.39
N ILE D 224 -6.66 -56.36 -10.39
CA ILE D 224 -7.48 -56.79 -9.26
C ILE D 224 -7.20 -58.27 -8.95
N ASP D 225 -7.17 -58.63 -7.67
CA ASP D 225 -6.80 -59.99 -7.28
C ASP D 225 -8.00 -60.94 -7.16
N HIS D 226 -7.85 -62.14 -7.70
CA HIS D 226 -8.89 -63.16 -7.62
C HIS D 226 -10.20 -62.66 -8.20
N PHE D 227 -10.10 -61.90 -9.29
CA PHE D 227 -11.29 -61.34 -9.90
C PHE D 227 -12.24 -62.42 -10.44
N LYS D 228 -11.70 -63.54 -10.90
CA LYS D 228 -12.57 -64.64 -11.30
C LYS D 228 -13.26 -65.22 -10.07
N ARG D 229 -12.46 -65.53 -9.03
CA ARG D 229 -13.01 -66.04 -7.78
C ARG D 229 -14.23 -65.23 -7.35
N ILE D 230 -14.14 -63.91 -7.48
CA ILE D 230 -15.23 -63.03 -7.06
C ILE D 230 -16.47 -63.14 -7.94
N ASN D 231 -16.26 -63.44 -9.22
CA ASN D 231 -17.38 -63.54 -10.15
C ASN D 231 -18.04 -64.89 -10.08
N ASP D 232 -17.23 -65.95 -10.00
CA ASP D 232 -17.73 -67.31 -9.90
C ASP D 232 -18.59 -67.51 -8.64
N THR D 233 -18.07 -67.06 -7.50
CA THR D 233 -18.74 -67.24 -6.22
C THR D 233 -19.86 -66.22 -5.94
N LEU D 234 -19.85 -65.08 -6.64
CA LEU D 234 -20.80 -64.00 -6.30
C LEU D 234 -21.63 -63.43 -7.48
N GLY D 235 -21.23 -63.71 -8.71
CA GLY D 235 -22.00 -63.29 -9.87
C GLY D 235 -21.50 -62.02 -10.54
N HIS D 236 -21.79 -61.91 -11.83
CA HIS D 236 -21.34 -60.79 -12.65
C HIS D 236 -21.60 -59.42 -12.01
N ARG D 237 -22.73 -59.29 -11.30
CA ARG D 237 -23.08 -57.99 -10.71
C ARG D 237 -22.11 -57.62 -9.60
N ALA D 238 -21.71 -58.61 -8.79
CA ALA D 238 -20.73 -58.38 -7.75
C ALA D 238 -19.41 -57.97 -8.39
N GLY D 239 -19.15 -58.54 -9.55
CA GLY D 239 -17.93 -58.24 -10.27
C GLY D 239 -17.91 -56.78 -10.66
N ASP D 240 -18.96 -56.34 -11.34
CA ASP D 240 -19.07 -54.95 -11.77
C ASP D 240 -19.03 -54.01 -10.57
N SER D 241 -19.65 -54.40 -9.47
CA SER D 241 -19.70 -53.54 -8.29
C SER D 241 -18.29 -53.32 -7.78
N VAL D 242 -17.48 -54.38 -7.88
CA VAL D 242 -16.06 -54.31 -7.53
C VAL D 242 -15.28 -53.45 -8.55
N LEU D 243 -15.58 -53.62 -9.84
CA LEU D 243 -14.91 -52.84 -10.88
C LEU D 243 -15.11 -51.34 -10.70
N ARG D 244 -16.37 -50.92 -10.61
CA ARG D 244 -16.68 -49.51 -10.39
C ARG D 244 -15.89 -49.02 -9.17
N GLU D 245 -16.04 -49.71 -8.04
CA GLU D 245 -15.50 -49.26 -6.78
C GLU D 245 -13.99 -49.21 -6.84
N ALA D 246 -13.39 -50.27 -7.36
CA ALA D 246 -11.94 -50.31 -7.52
C ALA D 246 -11.44 -49.11 -8.33
N ALA D 247 -12.20 -48.72 -9.34
CA ALA D 247 -11.85 -47.59 -10.20
C ALA D 247 -11.95 -46.25 -9.49
N SER D 248 -12.92 -46.13 -8.59
CA SER D 248 -13.08 -44.95 -7.76
C SER D 248 -11.88 -44.80 -6.85
N ARG D 249 -11.49 -45.89 -6.20
CA ARG D 249 -10.32 -45.87 -5.33
C ARG D 249 -9.04 -45.55 -6.09
N LEU D 250 -8.87 -46.17 -7.25
CA LEU D 250 -7.80 -45.79 -8.16
C LEU D 250 -7.70 -44.28 -8.33
N ARG D 251 -8.81 -43.63 -8.67
CA ARG D 251 -8.82 -42.18 -8.92
C ARG D 251 -8.48 -41.42 -7.65
N ALA D 252 -8.99 -41.94 -6.53
CA ALA D 252 -8.80 -41.34 -5.22
C ALA D 252 -7.37 -41.44 -4.67
N ALA D 253 -6.63 -42.48 -5.06
CA ALA D 253 -5.24 -42.64 -4.59
C ALA D 253 -4.21 -42.01 -5.54
N LEU D 254 -4.68 -41.49 -6.66
CA LEU D 254 -3.82 -40.82 -7.62
C LEU D 254 -3.97 -39.31 -7.55
N ARG D 255 -3.28 -38.60 -8.44
CA ARG D 255 -3.38 -37.15 -8.50
C ARG D 255 -4.04 -36.67 -9.79
N PRO D 256 -4.65 -35.49 -9.74
CA PRO D 256 -5.49 -35.01 -10.85
C PRO D 256 -4.80 -35.01 -12.22
N GLU D 257 -3.47 -34.90 -12.28
CA GLU D 257 -2.75 -34.81 -13.56
C GLU D 257 -2.50 -36.18 -14.14
N ASP D 258 -2.46 -37.18 -13.26
CA ASP D 258 -2.09 -38.53 -13.64
C ASP D 258 -3.10 -39.15 -14.62
N LEU D 259 -2.57 -39.86 -15.60
CA LEU D 259 -3.36 -40.48 -16.64
C LEU D 259 -3.70 -41.89 -16.21
N LEU D 260 -4.99 -42.16 -16.00
CA LEU D 260 -5.49 -43.46 -15.57
C LEU D 260 -6.35 -44.11 -16.67
N ALA D 261 -6.20 -45.41 -16.86
CA ALA D 261 -6.92 -46.14 -17.91
C ALA D 261 -7.29 -47.57 -17.50
N ARG D 262 -8.48 -48.01 -17.90
CA ARG D 262 -8.86 -49.41 -17.79
C ARG D 262 -8.28 -50.14 -19.01
N PHE D 263 -7.56 -51.23 -18.76
CA PHE D 263 -6.72 -51.82 -19.81
C PHE D 263 -7.11 -53.23 -20.22
N GLY D 264 -8.11 -53.78 -19.55
CA GLY D 264 -8.57 -55.13 -19.78
C GLY D 264 -9.68 -55.37 -18.77
N GLY D 265 -10.26 -56.56 -18.77
CA GLY D 265 -11.43 -56.84 -17.96
C GLY D 265 -11.22 -56.53 -16.50
N GLU D 266 -9.96 -56.59 -16.08
CA GLU D 266 -9.62 -56.42 -14.69
C GLU D 266 -8.30 -55.68 -14.44
N GLU D 267 -7.73 -55.10 -15.48
CA GLU D 267 -6.44 -54.42 -15.37
C GLU D 267 -6.56 -52.91 -15.55
N PHE D 268 -5.91 -52.16 -14.66
CA PHE D 268 -5.83 -50.71 -14.78
C PHE D 268 -4.37 -50.24 -14.86
N VAL D 269 -4.07 -49.32 -15.77
CA VAL D 269 -2.73 -48.76 -15.79
C VAL D 269 -2.74 -47.27 -15.60
N ALA D 270 -1.68 -46.76 -15.00
CA ALA D 270 -1.57 -45.35 -14.67
C ALA D 270 -0.26 -44.83 -15.23
N MET D 271 -0.30 -43.71 -15.92
CA MET D 271 0.94 -43.06 -16.33
C MET D 271 1.16 -41.79 -15.52
N VAL D 272 1.98 -41.89 -14.47
CA VAL D 272 2.21 -40.76 -13.57
C VAL D 272 3.51 -40.02 -13.90
N ARG D 273 3.52 -38.71 -13.66
CA ARG D 273 4.75 -37.93 -13.82
C ARG D 273 5.40 -37.63 -12.48
N VAL D 274 6.67 -38.03 -12.36
CA VAL D 274 7.38 -37.96 -11.09
C VAL D 274 8.84 -37.56 -11.26
N ARG D 275 9.54 -37.51 -10.14
CA ARG D 275 10.92 -37.06 -10.12
C ARG D 275 11.86 -38.25 -9.92
N GLU D 276 11.39 -39.27 -9.22
CA GLU D 276 12.28 -40.31 -8.73
C GLU D 276 11.57 -41.62 -8.33
N THR D 277 12.29 -42.73 -8.42
CA THR D 277 11.73 -44.09 -8.34
C THR D 277 10.85 -44.41 -7.11
N THR D 278 11.16 -43.83 -5.95
CA THR D 278 10.36 -44.17 -4.77
C THR D 278 9.07 -43.35 -4.70
N GLU D 279 8.99 -42.30 -5.52
CA GLU D 279 7.73 -41.57 -5.65
C GLU D 279 6.77 -42.48 -6.40
N LEU D 280 7.22 -42.97 -7.56
CA LEU D 280 6.48 -43.97 -8.31
C LEU D 280 6.05 -45.12 -7.42
N THR D 281 6.98 -45.69 -6.66
CA THR D 281 6.72 -46.86 -5.83
C THR D 281 5.80 -46.54 -4.64
N MET D 282 5.83 -45.29 -4.19
CA MET D 282 5.01 -44.88 -3.06
C MET D 282 3.56 -44.74 -3.49
N ILE D 283 3.39 -44.28 -4.73
CA ILE D 283 2.06 -44.09 -5.30
C ILE D 283 1.38 -45.43 -5.48
N ALA D 284 2.08 -46.36 -6.13
CA ALA D 284 1.56 -47.71 -6.33
C ALA D 284 1.13 -48.31 -5.00
N ASN D 285 1.92 -48.06 -3.95
CA ASN D 285 1.56 -48.56 -2.63
C ASN D 285 0.37 -47.83 -2.02
N ARG D 286 0.19 -46.57 -2.39
CA ARG D 286 -0.95 -45.78 -1.93
C ARG D 286 -2.23 -46.40 -2.48
N ILE D 287 -2.25 -46.60 -3.79
CA ILE D 287 -3.32 -47.36 -4.42
C ILE D 287 -3.55 -48.70 -3.70
N ARG D 288 -2.50 -49.51 -3.57
CA ARG D 288 -2.64 -50.83 -2.96
C ARG D 288 -3.32 -50.76 -1.60
N GLU D 289 -2.89 -49.80 -0.80
CA GLU D 289 -3.40 -49.65 0.56
C GLU D 289 -4.86 -49.22 0.59
N LEU D 290 -5.21 -48.30 -0.30
CA LEU D 290 -6.56 -47.75 -0.35
C LEU D 290 -7.54 -48.85 -0.72
N MET D 291 -7.12 -49.72 -1.63
CA MET D 291 -7.93 -50.86 -2.05
C MET D 291 -8.17 -51.82 -0.90
N GLU D 292 -7.11 -52.14 -0.16
CA GLU D 292 -7.18 -53.08 0.95
C GLU D 292 -7.74 -52.46 2.22
N ALA D 293 -7.60 -51.14 2.34
CA ALA D 293 -8.08 -50.40 3.51
C ALA D 293 -9.44 -50.92 4.02
N THR D 294 -10.45 -50.89 3.15
CA THR D 294 -11.76 -51.39 3.52
C THR D 294 -12.28 -52.42 2.52
N PRO D 295 -13.14 -53.34 2.97
CA PRO D 295 -13.76 -54.26 2.00
C PRO D 295 -14.68 -53.49 1.06
N ILE D 296 -15.02 -54.08 -0.08
CA ILE D 296 -15.93 -53.43 -1.01
C ILE D 296 -17.31 -54.02 -0.85
N ASP D 297 -18.32 -53.18 -1.01
CA ASP D 297 -19.68 -53.58 -0.70
C ASP D 297 -20.49 -53.92 -1.97
N CYS D 298 -20.81 -55.20 -2.13
CA CYS D 298 -21.58 -55.69 -3.27
C CYS D 298 -23.02 -56.03 -2.86
N ALA D 299 -23.93 -55.06 -3.03
CA ALA D 299 -25.29 -55.19 -2.54
C ALA D 299 -25.32 -55.76 -1.13
N GLY D 300 -24.74 -55.02 -0.19
CA GLY D 300 -24.73 -55.40 1.21
C GLY D 300 -23.83 -56.56 1.63
N THR D 301 -22.88 -56.94 0.77
CA THR D 301 -21.95 -58.00 1.13
C THR D 301 -20.52 -57.48 1.23
N SER D 302 -19.94 -57.54 2.43
CA SER D 302 -18.55 -57.20 2.61
C SER D 302 -17.69 -58.13 1.77
N VAL D 303 -16.91 -57.57 0.86
CA VAL D 303 -16.03 -58.36 0.01
C VAL D 303 -14.61 -57.80 0.06
N PRO D 304 -13.69 -58.54 0.69
CA PRO D 304 -12.32 -58.02 0.75
C PRO D 304 -11.73 -58.04 -0.65
N VAL D 305 -11.12 -56.94 -1.06
CA VAL D 305 -10.47 -56.88 -2.36
C VAL D 305 -9.06 -56.34 -2.24
N THR D 306 -8.16 -56.88 -3.06
CA THR D 306 -6.74 -56.57 -2.97
C THR D 306 -6.18 -56.37 -4.37
N ILE D 307 -5.17 -55.51 -4.52
CA ILE D 307 -4.61 -55.27 -5.84
C ILE D 307 -3.11 -55.57 -5.93
N SER D 308 -2.71 -56.22 -7.00
CA SER D 308 -1.30 -56.43 -7.29
C SER D 308 -0.87 -55.38 -8.33
N ALA D 309 0.38 -54.96 -8.30
CA ALA D 309 0.85 -53.94 -9.22
C ALA D 309 2.32 -54.13 -9.53
N GLY D 310 2.68 -53.78 -10.76
CA GLY D 310 4.07 -53.69 -11.18
C GLY D 310 4.29 -52.25 -11.56
N CYS D 311 5.42 -51.68 -11.19
CA CYS D 311 5.74 -50.31 -11.57
C CYS D 311 7.21 -50.12 -11.96
N THR D 312 7.45 -49.29 -12.96
CA THR D 312 8.81 -48.93 -13.36
C THR D 312 8.81 -47.55 -13.95
N LEU D 313 9.90 -46.80 -13.77
CA LEU D 313 10.08 -45.56 -14.50
C LEU D 313 10.39 -45.89 -15.96
N ALA D 314 9.79 -45.17 -16.89
CA ALA D 314 10.23 -45.27 -18.26
C ALA D 314 11.60 -44.62 -18.34
N GLY D 315 12.52 -45.23 -19.08
CA GLY D 315 13.78 -44.59 -19.40
C GLY D 315 13.54 -43.40 -20.31
N SER D 316 14.34 -42.35 -20.12
CA SER D 316 14.27 -41.19 -21.01
C SER D 316 14.40 -41.67 -22.44
N GLY D 317 13.57 -41.13 -23.33
CA GLY D 317 13.62 -41.53 -24.73
C GLY D 317 13.11 -42.93 -25.06
N GLU D 318 12.98 -43.79 -24.05
CA GLU D 318 12.50 -45.17 -24.25
C GLU D 318 11.14 -45.20 -24.94
N GLU D 319 10.94 -46.18 -25.82
CA GLU D 319 9.62 -46.41 -26.40
C GLU D 319 8.64 -46.67 -25.24
N PRO D 320 7.45 -46.02 -25.28
CA PRO D 320 6.60 -46.13 -24.09
C PRO D 320 6.08 -47.57 -23.90
N GLU D 321 5.93 -48.31 -25.00
CA GLU D 321 5.49 -49.69 -24.90
C GLU D 321 6.48 -50.60 -24.16
N ARG D 322 7.77 -50.39 -24.36
CA ARG D 322 8.75 -51.28 -23.76
C ARG D 322 8.76 -51.11 -22.24
N ALA D 323 8.36 -49.92 -21.80
CA ALA D 323 8.23 -49.63 -20.38
C ALA D 323 6.93 -50.23 -19.82
N LEU D 324 5.85 -50.12 -20.58
CA LEU D 324 4.59 -50.78 -20.17
C LEU D 324 4.79 -52.29 -20.02
N ALA D 325 5.44 -52.90 -21.00
CA ALA D 325 5.76 -54.33 -20.95
C ALA D 325 6.64 -54.72 -19.76
N ARG D 326 7.53 -53.82 -19.34
CA ARG D 326 8.38 -54.07 -18.19
C ARG D 326 7.57 -54.04 -16.90
N ALA D 327 6.61 -53.12 -16.82
CA ALA D 327 5.72 -53.04 -15.67
C ALA D 327 4.81 -54.25 -15.63
N ASP D 328 4.38 -54.71 -16.80
CA ASP D 328 3.52 -55.89 -16.91
C ASP D 328 4.23 -57.14 -16.34
N ALA D 329 5.46 -57.39 -16.77
CA ALA D 329 6.28 -58.48 -16.20
C ALA D 329 6.40 -58.36 -14.69
N ALA D 330 6.68 -57.14 -14.21
CA ALA D 330 6.78 -56.86 -12.78
C ALA D 330 5.49 -57.22 -12.07
N LEU D 331 4.36 -56.96 -12.73
CA LEU D 331 3.02 -57.20 -12.18
C LEU D 331 2.79 -58.69 -11.93
N TYR D 332 3.33 -59.51 -12.80
CA TYR D 332 3.29 -60.95 -12.58
C TYR D 332 4.20 -61.39 -11.43
N ASP D 333 5.39 -60.82 -11.35
CA ASP D 333 6.23 -61.00 -10.15
C ASP D 333 5.37 -60.79 -8.89
N ALA D 334 4.65 -59.67 -8.85
CA ALA D 334 3.83 -59.30 -7.69
C ALA D 334 2.74 -60.35 -7.36
N LYS D 335 2.15 -60.94 -8.38
CA LYS D 335 1.13 -61.98 -8.20
C LYS D 335 1.73 -63.32 -7.82
N ARG D 336 2.87 -63.65 -8.43
CA ARG D 336 3.53 -64.92 -8.15
C ARG D 336 4.03 -64.93 -6.71
N ALA D 337 4.43 -63.75 -6.23
CA ALA D 337 4.97 -63.60 -4.87
C ALA D 337 3.90 -63.59 -3.76
N GLY D 338 2.63 -63.71 -4.13
CA GLY D 338 1.56 -63.84 -3.14
C GLY D 338 0.42 -62.85 -3.25
N ARG D 339 0.56 -61.89 -4.18
CA ARG D 339 -0.45 -60.85 -4.42
C ARG D 339 -0.57 -59.84 -3.28
N ASN D 340 -1.46 -58.87 -3.44
CA ASN D 340 -1.63 -57.76 -2.50
C ASN D 340 -0.34 -56.99 -2.24
N ARG D 341 0.65 -57.19 -3.10
CA ARG D 341 1.89 -56.44 -3.00
C ARG D 341 2.15 -55.66 -4.27
N VAL D 342 3.16 -54.80 -4.23
CA VAL D 342 3.61 -54.10 -5.43
C VAL D 342 5.09 -54.38 -5.63
N VAL D 343 5.55 -54.29 -6.88
CA VAL D 343 6.90 -54.68 -7.23
C VAL D 343 7.52 -53.69 -8.21
N SER D 344 8.61 -53.04 -7.78
CA SER D 344 9.28 -52.03 -8.60
C SER D 344 10.47 -52.62 -9.34
N VAL D 345 10.82 -51.99 -10.46
CA VAL D 345 11.82 -52.49 -11.37
C VAL D 345 12.35 -51.27 -12.14
#